data_9BP2
# 
_entry.id   9BP2 
# 
_audit_conform.dict_name       mmcif_pdbx.dic 
_audit_conform.dict_version    5.403 
_audit_conform.dict_location   http://mmcif.pdb.org/dictionaries/ascii/mmcif_pdbx.dic 
# 
loop_
_database_2.database_id 
_database_2.database_code 
_database_2.pdbx_database_accession 
_database_2.pdbx_DOI 
PDB   9BP2         pdb_00009bp2 10.2210/pdb9bp2/pdb 
WWPDB D_1000281297 ?            ?                   
# 
_pdbx_audit_revision_history.ordinal             1 
_pdbx_audit_revision_history.data_content_type   'Structure model' 
_pdbx_audit_revision_history.major_revision      1 
_pdbx_audit_revision_history.minor_revision      0 
_pdbx_audit_revision_history.revision_date       2025-05-14 
_pdbx_audit_revision_history.part_number         ? 
# 
_pdbx_audit_revision_details.ordinal             1 
_pdbx_audit_revision_details.revision_ordinal    1 
_pdbx_audit_revision_details.data_content_type   'Structure model' 
_pdbx_audit_revision_details.provider            repository 
_pdbx_audit_revision_details.type                'Initial release' 
_pdbx_audit_revision_details.description         ? 
_pdbx_audit_revision_details.details             ? 
# 
_pdbx_database_status.status_code                     REL 
_pdbx_database_status.status_code_sf                  REL 
_pdbx_database_status.status_code_mr                  ? 
_pdbx_database_status.entry_id                        9BP2 
_pdbx_database_status.recvd_initial_deposition_date   2024-05-06 
_pdbx_database_status.SG_entry                        N 
_pdbx_database_status.deposit_site                    RCSB 
_pdbx_database_status.process_site                    RCSB 
_pdbx_database_status.status_code_cs                  ? 
_pdbx_database_status.status_code_nmr_data            ? 
_pdbx_database_status.methods_development_category    ? 
_pdbx_database_status.pdb_format_compatible           Y 
# 
_pdbx_contact_author.id                 2 
_pdbx_contact_author.email              jtesmer@purdue.edu 
_pdbx_contact_author.name_first         John 
_pdbx_contact_author.name_last          Tesmer 
_pdbx_contact_author.name_mi            J.G. 
_pdbx_contact_author.role               'principal investigator/group leader' 
_pdbx_contact_author.identifier_ORCID   0000-0003-1125-3727 
# 
loop_
_audit_author.name 
_audit_author.pdbx_ordinal 
_audit_author.identifier_ORCID 
'Chen, C.-L.'    1 0000-0003-4625-4340 
'Tesmer, J.J.G.' 2 0000-0003-1125-3727 
# 
_citation.abstract                  ? 
_citation.abstract_id_CAS           ? 
_citation.book_id_ISBN              ? 
_citation.book_publisher            ? 
_citation.book_publisher_city       ? 
_citation.book_title                ? 
_citation.coordinate_linkage        ? 
_citation.country                   ? 
_citation.database_id_Medline       ? 
_citation.details                   ? 
_citation.id                        primary 
_citation.journal_abbrev            'To Be Published' 
_citation.journal_id_ASTM           ? 
_citation.journal_id_CSD            0353 
_citation.journal_id_ISSN           ? 
_citation.journal_full              ? 
_citation.journal_issue             ? 
_citation.journal_volume            ? 
_citation.language                  ? 
_citation.page_first                ? 
_citation.page_last                 ? 
_citation.title                     
'The death domain (DD) of the human mucosa associated lymphoid tissue lymphoma translocation protein 1 (MALT1)' 
_citation.year                      ? 
_citation.database_id_CSD           ? 
_citation.pdbx_database_id_DOI      ? 
_citation.pdbx_database_id_PubMed   ? 
_citation.pdbx_database_id_patent   ? 
_citation.unpublished_flag          ? 
# 
loop_
_citation_author.citation_id 
_citation_author.name 
_citation_author.ordinal 
_citation_author.identifier_ORCID 
primary 'Chen, C.-L.'    1 0000-0003-4625-4340 
primary 'Tesmer, J.J.G.' 2 0000-0003-1125-3727 
# 
loop_
_entity.id 
_entity.type 
_entity.src_method 
_entity.pdbx_description 
_entity.formula_weight 
_entity.pdbx_number_of_molecules 
_entity.pdbx_ec 
_entity.pdbx_mutation 
_entity.pdbx_fragment 
_entity.details 
1 polymer man 'Mucosa-associated lymphoid tissue lymphoma translocation protein 1' 12986.965 1  3.4.22.- ? ? ? 
2 water   nat water                                                                18.015    19 ?        ? ? ? 
# 
_entity_name_com.entity_id   1 
_entity_name_com.name        'MALT lymphoma-associated translocation,Paracaspase' 
# 
_entity_poly.entity_id                      1 
_entity_poly.type                           'polypeptide(L)' 
_entity_poly.nstd_linkage                   no 
_entity_poly.nstd_monomer                   no 
_entity_poly.pdbx_seq_one_letter_code       
;MGSSHHHHHHSSGLVPRGSTLNRLREPLLRRLSELLDQAPEGRGWRRLAELAGSRGRLRLSCLDLEQCSLKVLEPEGSPS
LCLLKLMGEKGCTVTELSDFLQAMEHTEVLQLLSPPG
;
_entity_poly.pdbx_seq_one_letter_code_can   
;MGSSHHHHHHSSGLVPRGSTLNRLREPLLRRLSELLDQAPEGRGWRRLAELAGSRGRLRLSCLDLEQCSLKVLEPEGSPS
LCLLKLMGEKGCTVTELSDFLQAMEHTEVLQLLSPPG
;
_entity_poly.pdbx_strand_id                 B 
_entity_poly.pdbx_target_identifier         ? 
# 
_pdbx_entity_nonpoly.entity_id   2 
_pdbx_entity_nonpoly.name        water 
_pdbx_entity_nonpoly.comp_id     HOH 
# 
loop_
_entity_poly_seq.entity_id 
_entity_poly_seq.num 
_entity_poly_seq.mon_id 
_entity_poly_seq.hetero 
1 1   MET n 
1 2   GLY n 
1 3   SER n 
1 4   SER n 
1 5   HIS n 
1 6   HIS n 
1 7   HIS n 
1 8   HIS n 
1 9   HIS n 
1 10  HIS n 
1 11  SER n 
1 12  SER n 
1 13  GLY n 
1 14  LEU n 
1 15  VAL n 
1 16  PRO n 
1 17  ARG n 
1 18  GLY n 
1 19  SER n 
1 20  THR n 
1 21  LEU n 
1 22  ASN n 
1 23  ARG n 
1 24  LEU n 
1 25  ARG n 
1 26  GLU n 
1 27  PRO n 
1 28  LEU n 
1 29  LEU n 
1 30  ARG n 
1 31  ARG n 
1 32  LEU n 
1 33  SER n 
1 34  GLU n 
1 35  LEU n 
1 36  LEU n 
1 37  ASP n 
1 38  GLN n 
1 39  ALA n 
1 40  PRO n 
1 41  GLU n 
1 42  GLY n 
1 43  ARG n 
1 44  GLY n 
1 45  TRP n 
1 46  ARG n 
1 47  ARG n 
1 48  LEU n 
1 49  ALA n 
1 50  GLU n 
1 51  LEU n 
1 52  ALA n 
1 53  GLY n 
1 54  SER n 
1 55  ARG n 
1 56  GLY n 
1 57  ARG n 
1 58  LEU n 
1 59  ARG n 
1 60  LEU n 
1 61  SER n 
1 62  CYS n 
1 63  LEU n 
1 64  ASP n 
1 65  LEU n 
1 66  GLU n 
1 67  GLN n 
1 68  CYS n 
1 69  SER n 
1 70  LEU n 
1 71  LYS n 
1 72  VAL n 
1 73  LEU n 
1 74  GLU n 
1 75  PRO n 
1 76  GLU n 
1 77  GLY n 
1 78  SER n 
1 79  PRO n 
1 80  SER n 
1 81  LEU n 
1 82  CYS n 
1 83  LEU n 
1 84  LEU n 
1 85  LYS n 
1 86  LEU n 
1 87  MET n 
1 88  GLY n 
1 89  GLU n 
1 90  LYS n 
1 91  GLY n 
1 92  CYS n 
1 93  THR n 
1 94  VAL n 
1 95  THR n 
1 96  GLU n 
1 97  LEU n 
1 98  SER n 
1 99  ASP n 
1 100 PHE n 
1 101 LEU n 
1 102 GLN n 
1 103 ALA n 
1 104 MET n 
1 105 GLU n 
1 106 HIS n 
1 107 THR n 
1 108 GLU n 
1 109 VAL n 
1 110 LEU n 
1 111 GLN n 
1 112 LEU n 
1 113 LEU n 
1 114 SER n 
1 115 PRO n 
1 116 PRO n 
1 117 GLY n 
# 
_entity_src_gen.entity_id                          1 
_entity_src_gen.pdbx_src_id                        1 
_entity_src_gen.pdbx_alt_source_flag               sample 
_entity_src_gen.pdbx_seq_type                      'Biological sequence' 
_entity_src_gen.pdbx_beg_seq_num                   1 
_entity_src_gen.pdbx_end_seq_num                   117 
_entity_src_gen.gene_src_common_name               human 
_entity_src_gen.gene_src_genus                     ? 
_entity_src_gen.pdbx_gene_src_gene                 'MALT1, MLT' 
_entity_src_gen.gene_src_species                   ? 
_entity_src_gen.gene_src_strain                    ? 
_entity_src_gen.gene_src_tissue                    ? 
_entity_src_gen.gene_src_tissue_fraction           ? 
_entity_src_gen.gene_src_details                   ? 
_entity_src_gen.pdbx_gene_src_fragment             ? 
_entity_src_gen.pdbx_gene_src_scientific_name      'Homo sapiens' 
_entity_src_gen.pdbx_gene_src_ncbi_taxonomy_id     9606 
_entity_src_gen.pdbx_gene_src_variant              ? 
_entity_src_gen.pdbx_gene_src_cell_line            ? 
_entity_src_gen.pdbx_gene_src_atcc                 ? 
_entity_src_gen.pdbx_gene_src_organ                ? 
_entity_src_gen.pdbx_gene_src_organelle            ? 
_entity_src_gen.pdbx_gene_src_cell                 ? 
_entity_src_gen.pdbx_gene_src_cellular_location    ? 
_entity_src_gen.host_org_common_name               ? 
_entity_src_gen.pdbx_host_org_scientific_name      'Escherichia coli' 
_entity_src_gen.pdbx_host_org_ncbi_taxonomy_id     562 
_entity_src_gen.host_org_genus                     ? 
_entity_src_gen.pdbx_host_org_gene                 ? 
_entity_src_gen.pdbx_host_org_organ                ? 
_entity_src_gen.host_org_species                   ? 
_entity_src_gen.pdbx_host_org_tissue               ? 
_entity_src_gen.pdbx_host_org_tissue_fraction      ? 
_entity_src_gen.pdbx_host_org_strain               ? 
_entity_src_gen.pdbx_host_org_variant              ? 
_entity_src_gen.pdbx_host_org_cell_line            ? 
_entity_src_gen.pdbx_host_org_atcc                 ? 
_entity_src_gen.pdbx_host_org_culture_collection   ? 
_entity_src_gen.pdbx_host_org_cell                 ? 
_entity_src_gen.pdbx_host_org_organelle            ? 
_entity_src_gen.pdbx_host_org_cellular_location    ? 
_entity_src_gen.pdbx_host_org_vector_type          ? 
_entity_src_gen.pdbx_host_org_vector               ? 
_entity_src_gen.host_org_details                   ? 
_entity_src_gen.expression_system_id               ? 
_entity_src_gen.plasmid_name                       ? 
_entity_src_gen.plasmid_details                    ? 
_entity_src_gen.pdbx_description                   ? 
# 
loop_
_chem_comp.id 
_chem_comp.type 
_chem_comp.mon_nstd_flag 
_chem_comp.name 
_chem_comp.pdbx_synonyms 
_chem_comp.formula 
_chem_comp.formula_weight 
ALA 'L-peptide linking' y ALANINE         ? 'C3 H7 N O2'     89.093  
ARG 'L-peptide linking' y ARGININE        ? 'C6 H15 N4 O2 1' 175.209 
ASN 'L-peptide linking' y ASPARAGINE      ? 'C4 H8 N2 O3'    132.118 
ASP 'L-peptide linking' y 'ASPARTIC ACID' ? 'C4 H7 N O4'     133.103 
CYS 'L-peptide linking' y CYSTEINE        ? 'C3 H7 N O2 S'   121.158 
GLN 'L-peptide linking' y GLUTAMINE       ? 'C5 H10 N2 O3'   146.144 
GLU 'L-peptide linking' y 'GLUTAMIC ACID' ? 'C5 H9 N O4'     147.129 
GLY 'peptide linking'   y GLYCINE         ? 'C2 H5 N O2'     75.067  
HIS 'L-peptide linking' y HISTIDINE       ? 'C6 H10 N3 O2 1' 156.162 
HOH non-polymer         . WATER           ? 'H2 O'           18.015  
LEU 'L-peptide linking' y LEUCINE         ? 'C6 H13 N O2'    131.173 
LYS 'L-peptide linking' y LYSINE          ? 'C6 H15 N2 O2 1' 147.195 
MET 'L-peptide linking' y METHIONINE      ? 'C5 H11 N O2 S'  149.211 
PHE 'L-peptide linking' y PHENYLALANINE   ? 'C9 H11 N O2'    165.189 
PRO 'L-peptide linking' y PROLINE         ? 'C5 H9 N O2'     115.130 
SER 'L-peptide linking' y SERINE          ? 'C3 H7 N O3'     105.093 
THR 'L-peptide linking' y THREONINE       ? 'C4 H9 N O3'     119.119 
TRP 'L-peptide linking' y TRYPTOPHAN      ? 'C11 H12 N2 O2'  204.225 
VAL 'L-peptide linking' y VALINE          ? 'C5 H11 N O2'    117.146 
# 
loop_
_pdbx_poly_seq_scheme.asym_id 
_pdbx_poly_seq_scheme.entity_id 
_pdbx_poly_seq_scheme.seq_id 
_pdbx_poly_seq_scheme.mon_id 
_pdbx_poly_seq_scheme.ndb_seq_num 
_pdbx_poly_seq_scheme.pdb_seq_num 
_pdbx_poly_seq_scheme.auth_seq_num 
_pdbx_poly_seq_scheme.pdb_mon_id 
_pdbx_poly_seq_scheme.auth_mon_id 
_pdbx_poly_seq_scheme.pdb_strand_id 
_pdbx_poly_seq_scheme.pdb_ins_code 
_pdbx_poly_seq_scheme.hetero 
A 1 1   MET 1   -17 ?  ?   ?   B . n 
A 1 2   GLY 2   -16 ?  ?   ?   B . n 
A 1 3   SER 3   -15 ?  ?   ?   B . n 
A 1 4   SER 4   -14 ?  ?   ?   B . n 
A 1 5   HIS 5   -13 ?  ?   ?   B . n 
A 1 6   HIS 6   -12 ?  ?   ?   B . n 
A 1 7   HIS 7   -11 ?  ?   ?   B . n 
A 1 8   HIS 8   -10 ?  ?   ?   B . n 
A 1 9   HIS 9   -9  ?  ?   ?   B . n 
A 1 10  HIS 10  -8  ?  ?   ?   B . n 
A 1 11  SER 11  -7  ?  ?   ?   B . n 
A 1 12  SER 12  -6  ?  ?   ?   B . n 
A 1 13  GLY 13  -5  ?  ?   ?   B . n 
A 1 14  LEU 14  -4  ?  ?   ?   B . n 
A 1 15  VAL 15  -3  ?  ?   ?   B . n 
A 1 16  PRO 16  -2  ?  ?   ?   B . n 
A 1 17  ARG 17  -1  ?  ?   ?   B . n 
A 1 18  GLY 18  0   0  GLY GLY B . n 
A 1 19  SER 19  1   1  SER SER B . n 
A 1 20  THR 20  2   2  THR THR B . n 
A 1 21  LEU 21  3   3  LEU LEU B . n 
A 1 22  ASN 22  4   4  ASN ASN B . n 
A 1 23  ARG 23  5   5  ARG ARG B . n 
A 1 24  LEU 24  6   6  LEU LEU B . n 
A 1 25  ARG 25  7   7  ARG ARG B . n 
A 1 26  GLU 26  8   8  GLU GLU B . n 
A 1 27  PRO 27  9   9  PRO PRO B . n 
A 1 28  LEU 28  10  10 LEU LEU B . n 
A 1 29  LEU 29  11  11 LEU LEU B . n 
A 1 30  ARG 30  12  12 ARG ARG B . n 
A 1 31  ARG 31  13  13 ARG ARG B . n 
A 1 32  LEU 32  14  14 LEU LEU B . n 
A 1 33  SER 33  15  15 SER SER B . n 
A 1 34  GLU 34  16  16 GLU GLU B . n 
A 1 35  LEU 35  17  17 LEU LEU B . n 
A 1 36  LEU 36  18  18 LEU LEU B . n 
A 1 37  ASP 37  19  19 ASP ASP B . n 
A 1 38  GLN 38  20  20 GLN GLN B . n 
A 1 39  ALA 39  21  21 ALA ALA B . n 
A 1 40  PRO 40  22  22 PRO PRO B . n 
A 1 41  GLU 41  23  23 GLU GLU B . n 
A 1 42  GLY 42  24  24 GLY GLY B . n 
A 1 43  ARG 43  25  25 ARG ARG B . n 
A 1 44  GLY 44  26  26 GLY GLY B . n 
A 1 45  TRP 45  27  27 TRP TRP B . n 
A 1 46  ARG 46  28  28 ARG ARG B . n 
A 1 47  ARG 47  29  29 ARG ARG B . n 
A 1 48  LEU 48  30  30 LEU LEU B . n 
A 1 49  ALA 49  31  31 ALA ALA B . n 
A 1 50  GLU 50  32  32 GLU GLU B . n 
A 1 51  LEU 51  33  33 LEU LEU B . n 
A 1 52  ALA 52  34  34 ALA ALA B . n 
A 1 53  GLY 53  35  35 GLY GLY B . n 
A 1 54  SER 54  36  36 SER SER B . n 
A 1 55  ARG 55  37  37 ARG ARG B . n 
A 1 56  GLY 56  38  38 GLY GLY B . n 
A 1 57  ARG 57  39  39 ARG ARG B . n 
A 1 58  LEU 58  40  40 LEU LEU B . n 
A 1 59  ARG 59  41  41 ARG ARG B . n 
A 1 60  LEU 60  42  42 LEU LEU B . n 
A 1 61  SER 61  43  43 SER SER B . n 
A 1 62  CYS 62  44  44 CYS CYS B . n 
A 1 63  LEU 63  45  45 LEU LEU B . n 
A 1 64  ASP 64  46  46 ASP ASP B . n 
A 1 65  LEU 65  47  47 LEU LEU B . n 
A 1 66  GLU 66  48  48 GLU GLU B . n 
A 1 67  GLN 67  49  49 GLN GLN B . n 
A 1 68  CYS 68  50  50 CYS CYS B . n 
A 1 69  SER 69  51  51 SER SER B . n 
A 1 70  LEU 70  52  52 LEU LEU B . n 
A 1 71  LYS 71  53  53 LYS LYS B . n 
A 1 72  VAL 72  54  54 VAL VAL B . n 
A 1 73  LEU 73  55  55 LEU LEU B . n 
A 1 74  GLU 74  56  56 GLU GLU B . n 
A 1 75  PRO 75  57  57 PRO PRO B . n 
A 1 76  GLU 76  58  58 GLU GLU B . n 
A 1 77  GLY 77  59  59 GLY GLY B . n 
A 1 78  SER 78  60  60 SER SER B . n 
A 1 79  PRO 79  61  61 PRO PRO B . n 
A 1 80  SER 80  62  62 SER SER B . n 
A 1 81  LEU 81  63  63 LEU LEU B . n 
A 1 82  CYS 82  64  64 CYS CYS B . n 
A 1 83  LEU 83  65  65 LEU LEU B . n 
A 1 84  LEU 84  66  66 LEU LEU B . n 
A 1 85  LYS 85  67  67 LYS LYS B . n 
A 1 86  LEU 86  68  68 LEU LEU B . n 
A 1 87  MET 87  69  69 MET MET B . n 
A 1 88  GLY 88  70  70 GLY GLY B . n 
A 1 89  GLU 89  71  71 GLU GLU B . n 
A 1 90  LYS 90  72  72 LYS LYS B . n 
A 1 91  GLY 91  73  73 GLY GLY B . n 
A 1 92  CYS 92  74  74 CYS CYS B . n 
A 1 93  THR 93  75  75 THR THR B . n 
A 1 94  VAL 94  76  76 VAL VAL B . n 
A 1 95  THR 95  77  77 THR THR B . n 
A 1 96  GLU 96  78  78 GLU GLU B . n 
A 1 97  LEU 97  79  79 LEU LEU B . n 
A 1 98  SER 98  80  80 SER SER B . n 
A 1 99  ASP 99  81  81 ASP ASP B . n 
A 1 100 PHE 100 82  82 PHE PHE B . n 
A 1 101 LEU 101 83  83 LEU LEU B . n 
A 1 102 GLN 102 84  84 GLN GLN B . n 
A 1 103 ALA 103 85  85 ALA ALA B . n 
A 1 104 MET 104 86  86 MET MET B . n 
A 1 105 GLU 105 87  87 GLU GLU B . n 
A 1 106 HIS 106 88  88 HIS HIS B . n 
A 1 107 THR 107 89  89 THR THR B . n 
A 1 108 GLU 108 90  90 GLU GLU B . n 
A 1 109 VAL 109 91  91 VAL VAL B . n 
A 1 110 LEU 110 92  92 LEU LEU B . n 
A 1 111 GLN 111 93  93 GLN GLN B . n 
A 1 112 LEU 112 94  94 LEU LEU B . n 
A 1 113 LEU 113 95  95 LEU LEU B . n 
A 1 114 SER 114 96  96 SER SER B . n 
A 1 115 PRO 115 97  97 PRO PRO B . n 
A 1 116 PRO 116 98  ?  ?   ?   B . n 
A 1 117 GLY 117 99  ?  ?   ?   B . n 
# 
loop_
_pdbx_nonpoly_scheme.asym_id 
_pdbx_nonpoly_scheme.entity_id 
_pdbx_nonpoly_scheme.mon_id 
_pdbx_nonpoly_scheme.ndb_seq_num 
_pdbx_nonpoly_scheme.pdb_seq_num 
_pdbx_nonpoly_scheme.auth_seq_num 
_pdbx_nonpoly_scheme.pdb_mon_id 
_pdbx_nonpoly_scheme.auth_mon_id 
_pdbx_nonpoly_scheme.pdb_strand_id 
_pdbx_nonpoly_scheme.pdb_ins_code 
B 2 HOH 1  101 3  HOH HOH B . 
B 2 HOH 2  102 21 HOH HOH B . 
B 2 HOH 3  103 1  HOH HOH B . 
B 2 HOH 4  104 15 HOH HOH B . 
B 2 HOH 5  105 19 HOH HOH B . 
B 2 HOH 6  106 18 HOH HOH B . 
B 2 HOH 7  107 20 HOH HOH B . 
B 2 HOH 8  108 22 HOH HOH B . 
B 2 HOH 9  109 4  HOH HOH B . 
B 2 HOH 10 110 6  HOH HOH B . 
B 2 HOH 11 111 2  HOH HOH B . 
B 2 HOH 12 112 7  HOH HOH B . 
B 2 HOH 13 113 5  HOH HOH B . 
B 2 HOH 14 114 17 HOH HOH B . 
B 2 HOH 15 115 14 HOH HOH B . 
B 2 HOH 16 116 11 HOH HOH B . 
B 2 HOH 17 117 16 HOH HOH B . 
B 2 HOH 18 118 8  HOH HOH B . 
B 2 HOH 19 119 12 HOH HOH B . 
# 
loop_
_software.citation_id 
_software.classification 
_software.compiler_name 
_software.compiler_version 
_software.contact_author 
_software.contact_author_email 
_software.date 
_software.description 
_software.dependencies 
_software.hardware 
_software.language 
_software.location 
_software.mods 
_software.name 
_software.os 
_software.os_version 
_software.type 
_software.version 
_software.pdbx_ordinal 
? refinement       ? ? ? ? ? ? ? ? ? ? ? PHENIX   ? ? ? 1.21_5207 1 
? 'data reduction' ? ? ? ? ? ? ? ? ? ? ? HKL-2000 ? ? ? .         2 
? 'data scaling'   ? ? ? ? ? ? ? ? ? ? ? HKL-2000 ? ? ? .         3 
? phasing          ? ? ? ? ? ? ? ? ? ? ? PHENIX   ? ? ? 1.21_5207 4 
# 
_cell.angle_alpha                  90.00 
_cell.angle_alpha_esd              ? 
_cell.angle_beta                   90.00 
_cell.angle_beta_esd               ? 
_cell.angle_gamma                  90.00 
_cell.angle_gamma_esd              ? 
_cell.entry_id                     9BP2 
_cell.details                      ? 
_cell.formula_units_Z              ? 
_cell.length_a                     34.527 
_cell.length_a_esd                 ? 
_cell.length_b                     79.315 
_cell.length_b_esd                 ? 
_cell.length_c                     86.389 
_cell.length_c_esd                 ? 
_cell.volume                       ? 
_cell.volume_esd                   ? 
_cell.Z_PDB                        8 
_cell.reciprocal_angle_alpha       ? 
_cell.reciprocal_angle_beta        ? 
_cell.reciprocal_angle_gamma       ? 
_cell.reciprocal_angle_alpha_esd   ? 
_cell.reciprocal_angle_beta_esd    ? 
_cell.reciprocal_angle_gamma_esd   ? 
_cell.reciprocal_length_a          ? 
_cell.reciprocal_length_b          ? 
_cell.reciprocal_length_c          ? 
_cell.reciprocal_length_a_esd      ? 
_cell.reciprocal_length_b_esd      ? 
_cell.reciprocal_length_c_esd      ? 
_cell.pdbx_unique_axis             ? 
_cell.pdbx_esd_method              ? 
# 
_symmetry.entry_id                         9BP2 
_symmetry.cell_setting                     ? 
_symmetry.Int_Tables_number                23 
_symmetry.space_group_name_Hall            ? 
_symmetry.space_group_name_H-M             'I 2 2 2' 
_symmetry.pdbx_full_space_group_name_H-M   ? 
# 
_exptl.absorpt_coefficient_mu     ? 
_exptl.absorpt_correction_T_max   ? 
_exptl.absorpt_correction_T_min   ? 
_exptl.absorpt_correction_type    ? 
_exptl.absorpt_process_details    ? 
_exptl.entry_id                   9BP2 
_exptl.crystals_number            1 
_exptl.details                    ? 
_exptl.method                     'X-RAY DIFFRACTION' 
_exptl.method_details             ? 
# 
_exptl_crystal.colour                       ? 
_exptl_crystal.density_diffrn               ? 
_exptl_crystal.density_Matthews             2.28 
_exptl_crystal.density_method               ? 
_exptl_crystal.density_percent_sol          45.98 
_exptl_crystal.description                  ? 
_exptl_crystal.F_000                        ? 
_exptl_crystal.id                           1 
_exptl_crystal.preparation                  ? 
_exptl_crystal.size_max                     ? 
_exptl_crystal.size_mid                     ? 
_exptl_crystal.size_min                     ? 
_exptl_crystal.size_rad                     ? 
_exptl_crystal.colour_lustre                ? 
_exptl_crystal.colour_modifier              ? 
_exptl_crystal.colour_primary               ? 
_exptl_crystal.density_meas                 ? 
_exptl_crystal.density_meas_esd             ? 
_exptl_crystal.density_meas_gt              ? 
_exptl_crystal.density_meas_lt              ? 
_exptl_crystal.density_meas_temp            ? 
_exptl_crystal.density_meas_temp_esd        ? 
_exptl_crystal.density_meas_temp_gt         ? 
_exptl_crystal.density_meas_temp_lt         ? 
_exptl_crystal.pdbx_crystal_image_url       ? 
_exptl_crystal.pdbx_crystal_image_format    ? 
_exptl_crystal.pdbx_mosaicity               ? 
_exptl_crystal.pdbx_mosaicity_esd           ? 
_exptl_crystal.pdbx_mosaic_method           ? 
_exptl_crystal.pdbx_mosaic_block_size       ? 
_exptl_crystal.pdbx_mosaic_block_size_esd   ? 
# 
_exptl_crystal_grow.apparatus       ? 
_exptl_crystal_grow.atmosphere      ? 
_exptl_crystal_grow.crystal_id      1 
_exptl_crystal_grow.details         ? 
_exptl_crystal_grow.method          EVAPORATION 
_exptl_crystal_grow.method_ref      ? 
_exptl_crystal_grow.pH              6 
_exptl_crystal_grow.pressure        ? 
_exptl_crystal_grow.pressure_esd    ? 
_exptl_crystal_grow.seeding         ? 
_exptl_crystal_grow.seeding_ref     ? 
_exptl_crystal_grow.temp_details    ? 
_exptl_crystal_grow.temp_esd        ? 
_exptl_crystal_grow.time            ? 
_exptl_crystal_grow.pdbx_details    
;PEG3350 20%
MgCl2 0.2 M
MES 0.1 M (pH6)
;
_exptl_crystal_grow.pdbx_pH_range   ? 
_exptl_crystal_grow.temp            293 
# 
_diffrn.ambient_environment              ? 
_diffrn.ambient_temp                     100 
_diffrn.ambient_temp_details             ? 
_diffrn.ambient_temp_esd                 ? 
_diffrn.crystal_id                       1 
_diffrn.crystal_support                  ? 
_diffrn.crystal_treatment                ? 
_diffrn.details                          ? 
_diffrn.id                               1 
_diffrn.ambient_pressure                 ? 
_diffrn.ambient_pressure_esd             ? 
_diffrn.ambient_pressure_gt              ? 
_diffrn.ambient_pressure_lt              ? 
_diffrn.ambient_temp_gt                  ? 
_diffrn.ambient_temp_lt                  ? 
_diffrn.pdbx_serial_crystal_experiment   N 
# 
_diffrn_detector.details                      ? 
_diffrn_detector.detector                     PIXEL 
_diffrn_detector.diffrn_id                    1 
_diffrn_detector.type                         'DECTRIS EIGER X 16M' 
_diffrn_detector.area_resol_mean              ? 
_diffrn_detector.dtime                        ? 
_diffrn_detector.pdbx_frames_total            ? 
_diffrn_detector.pdbx_collection_time_total   ? 
_diffrn_detector.pdbx_collection_date         2022-09-27 
_diffrn_detector.pdbx_frequency               ? 
_diffrn_detector.id                           ? 
_diffrn_detector.number_of_axes               ? 
# 
_diffrn_radiation.collimation                      ? 
_diffrn_radiation.diffrn_id                        1 
_diffrn_radiation.filter_edge                      ? 
_diffrn_radiation.inhomogeneity                    ? 
_diffrn_radiation.monochromator                    ? 
_diffrn_radiation.polarisn_norm                    ? 
_diffrn_radiation.polarisn_ratio                   ? 
_diffrn_radiation.probe                            ? 
_diffrn_radiation.type                             ? 
_diffrn_radiation.xray_symbol                      ? 
_diffrn_radiation.wavelength_id                    1 
_diffrn_radiation.pdbx_monochromatic_or_laue_m_l   M 
_diffrn_radiation.pdbx_wavelength_list             ? 
_diffrn_radiation.pdbx_wavelength                  ? 
_diffrn_radiation.pdbx_diffrn_protocol             'SINGLE WAVELENGTH' 
_diffrn_radiation.pdbx_analyzer                    ? 
_diffrn_radiation.pdbx_scattering_type             x-ray 
# 
_diffrn_radiation_wavelength.id           1 
_diffrn_radiation_wavelength.wavelength   1.0332 
_diffrn_radiation_wavelength.wt           1.0 
# 
_diffrn_source.current                     ? 
_diffrn_source.details                     ? 
_diffrn_source.diffrn_id                   1 
_diffrn_source.power                       ? 
_diffrn_source.size                        ? 
_diffrn_source.source                      SYNCHROTRON 
_diffrn_source.target                      ? 
_diffrn_source.type                        'APS BEAMLINE 23-ID-B' 
_diffrn_source.voltage                     ? 
_diffrn_source.take-off_angle              ? 
_diffrn_source.pdbx_wavelength_list        1.0332 
_diffrn_source.pdbx_wavelength             ? 
_diffrn_source.pdbx_synchrotron_beamline   23-ID-B 
_diffrn_source.pdbx_synchrotron_site       APS 
# 
_reflns.B_iso_Wilson_estimate                          24.39 
_reflns.entry_id                                       9BP2 
_reflns.data_reduction_details                         ? 
_reflns.data_reduction_method                          ? 
_reflns.d_resolution_high                              2.01 
_reflns.d_resolution_low                               29.21 
_reflns.details                                        ? 
_reflns.limit_h_max                                    ? 
_reflns.limit_h_min                                    ? 
_reflns.limit_k_max                                    ? 
_reflns.limit_k_min                                    ? 
_reflns.limit_l_max                                    ? 
_reflns.limit_l_min                                    ? 
_reflns.number_all                                     ? 
_reflns.number_obs                                     12166 
_reflns.observed_criterion                             ? 
_reflns.observed_criterion_F_max                       ? 
_reflns.observed_criterion_F_min                       ? 
_reflns.observed_criterion_I_max                       ? 
_reflns.observed_criterion_I_min                       ? 
_reflns.observed_criterion_sigma_F                     ? 
_reflns.observed_criterion_sigma_I                     ? 
_reflns.percent_possible_obs                           78.9 
_reflns.R_free_details                                 ? 
_reflns.Rmerge_F_all                                   ? 
_reflns.Rmerge_F_obs                                   ? 
_reflns.Friedel_coverage                               ? 
_reflns.number_gt                                      ? 
_reflns.threshold_expression                           ? 
_reflns.pdbx_redundancy                                1.6 
_reflns.pdbx_netI_over_av_sigmaI                       ? 
_reflns.pdbx_netI_over_sigmaI                          34.44 
_reflns.pdbx_res_netI_over_av_sigmaI_2                 ? 
_reflns.pdbx_res_netI_over_sigmaI_2                    ? 
_reflns.pdbx_chi_squared                               ? 
_reflns.pdbx_scaling_rejects                           ? 
_reflns.pdbx_d_res_high_opt                            ? 
_reflns.pdbx_d_res_low_opt                             ? 
_reflns.pdbx_d_res_opt_method                          ? 
_reflns.phase_calculation_details                      ? 
_reflns.pdbx_Rrim_I_all                                0.01915 
_reflns.pdbx_Rpim_I_all                                0.01354 
_reflns.pdbx_d_opt                                     ? 
_reflns.pdbx_number_measured_all                       ? 
_reflns.pdbx_diffrn_id                                 1 
_reflns.pdbx_ordinal                                   1 
_reflns.pdbx_CC_half                                   1 
_reflns.pdbx_CC_star                                   1 
_reflns.pdbx_R_split                                   ? 
_reflns.pdbx_Rmerge_I_obs                              0.01354 
_reflns.pdbx_Rmerge_I_all                              ? 
_reflns.pdbx_Rsym_value                                ? 
_reflns.pdbx_CC_split_method                           ? 
_reflns.pdbx_aniso_diffraction_limit_axis_1_ortho[1]   ? 
_reflns.pdbx_aniso_diffraction_limit_axis_1_ortho[2]   ? 
_reflns.pdbx_aniso_diffraction_limit_axis_1_ortho[3]   ? 
_reflns.pdbx_aniso_diffraction_limit_axis_2_ortho[1]   ? 
_reflns.pdbx_aniso_diffraction_limit_axis_2_ortho[2]   ? 
_reflns.pdbx_aniso_diffraction_limit_axis_2_ortho[3]   ? 
_reflns.pdbx_aniso_diffraction_limit_axis_3_ortho[1]   ? 
_reflns.pdbx_aniso_diffraction_limit_axis_3_ortho[2]   ? 
_reflns.pdbx_aniso_diffraction_limit_axis_3_ortho[3]   ? 
_reflns.pdbx_aniso_diffraction_limit_1                 ? 
_reflns.pdbx_aniso_diffraction_limit_2                 ? 
_reflns.pdbx_aniso_diffraction_limit_3                 ? 
_reflns.pdbx_aniso_B_tensor_eigenvector_1_ortho[1]     ? 
_reflns.pdbx_aniso_B_tensor_eigenvector_1_ortho[2]     ? 
_reflns.pdbx_aniso_B_tensor_eigenvector_1_ortho[3]     ? 
_reflns.pdbx_aniso_B_tensor_eigenvector_2_ortho[1]     ? 
_reflns.pdbx_aniso_B_tensor_eigenvector_2_ortho[2]     ? 
_reflns.pdbx_aniso_B_tensor_eigenvector_2_ortho[3]     ? 
_reflns.pdbx_aniso_B_tensor_eigenvector_3_ortho[1]     ? 
_reflns.pdbx_aniso_B_tensor_eigenvector_3_ortho[2]     ? 
_reflns.pdbx_aniso_B_tensor_eigenvector_3_ortho[3]     ? 
_reflns.pdbx_aniso_B_tensor_eigenvalue_1               ? 
_reflns.pdbx_aniso_B_tensor_eigenvalue_2               ? 
_reflns.pdbx_aniso_B_tensor_eigenvalue_3               ? 
_reflns.pdbx_orthogonalization_convention              ? 
_reflns.pdbx_percent_possible_ellipsoidal              ? 
_reflns.pdbx_percent_possible_spherical                ? 
_reflns.pdbx_percent_possible_ellipsoidal_anomalous    ? 
_reflns.pdbx_percent_possible_spherical_anomalous      ? 
_reflns.pdbx_redundancy_anomalous                      ? 
_reflns.pdbx_CC_half_anomalous                         ? 
_reflns.pdbx_absDiff_over_sigma_anomalous              ? 
_reflns.pdbx_percent_possible_anomalous                ? 
_reflns.pdbx_observed_signal_threshold                 ? 
_reflns.pdbx_signal_type                               ? 
_reflns.pdbx_signal_details                            ? 
_reflns.pdbx_signal_software_id                        ? 
# 
_reflns_shell.d_res_high                                    2.01 
_reflns_shell.d_res_low                                     2.09 
_reflns_shell.meanI_over_sigI_all                           ? 
_reflns_shell.meanI_over_sigI_obs                           ? 
_reflns_shell.number_measured_all                           ? 
_reflns_shell.number_measured_obs                           ? 
_reflns_shell.number_possible                               ? 
_reflns_shell.number_unique_all                             ? 
_reflns_shell.number_unique_obs                             7726 
_reflns_shell.percent_possible_obs                          ? 
_reflns_shell.Rmerge_F_all                                  ? 
_reflns_shell.Rmerge_F_obs                                  ? 
_reflns_shell.meanI_over_sigI_gt                            ? 
_reflns_shell.meanI_over_uI_all                             ? 
_reflns_shell.meanI_over_uI_gt                              ? 
_reflns_shell.number_measured_gt                            ? 
_reflns_shell.number_unique_gt                              ? 
_reflns_shell.percent_possible_gt                           ? 
_reflns_shell.Rmerge_F_gt                                   ? 
_reflns_shell.Rmerge_I_gt                                   ? 
_reflns_shell.pdbx_redundancy                               ? 
_reflns_shell.pdbx_chi_squared                              ? 
_reflns_shell.pdbx_netI_over_sigmaI_all                     ? 
_reflns_shell.pdbx_netI_over_sigmaI_obs                     ? 
_reflns_shell.pdbx_Rrim_I_all                               ? 
_reflns_shell.pdbx_Rpim_I_all                               0.157 
_reflns_shell.pdbx_rejects                                  ? 
_reflns_shell.pdbx_ordinal                                  1 
_reflns_shell.pdbx_diffrn_id                                1 
_reflns_shell.pdbx_CC_half                                  ? 
_reflns_shell.pdbx_CC_star                                  ? 
_reflns_shell.pdbx_R_split                                  ? 
_reflns_shell.percent_possible_all                          ? 
_reflns_shell.Rmerge_I_all                                  ? 
_reflns_shell.Rmerge_I_obs                                  ? 
_reflns_shell.pdbx_Rsym_value                               ? 
_reflns_shell.pdbx_percent_possible_ellipsoidal             ? 
_reflns_shell.pdbx_percent_possible_spherical               ? 
_reflns_shell.pdbx_percent_possible_ellipsoidal_anomalous   ? 
_reflns_shell.pdbx_percent_possible_spherical_anomalous     ? 
_reflns_shell.pdbx_redundancy_anomalous                     ? 
_reflns_shell.pdbx_CC_half_anomalous                        ? 
_reflns_shell.pdbx_absDiff_over_sigma_anomalous             ? 
_reflns_shell.pdbx_percent_possible_anomalous               ? 
# 
_refine.aniso_B[1][1]                            ? 
_refine.aniso_B[1][2]                            ? 
_refine.aniso_B[1][3]                            ? 
_refine.aniso_B[2][2]                            ? 
_refine.aniso_B[2][3]                            ? 
_refine.aniso_B[3][3]                            ? 
_refine.B_iso_max                                ? 
_refine.B_iso_mean                               ? 
_refine.B_iso_min                                ? 
_refine.correlation_coeff_Fo_to_Fc               ? 
_refine.correlation_coeff_Fo_to_Fc_free          ? 
_refine.details                                  ? 
_refine.diff_density_max                         ? 
_refine.diff_density_max_esd                     ? 
_refine.diff_density_min                         ? 
_refine.diff_density_min_esd                     ? 
_refine.diff_density_rms                         ? 
_refine.diff_density_rms_esd                     ? 
_refine.entry_id                                 9BP2 
_refine.pdbx_refine_id                           'X-RAY DIFFRACTION' 
_refine.ls_abs_structure_details                 ? 
_refine.ls_abs_structure_Flack                   ? 
_refine.ls_abs_structure_Flack_esd               ? 
_refine.ls_abs_structure_Rogers                  ? 
_refine.ls_abs_structure_Rogers_esd              ? 
_refine.ls_d_res_high                            2.01 
_refine.ls_d_res_low                             29.21 
_refine.ls_extinction_coef                       ? 
_refine.ls_extinction_coef_esd                   ? 
_refine.ls_extinction_expression                 ? 
_refine.ls_extinction_method                     ? 
_refine.ls_goodness_of_fit_all                   ? 
_refine.ls_goodness_of_fit_all_esd               ? 
_refine.ls_goodness_of_fit_obs                   ? 
_refine.ls_goodness_of_fit_obs_esd               ? 
_refine.ls_hydrogen_treatment                    ? 
_refine.ls_matrix_type                           ? 
_refine.ls_number_constraints                    ? 
_refine.ls_number_parameters                     ? 
_refine.ls_number_reflns_all                     ? 
_refine.ls_number_reflns_obs                     12154 
_refine.ls_number_reflns_R_free                  1193 
_refine.ls_number_reflns_R_work                  ? 
_refine.ls_number_restraints                     ? 
_refine.ls_percent_reflns_obs                    78.97 
_refine.ls_percent_reflns_R_free                 9.82 
_refine.ls_R_factor_all                          ? 
_refine.ls_R_factor_obs                          0.2219 
_refine.ls_R_factor_R_free                       0.2577 
_refine.ls_R_factor_R_free_error                 ? 
_refine.ls_R_factor_R_free_error_details         ? 
_refine.ls_R_factor_R_work                       0.2181 
_refine.ls_R_Fsqd_factor_obs                     ? 
_refine.ls_R_I_factor_obs                        ? 
_refine.ls_redundancy_reflns_all                 ? 
_refine.ls_redundancy_reflns_obs                 ? 
_refine.ls_restrained_S_all                      ? 
_refine.ls_restrained_S_obs                      ? 
_refine.ls_shift_over_esd_max                    ? 
_refine.ls_shift_over_esd_mean                   ? 
_refine.ls_structure_factor_coef                 ? 
_refine.ls_weighting_details                     ? 
_refine.ls_weighting_scheme                      ? 
_refine.ls_wR_factor_all                         ? 
_refine.ls_wR_factor_obs                         ? 
_refine.ls_wR_factor_R_free                      ? 
_refine.ls_wR_factor_R_work                      ? 
_refine.occupancy_max                            ? 
_refine.occupancy_min                            ? 
_refine.solvent_model_details                    'FLAT BULK SOLVENT MODEL' 
_refine.solvent_model_param_bsol                 ? 
_refine.solvent_model_param_ksol                 ? 
_refine.pdbx_R_complete                          ? 
_refine.ls_R_factor_gt                           ? 
_refine.ls_goodness_of_fit_gt                    ? 
_refine.ls_goodness_of_fit_ref                   ? 
_refine.ls_shift_over_su_max                     ? 
_refine.ls_shift_over_su_max_lt                  ? 
_refine.ls_shift_over_su_mean                    ? 
_refine.ls_shift_over_su_mean_lt                 ? 
_refine.pdbx_ls_sigma_I                          ? 
_refine.pdbx_ls_sigma_F                          1.35 
_refine.pdbx_ls_sigma_Fsqd                       ? 
_refine.pdbx_data_cutoff_high_absF               ? 
_refine.pdbx_data_cutoff_high_rms_absF           ? 
_refine.pdbx_data_cutoff_low_absF                ? 
_refine.pdbx_isotropic_thermal_model             ? 
_refine.pdbx_ls_cross_valid_method               'FREE R-VALUE' 
_refine.pdbx_method_to_determine_struct          'MOLECULAR REPLACEMENT' 
_refine.pdbx_starting_model                      ? 
_refine.pdbx_stereochemistry_target_values       ML 
_refine.pdbx_R_Free_selection_details            ? 
_refine.pdbx_stereochem_target_val_spec_case     ? 
_refine.pdbx_overall_ESU_R                       ? 
_refine.pdbx_overall_ESU_R_Free                  ? 
_refine.pdbx_solvent_vdw_probe_radii             1.10 
_refine.pdbx_solvent_ion_probe_radii             ? 
_refine.pdbx_solvent_shrinkage_radii             0.90 
_refine.pdbx_real_space_R                        ? 
_refine.pdbx_density_correlation                 ? 
_refine.pdbx_pd_number_of_powder_patterns        ? 
_refine.pdbx_pd_number_of_points                 ? 
_refine.pdbx_pd_meas_number_of_points            ? 
_refine.pdbx_pd_proc_ls_prof_R_factor            ? 
_refine.pdbx_pd_proc_ls_prof_wR_factor           ? 
_refine.pdbx_pd_Marquardt_correlation_coeff      ? 
_refine.pdbx_pd_Fsqrd_R_factor                   ? 
_refine.pdbx_pd_ls_matrix_band_width             ? 
_refine.pdbx_overall_phase_error                 27.10 
_refine.pdbx_overall_SU_R_free_Cruickshank_DPI   ? 
_refine.pdbx_overall_SU_R_free_Blow_DPI          ? 
_refine.pdbx_overall_SU_R_Blow_DPI               ? 
_refine.pdbx_TLS_residual_ADP_flag               ? 
_refine.pdbx_diffrn_id                           1 
_refine.overall_SU_B                             ? 
_refine.overall_SU_ML                            0.30 
_refine.overall_SU_R_Cruickshank_DPI             ? 
_refine.overall_SU_R_free                        ? 
_refine.overall_FOM_free_R_set                   ? 
_refine.overall_FOM_work_R_set                   ? 
_refine.pdbx_average_fsc_overall                 ? 
_refine.pdbx_average_fsc_work                    ? 
_refine.pdbx_average_fsc_free                    ? 
# 
_refine_hist.pdbx_refine_id                   'X-RAY DIFFRACTION' 
_refine_hist.cycle_id                         LAST 
_refine_hist.details                          ? 
_refine_hist.d_res_high                       2.01 
_refine_hist.d_res_low                        29.21 
_refine_hist.number_atoms_solvent             19 
_refine_hist.number_atoms_total               780 
_refine_hist.number_reflns_all                ? 
_refine_hist.number_reflns_obs                ? 
_refine_hist.number_reflns_R_free             ? 
_refine_hist.number_reflns_R_work             ? 
_refine_hist.R_factor_all                     ? 
_refine_hist.R_factor_obs                     ? 
_refine_hist.R_factor_R_free                  ? 
_refine_hist.R_factor_R_work                  ? 
_refine_hist.pdbx_number_residues_total       ? 
_refine_hist.pdbx_B_iso_mean_ligand           ? 
_refine_hist.pdbx_B_iso_mean_solvent          ? 
_refine_hist.pdbx_number_atoms_protein        761 
_refine_hist.pdbx_number_atoms_nucleic_acid   0 
_refine_hist.pdbx_number_atoms_ligand         0 
_refine_hist.pdbx_number_atoms_lipid          ? 
_refine_hist.pdbx_number_atoms_carb           ? 
_refine_hist.pdbx_pseudo_atom_details         ? 
# 
loop_
_refine_ls_restr.pdbx_refine_id 
_refine_ls_restr.criterion 
_refine_ls_restr.dev_ideal 
_refine_ls_restr.dev_ideal_target 
_refine_ls_restr.number 
_refine_ls_restr.rejects 
_refine_ls_restr.type 
_refine_ls_restr.weight 
_refine_ls_restr.pdbx_restraint_function 
'X-RAY DIFFRACTION' ? 0.003  ? ?   ? f_bond_d           ? ? 
'X-RAY DIFFRACTION' ? 0.612  ? ?   ? f_angle_d          ? ? 
'X-RAY DIFFRACTION' ? 20.081 ? 319 ? f_dihedral_angle_d ? ? 
'X-RAY DIFFRACTION' ? 0.027  ? 123 ? f_chiral_restr     ? ? 
'X-RAY DIFFRACTION' ? 0.008  ? 140 ? f_plane_restr      ? ? 
# 
loop_
_refine_ls_shell.pdbx_refine_id 
_refine_ls_shell.d_res_high 
_refine_ls_shell.d_res_low 
_refine_ls_shell.number_reflns_all 
_refine_ls_shell.number_reflns_obs 
_refine_ls_shell.number_reflns_R_free 
_refine_ls_shell.number_reflns_R_work 
_refine_ls_shell.percent_reflns_obs 
_refine_ls_shell.percent_reflns_R_free 
_refine_ls_shell.R_factor_all 
_refine_ls_shell.R_factor_obs 
_refine_ls_shell.R_factor_R_free_error 
_refine_ls_shell.R_factor_R_work 
_refine_ls_shell.redundancy_reflns_all 
_refine_ls_shell.redundancy_reflns_obs 
_refine_ls_shell.wR_factor_all 
_refine_ls_shell.wR_factor_obs 
_refine_ls_shell.wR_factor_R_free 
_refine_ls_shell.wR_factor_R_work 
_refine_ls_shell.pdbx_R_complete 
_refine_ls_shell.pdbx_total_number_of_bins_used 
_refine_ls_shell.pdbx_phase_error 
_refine_ls_shell.pdbx_fsc_work 
_refine_ls_shell.pdbx_fsc_free 
_refine_ls_shell.R_factor_R_free 
'X-RAY DIFFRACTION' 2.01 2.09  . . 56  465  31.00  . . . . 0.4581 . . . . . . . . . . . 0.5236 
'X-RAY DIFFRACTION' 2.09 2.18  . . 88  725  47.00  . . . . 0.3434 . . . . . . . . . . . 0.3614 
'X-RAY DIFFRACTION' 2.18 2.30  . . 106 990  64.00  . . . . 0.2538 . . . . . . . . . . . 0.3658 
'X-RAY DIFFRACTION' 2.30 2.44  . . 127 1249 80.00  . . . . 0.2426 . . . . . . . . . . . 0.2792 
'X-RAY DIFFRACTION' 2.44 2.63  . . 162 1427 93.00  . . . . 0.2451 . . . . . . . . . . . 0.2903 
'X-RAY DIFFRACTION' 2.63 2.89  . . 154 1515 98.00  . . . . 0.2341 . . . . . . . . . . . 0.3008 
'X-RAY DIFFRACTION' 2.89 3.31  . . 162 1512 100.00 . . . . 0.2407 . . . . . . . . . . . 0.2791 
'X-RAY DIFFRACTION' 3.31 4.17  . . 169 1538 99.00  . . . . 0.1764 . . . . . . . . . . . 0.2140 
'X-RAY DIFFRACTION' 4.17 29.21 . . 169 1540 99.00  . . . . 0.1858 . . . . . . . . . . . 0.2002 
# 
_struct.entry_id                     9BP2 
_struct.title                        
'The death domain (DD) of the human mucosa associated lymphoid tissue lymphoma translocation protein 1 (MALT1)' 
_struct.pdbx_model_details           ? 
_struct.pdbx_formula_weight          ? 
_struct.pdbx_formula_weight_method   ? 
_struct.pdbx_model_type_details      ? 
_struct.pdbx_CASP_flag               N 
# 
_struct_keywords.entry_id        9BP2 
_struct_keywords.text            'Death domain, MALT1, HYDROLASE' 
_struct_keywords.pdbx_keywords   HYDROLASE 
# 
loop_
_struct_asym.id 
_struct_asym.pdbx_blank_PDB_chainid_flag 
_struct_asym.pdbx_modified 
_struct_asym.entity_id 
_struct_asym.details 
A N N 1 ? 
B N N 2 ? 
# 
_struct_ref.id                         1 
_struct_ref.db_name                    UNP 
_struct_ref.db_code                    MALT1_HUMAN 
_struct_ref.pdbx_db_accession          Q9UDY8 
_struct_ref.pdbx_db_isoform            ? 
_struct_ref.entity_id                  1 
_struct_ref.pdbx_seq_one_letter_code   
;TLNRLREPLLRRLSELLDQAPEGRGWRRLAELAGSRGRLRLSCLDLEQCSLKVLEPEGSPSLCLLKLMGEKGCTVTELSD
FLQAMEHTEVLQLLSPPG
;
_struct_ref.pdbx_align_begin           29 
# 
_struct_ref_seq.align_id                      1 
_struct_ref_seq.ref_id                        1 
_struct_ref_seq.pdbx_PDB_id_code              9BP2 
_struct_ref_seq.pdbx_strand_id                B 
_struct_ref_seq.seq_align_beg                 20 
_struct_ref_seq.pdbx_seq_align_beg_ins_code   ? 
_struct_ref_seq.seq_align_end                 117 
_struct_ref_seq.pdbx_seq_align_end_ins_code   ? 
_struct_ref_seq.pdbx_db_accession             Q9UDY8 
_struct_ref_seq.db_align_beg                  29 
_struct_ref_seq.pdbx_db_align_beg_ins_code    ? 
_struct_ref_seq.db_align_end                  126 
_struct_ref_seq.pdbx_db_align_end_ins_code    ? 
_struct_ref_seq.pdbx_auth_seq_align_beg       2 
_struct_ref_seq.pdbx_auth_seq_align_end       99 
# 
loop_
_struct_ref_seq_dif.align_id 
_struct_ref_seq_dif.pdbx_pdb_id_code 
_struct_ref_seq_dif.mon_id 
_struct_ref_seq_dif.pdbx_pdb_strand_id 
_struct_ref_seq_dif.seq_num 
_struct_ref_seq_dif.pdbx_pdb_ins_code 
_struct_ref_seq_dif.pdbx_seq_db_name 
_struct_ref_seq_dif.pdbx_seq_db_accession_code 
_struct_ref_seq_dif.db_mon_id 
_struct_ref_seq_dif.pdbx_seq_db_seq_num 
_struct_ref_seq_dif.details 
_struct_ref_seq_dif.pdbx_auth_seq_num 
_struct_ref_seq_dif.pdbx_ordinal 
1 9BP2 MET B 1  ? UNP Q9UDY8 ? ? 'initiating methionine' -17 1  
1 9BP2 GLY B 2  ? UNP Q9UDY8 ? ? 'expression tag'        -16 2  
1 9BP2 SER B 3  ? UNP Q9UDY8 ? ? 'expression tag'        -15 3  
1 9BP2 SER B 4  ? UNP Q9UDY8 ? ? 'expression tag'        -14 4  
1 9BP2 HIS B 5  ? UNP Q9UDY8 ? ? 'expression tag'        -13 5  
1 9BP2 HIS B 6  ? UNP Q9UDY8 ? ? 'expression tag'        -12 6  
1 9BP2 HIS B 7  ? UNP Q9UDY8 ? ? 'expression tag'        -11 7  
1 9BP2 HIS B 8  ? UNP Q9UDY8 ? ? 'expression tag'        -10 8  
1 9BP2 HIS B 9  ? UNP Q9UDY8 ? ? 'expression tag'        -9  9  
1 9BP2 HIS B 10 ? UNP Q9UDY8 ? ? 'expression tag'        -8  10 
1 9BP2 SER B 11 ? UNP Q9UDY8 ? ? 'expression tag'        -7  11 
1 9BP2 SER B 12 ? UNP Q9UDY8 ? ? 'expression tag'        -6  12 
1 9BP2 GLY B 13 ? UNP Q9UDY8 ? ? 'expression tag'        -5  13 
1 9BP2 LEU B 14 ? UNP Q9UDY8 ? ? 'expression tag'        -4  14 
1 9BP2 VAL B 15 ? UNP Q9UDY8 ? ? 'expression tag'        -3  15 
1 9BP2 PRO B 16 ? UNP Q9UDY8 ? ? 'expression tag'        -2  16 
1 9BP2 ARG B 17 ? UNP Q9UDY8 ? ? 'expression tag'        -1  17 
1 9BP2 GLY B 18 ? UNP Q9UDY8 ? ? 'expression tag'        0   18 
1 9BP2 SER B 19 ? UNP Q9UDY8 ? ? 'expression tag'        1   19 
# 
_pdbx_struct_assembly.id                   1 
_pdbx_struct_assembly.details              author_defined_assembly 
_pdbx_struct_assembly.method_details       ? 
_pdbx_struct_assembly.oligomeric_details   monomeric 
_pdbx_struct_assembly.oligomeric_count     1 
# 
_pdbx_struct_assembly_gen.assembly_id       1 
_pdbx_struct_assembly_gen.oper_expression   1 
_pdbx_struct_assembly_gen.asym_id_list      A,B 
# 
_pdbx_struct_assembly_auth_evidence.id                     1 
_pdbx_struct_assembly_auth_evidence.assembly_id            1 
_pdbx_struct_assembly_auth_evidence.experimental_support   'gel filtration' 
_pdbx_struct_assembly_auth_evidence.details                ? 
# 
_pdbx_struct_oper_list.id                   1 
_pdbx_struct_oper_list.type                 'identity operation' 
_pdbx_struct_oper_list.name                 1_555 
_pdbx_struct_oper_list.symmetry_operation   x,y,z 
_pdbx_struct_oper_list.matrix[1][1]         1.0000000000 
_pdbx_struct_oper_list.matrix[1][2]         0.0000000000 
_pdbx_struct_oper_list.matrix[1][3]         0.0000000000 
_pdbx_struct_oper_list.vector[1]            0.0000000000 
_pdbx_struct_oper_list.matrix[2][1]         0.0000000000 
_pdbx_struct_oper_list.matrix[2][2]         1.0000000000 
_pdbx_struct_oper_list.matrix[2][3]         0.0000000000 
_pdbx_struct_oper_list.vector[2]            0.0000000000 
_pdbx_struct_oper_list.matrix[3][1]         0.0000000000 
_pdbx_struct_oper_list.matrix[3][2]         0.0000000000 
_pdbx_struct_oper_list.matrix[3][3]         1.0000000000 
_pdbx_struct_oper_list.vector[3]            0.0000000000 
# 
loop_
_struct_conf.conf_type_id 
_struct_conf.id 
_struct_conf.pdbx_PDB_helix_id 
_struct_conf.beg_label_comp_id 
_struct_conf.beg_label_asym_id 
_struct_conf.beg_label_seq_id 
_struct_conf.pdbx_beg_PDB_ins_code 
_struct_conf.end_label_comp_id 
_struct_conf.end_label_asym_id 
_struct_conf.end_label_seq_id 
_struct_conf.pdbx_end_PDB_ins_code 
_struct_conf.beg_auth_comp_id 
_struct_conf.beg_auth_asym_id 
_struct_conf.beg_auth_seq_id 
_struct_conf.end_auth_comp_id 
_struct_conf.end_auth_asym_id 
_struct_conf.end_auth_seq_id 
_struct_conf.pdbx_PDB_helix_class 
_struct_conf.details 
_struct_conf.pdbx_PDB_helix_length 
HELX_P HELX_P1 AA1 THR A 20 ? LEU A 24  ? THR B 2  LEU B 6  5 ? 5  
HELX_P HELX_P2 AA2 ARG A 25 ? ALA A 39  ? ARG B 7  ALA B 21 1 ? 15 
HELX_P HELX_P3 AA3 GLY A 44 ? ARG A 55  ? GLY B 26 ARG B 37 1 ? 12 
HELX_P HELX_P4 AA4 SER A 61 ? LEU A 70  ? SER B 43 LEU B 52 1 ? 10 
HELX_P HELX_P5 AA5 LYS A 71 ? GLU A 74  ? LYS B 53 GLU B 56 5 ? 4  
HELX_P HELX_P6 AA6 SER A 78 ? LYS A 90  ? SER B 60 LYS B 72 1 ? 13 
HELX_P HELX_P7 AA7 THR A 93 ? SER A 114 ? THR B 75 SER B 96 1 ? 22 
# 
_struct_conf_type.id          HELX_P 
_struct_conf_type.criteria    ? 
_struct_conf_type.reference   ? 
# 
loop_
_struct_conn.id 
_struct_conn.conn_type_id 
_struct_conn.pdbx_leaving_atom_flag 
_struct_conn.pdbx_PDB_id 
_struct_conn.ptnr1_label_asym_id 
_struct_conn.ptnr1_label_comp_id 
_struct_conn.ptnr1_label_seq_id 
_struct_conn.ptnr1_label_atom_id 
_struct_conn.pdbx_ptnr1_label_alt_id 
_struct_conn.pdbx_ptnr1_PDB_ins_code 
_struct_conn.pdbx_ptnr1_standard_comp_id 
_struct_conn.ptnr1_symmetry 
_struct_conn.ptnr2_label_asym_id 
_struct_conn.ptnr2_label_comp_id 
_struct_conn.ptnr2_label_seq_id 
_struct_conn.ptnr2_label_atom_id 
_struct_conn.pdbx_ptnr2_label_alt_id 
_struct_conn.pdbx_ptnr2_PDB_ins_code 
_struct_conn.ptnr1_auth_asym_id 
_struct_conn.ptnr1_auth_comp_id 
_struct_conn.ptnr1_auth_seq_id 
_struct_conn.ptnr2_auth_asym_id 
_struct_conn.ptnr2_auth_comp_id 
_struct_conn.ptnr2_auth_seq_id 
_struct_conn.ptnr2_symmetry 
_struct_conn.pdbx_ptnr3_label_atom_id 
_struct_conn.pdbx_ptnr3_label_seq_id 
_struct_conn.pdbx_ptnr3_label_comp_id 
_struct_conn.pdbx_ptnr3_label_asym_id 
_struct_conn.pdbx_ptnr3_label_alt_id 
_struct_conn.pdbx_ptnr3_PDB_ins_code 
_struct_conn.details 
_struct_conn.pdbx_dist_value 
_struct_conn.pdbx_value_order 
_struct_conn.pdbx_role 
disulf1 disulf ? ? A CYS 62 SG ? ? ? 1_555 A CYS 62 SG ? ? B CYS 44 B CYS 44 2_655 ? ? ? ? ? ? ? 2.033 ? ? 
disulf2 disulf ? ? A CYS 68 SG ? ? ? 1_555 A CYS 82 SG ? ? B CYS 50 B CYS 64 1_555 ? ? ? ? ? ? ? 2.044 ? ? 
# 
_struct_conn_type.id          disulf 
_struct_conn_type.criteria    ? 
_struct_conn_type.reference   ? 
# 
loop_
_pdbx_modification_feature.ordinal 
_pdbx_modification_feature.label_comp_id 
_pdbx_modification_feature.label_asym_id 
_pdbx_modification_feature.label_seq_id 
_pdbx_modification_feature.label_alt_id 
_pdbx_modification_feature.modified_residue_label_comp_id 
_pdbx_modification_feature.modified_residue_label_asym_id 
_pdbx_modification_feature.modified_residue_label_seq_id 
_pdbx_modification_feature.modified_residue_label_alt_id 
_pdbx_modification_feature.auth_comp_id 
_pdbx_modification_feature.auth_asym_id 
_pdbx_modification_feature.auth_seq_id 
_pdbx_modification_feature.PDB_ins_code 
_pdbx_modification_feature.symmetry 
_pdbx_modification_feature.modified_residue_auth_comp_id 
_pdbx_modification_feature.modified_residue_auth_asym_id 
_pdbx_modification_feature.modified_residue_auth_seq_id 
_pdbx_modification_feature.modified_residue_PDB_ins_code 
_pdbx_modification_feature.modified_residue_symmetry 
_pdbx_modification_feature.comp_id_linking_atom 
_pdbx_modification_feature.modified_residue_id_linking_atom 
_pdbx_modification_feature.modified_residue_id 
_pdbx_modification_feature.ref_pcm_id 
_pdbx_modification_feature.ref_comp_id 
_pdbx_modification_feature.type 
_pdbx_modification_feature.category 
1 CYS A 62 ? CYS A 62 ? CYS B 44 ? 1_555 CYS B 44 ? 2_655 SG SG . . . None 'Disulfide bridge' 
2 CYS A 68 ? CYS A 82 ? CYS B 50 ? 1_555 CYS B 64 ? 1_555 SG SG . . . None 'Disulfide bridge' 
# 
_pdbx_entry_details.entry_id                   9BP2 
_pdbx_entry_details.compound_details           ? 
_pdbx_entry_details.source_details             ? 
_pdbx_entry_details.nonpolymer_details         ? 
_pdbx_entry_details.sequence_details           ? 
_pdbx_entry_details.has_ligand_of_interest     ? 
_pdbx_entry_details.has_protein_modification   Y 
# 
_pdbx_validate_symm_contact.id                1 
_pdbx_validate_symm_contact.PDB_model_num     1 
_pdbx_validate_symm_contact.auth_atom_id_1    H 
_pdbx_validate_symm_contact.auth_asym_id_1    B 
_pdbx_validate_symm_contact.auth_comp_id_1    GLU 
_pdbx_validate_symm_contact.auth_seq_id_1     8 
_pdbx_validate_symm_contact.PDB_ins_code_1    ? 
_pdbx_validate_symm_contact.label_alt_id_1    ? 
_pdbx_validate_symm_contact.site_symmetry_1   1_555 
_pdbx_validate_symm_contact.auth_atom_id_2    OE1 
_pdbx_validate_symm_contact.auth_asym_id_2    B 
_pdbx_validate_symm_contact.auth_comp_id_2    GLU 
_pdbx_validate_symm_contact.auth_seq_id_2     58 
_pdbx_validate_symm_contact.PDB_ins_code_2    ? 
_pdbx_validate_symm_contact.label_alt_id_2    ? 
_pdbx_validate_symm_contact.site_symmetry_2   3_555 
_pdbx_validate_symm_contact.dist              1.60 
# 
_pdbx_validate_torsion.id              1 
_pdbx_validate_torsion.PDB_model_num   1 
_pdbx_validate_torsion.auth_comp_id    ARG 
_pdbx_validate_torsion.auth_asym_id    B 
_pdbx_validate_torsion.auth_seq_id     25 
_pdbx_validate_torsion.PDB_ins_code    ? 
_pdbx_validate_torsion.label_alt_id    ? 
_pdbx_validate_torsion.phi             -141.82 
_pdbx_validate_torsion.psi             33.17 
# 
loop_
_pdbx_unobs_or_zero_occ_residues.id 
_pdbx_unobs_or_zero_occ_residues.PDB_model_num 
_pdbx_unobs_or_zero_occ_residues.polymer_flag 
_pdbx_unobs_or_zero_occ_residues.occupancy_flag 
_pdbx_unobs_or_zero_occ_residues.auth_asym_id 
_pdbx_unobs_or_zero_occ_residues.auth_comp_id 
_pdbx_unobs_or_zero_occ_residues.auth_seq_id 
_pdbx_unobs_or_zero_occ_residues.PDB_ins_code 
_pdbx_unobs_or_zero_occ_residues.label_asym_id 
_pdbx_unobs_or_zero_occ_residues.label_comp_id 
_pdbx_unobs_or_zero_occ_residues.label_seq_id 
1  1 Y 1 B MET -17 ? A MET 1   
2  1 Y 1 B GLY -16 ? A GLY 2   
3  1 Y 1 B SER -15 ? A SER 3   
4  1 Y 1 B SER -14 ? A SER 4   
5  1 Y 1 B HIS -13 ? A HIS 5   
6  1 Y 1 B HIS -12 ? A HIS 6   
7  1 Y 1 B HIS -11 ? A HIS 7   
8  1 Y 1 B HIS -10 ? A HIS 8   
9  1 Y 1 B HIS -9  ? A HIS 9   
10 1 Y 1 B HIS -8  ? A HIS 10  
11 1 Y 1 B SER -7  ? A SER 11  
12 1 Y 1 B SER -6  ? A SER 12  
13 1 Y 1 B GLY -5  ? A GLY 13  
14 1 Y 1 B LEU -4  ? A LEU 14  
15 1 Y 1 B VAL -3  ? A VAL 15  
16 1 Y 1 B PRO -2  ? A PRO 16  
17 1 Y 1 B ARG -1  ? A ARG 17  
18 1 Y 1 B PRO 98  ? A PRO 116 
19 1 Y 1 B GLY 99  ? A GLY 117 
# 
loop_
_chem_comp_atom.comp_id 
_chem_comp_atom.atom_id 
_chem_comp_atom.type_symbol 
_chem_comp_atom.pdbx_aromatic_flag 
_chem_comp_atom.pdbx_stereo_config 
_chem_comp_atom.pdbx_ordinal 
ALA N    N N N 1   
ALA CA   C N S 2   
ALA C    C N N 3   
ALA O    O N N 4   
ALA CB   C N N 5   
ALA OXT  O N N 6   
ALA H    H N N 7   
ALA H2   H N N 8   
ALA HA   H N N 9   
ALA HB1  H N N 10  
ALA HB2  H N N 11  
ALA HB3  H N N 12  
ALA HXT  H N N 13  
ARG N    N N N 14  
ARG CA   C N S 15  
ARG C    C N N 16  
ARG O    O N N 17  
ARG CB   C N N 18  
ARG CG   C N N 19  
ARG CD   C N N 20  
ARG NE   N N N 21  
ARG CZ   C N N 22  
ARG NH1  N N N 23  
ARG NH2  N N N 24  
ARG OXT  O N N 25  
ARG H    H N N 26  
ARG H2   H N N 27  
ARG HA   H N N 28  
ARG HB2  H N N 29  
ARG HB3  H N N 30  
ARG HG2  H N N 31  
ARG HG3  H N N 32  
ARG HD2  H N N 33  
ARG HD3  H N N 34  
ARG HE   H N N 35  
ARG HH11 H N N 36  
ARG HH12 H N N 37  
ARG HH21 H N N 38  
ARG HH22 H N N 39  
ARG HXT  H N N 40  
ASN N    N N N 41  
ASN CA   C N S 42  
ASN C    C N N 43  
ASN O    O N N 44  
ASN CB   C N N 45  
ASN CG   C N N 46  
ASN OD1  O N N 47  
ASN ND2  N N N 48  
ASN OXT  O N N 49  
ASN H    H N N 50  
ASN H2   H N N 51  
ASN HA   H N N 52  
ASN HB2  H N N 53  
ASN HB3  H N N 54  
ASN HD21 H N N 55  
ASN HD22 H N N 56  
ASN HXT  H N N 57  
ASP N    N N N 58  
ASP CA   C N S 59  
ASP C    C N N 60  
ASP O    O N N 61  
ASP CB   C N N 62  
ASP CG   C N N 63  
ASP OD1  O N N 64  
ASP OD2  O N N 65  
ASP OXT  O N N 66  
ASP H    H N N 67  
ASP H2   H N N 68  
ASP HA   H N N 69  
ASP HB2  H N N 70  
ASP HB3  H N N 71  
ASP HD2  H N N 72  
ASP HXT  H N N 73  
CYS N    N N N 74  
CYS CA   C N R 75  
CYS C    C N N 76  
CYS O    O N N 77  
CYS CB   C N N 78  
CYS SG   S N N 79  
CYS OXT  O N N 80  
CYS H    H N N 81  
CYS H2   H N N 82  
CYS HA   H N N 83  
CYS HB2  H N N 84  
CYS HB3  H N N 85  
CYS HG   H N N 86  
CYS HXT  H N N 87  
GLN N    N N N 88  
GLN CA   C N S 89  
GLN C    C N N 90  
GLN O    O N N 91  
GLN CB   C N N 92  
GLN CG   C N N 93  
GLN CD   C N N 94  
GLN OE1  O N N 95  
GLN NE2  N N N 96  
GLN OXT  O N N 97  
GLN H    H N N 98  
GLN H2   H N N 99  
GLN HA   H N N 100 
GLN HB2  H N N 101 
GLN HB3  H N N 102 
GLN HG2  H N N 103 
GLN HG3  H N N 104 
GLN HE21 H N N 105 
GLN HE22 H N N 106 
GLN HXT  H N N 107 
GLU N    N N N 108 
GLU CA   C N S 109 
GLU C    C N N 110 
GLU O    O N N 111 
GLU CB   C N N 112 
GLU CG   C N N 113 
GLU CD   C N N 114 
GLU OE1  O N N 115 
GLU OE2  O N N 116 
GLU OXT  O N N 117 
GLU H    H N N 118 
GLU H2   H N N 119 
GLU HA   H N N 120 
GLU HB2  H N N 121 
GLU HB3  H N N 122 
GLU HG2  H N N 123 
GLU HG3  H N N 124 
GLU HE2  H N N 125 
GLU HXT  H N N 126 
GLY N    N N N 127 
GLY CA   C N N 128 
GLY C    C N N 129 
GLY O    O N N 130 
GLY OXT  O N N 131 
GLY H    H N N 132 
GLY H2   H N N 133 
GLY HA2  H N N 134 
GLY HA3  H N N 135 
GLY HXT  H N N 136 
HIS N    N N N 137 
HIS CA   C N S 138 
HIS C    C N N 139 
HIS O    O N N 140 
HIS CB   C N N 141 
HIS CG   C Y N 142 
HIS ND1  N Y N 143 
HIS CD2  C Y N 144 
HIS CE1  C Y N 145 
HIS NE2  N Y N 146 
HIS OXT  O N N 147 
HIS H    H N N 148 
HIS H2   H N N 149 
HIS HA   H N N 150 
HIS HB2  H N N 151 
HIS HB3  H N N 152 
HIS HD1  H N N 153 
HIS HD2  H N N 154 
HIS HE1  H N N 155 
HIS HE2  H N N 156 
HIS HXT  H N N 157 
HOH O    O N N 158 
HOH H1   H N N 159 
HOH H2   H N N 160 
LEU N    N N N 161 
LEU CA   C N S 162 
LEU C    C N N 163 
LEU O    O N N 164 
LEU CB   C N N 165 
LEU CG   C N N 166 
LEU CD1  C N N 167 
LEU CD2  C N N 168 
LEU OXT  O N N 169 
LEU H    H N N 170 
LEU H2   H N N 171 
LEU HA   H N N 172 
LEU HB2  H N N 173 
LEU HB3  H N N 174 
LEU HG   H N N 175 
LEU HD11 H N N 176 
LEU HD12 H N N 177 
LEU HD13 H N N 178 
LEU HD21 H N N 179 
LEU HD22 H N N 180 
LEU HD23 H N N 181 
LEU HXT  H N N 182 
LYS N    N N N 183 
LYS CA   C N S 184 
LYS C    C N N 185 
LYS O    O N N 186 
LYS CB   C N N 187 
LYS CG   C N N 188 
LYS CD   C N N 189 
LYS CE   C N N 190 
LYS NZ   N N N 191 
LYS OXT  O N N 192 
LYS H    H N N 193 
LYS H2   H N N 194 
LYS HA   H N N 195 
LYS HB2  H N N 196 
LYS HB3  H N N 197 
LYS HG2  H N N 198 
LYS HG3  H N N 199 
LYS HD2  H N N 200 
LYS HD3  H N N 201 
LYS HE2  H N N 202 
LYS HE3  H N N 203 
LYS HZ1  H N N 204 
LYS HZ2  H N N 205 
LYS HZ3  H N N 206 
LYS HXT  H N N 207 
MET N    N N N 208 
MET CA   C N S 209 
MET C    C N N 210 
MET O    O N N 211 
MET CB   C N N 212 
MET CG   C N N 213 
MET SD   S N N 214 
MET CE   C N N 215 
MET OXT  O N N 216 
MET H    H N N 217 
MET H2   H N N 218 
MET HA   H N N 219 
MET HB2  H N N 220 
MET HB3  H N N 221 
MET HG2  H N N 222 
MET HG3  H N N 223 
MET HE1  H N N 224 
MET HE2  H N N 225 
MET HE3  H N N 226 
MET HXT  H N N 227 
PHE N    N N N 228 
PHE CA   C N S 229 
PHE C    C N N 230 
PHE O    O N N 231 
PHE CB   C N N 232 
PHE CG   C Y N 233 
PHE CD1  C Y N 234 
PHE CD2  C Y N 235 
PHE CE1  C Y N 236 
PHE CE2  C Y N 237 
PHE CZ   C Y N 238 
PHE OXT  O N N 239 
PHE H    H N N 240 
PHE H2   H N N 241 
PHE HA   H N N 242 
PHE HB2  H N N 243 
PHE HB3  H N N 244 
PHE HD1  H N N 245 
PHE HD2  H N N 246 
PHE HE1  H N N 247 
PHE HE2  H N N 248 
PHE HZ   H N N 249 
PHE HXT  H N N 250 
PRO N    N N N 251 
PRO CA   C N S 252 
PRO C    C N N 253 
PRO O    O N N 254 
PRO CB   C N N 255 
PRO CG   C N N 256 
PRO CD   C N N 257 
PRO OXT  O N N 258 
PRO H    H N N 259 
PRO HA   H N N 260 
PRO HB2  H N N 261 
PRO HB3  H N N 262 
PRO HG2  H N N 263 
PRO HG3  H N N 264 
PRO HD2  H N N 265 
PRO HD3  H N N 266 
PRO HXT  H N N 267 
SER N    N N N 268 
SER CA   C N S 269 
SER C    C N N 270 
SER O    O N N 271 
SER CB   C N N 272 
SER OG   O N N 273 
SER OXT  O N N 274 
SER H    H N N 275 
SER H2   H N N 276 
SER HA   H N N 277 
SER HB2  H N N 278 
SER HB3  H N N 279 
SER HG   H N N 280 
SER HXT  H N N 281 
THR N    N N N 282 
THR CA   C N S 283 
THR C    C N N 284 
THR O    O N N 285 
THR CB   C N R 286 
THR OG1  O N N 287 
THR CG2  C N N 288 
THR OXT  O N N 289 
THR H    H N N 290 
THR H2   H N N 291 
THR HA   H N N 292 
THR HB   H N N 293 
THR HG1  H N N 294 
THR HG21 H N N 295 
THR HG22 H N N 296 
THR HG23 H N N 297 
THR HXT  H N N 298 
TRP N    N N N 299 
TRP CA   C N S 300 
TRP C    C N N 301 
TRP O    O N N 302 
TRP CB   C N N 303 
TRP CG   C Y N 304 
TRP CD1  C Y N 305 
TRP CD2  C Y N 306 
TRP NE1  N Y N 307 
TRP CE2  C Y N 308 
TRP CE3  C Y N 309 
TRP CZ2  C Y N 310 
TRP CZ3  C Y N 311 
TRP CH2  C Y N 312 
TRP OXT  O N N 313 
TRP H    H N N 314 
TRP H2   H N N 315 
TRP HA   H N N 316 
TRP HB2  H N N 317 
TRP HB3  H N N 318 
TRP HD1  H N N 319 
TRP HE1  H N N 320 
TRP HE3  H N N 321 
TRP HZ2  H N N 322 
TRP HZ3  H N N 323 
TRP HH2  H N N 324 
TRP HXT  H N N 325 
VAL N    N N N 326 
VAL CA   C N S 327 
VAL C    C N N 328 
VAL O    O N N 329 
VAL CB   C N N 330 
VAL CG1  C N N 331 
VAL CG2  C N N 332 
VAL OXT  O N N 333 
VAL H    H N N 334 
VAL H2   H N N 335 
VAL HA   H N N 336 
VAL HB   H N N 337 
VAL HG11 H N N 338 
VAL HG12 H N N 339 
VAL HG13 H N N 340 
VAL HG21 H N N 341 
VAL HG22 H N N 342 
VAL HG23 H N N 343 
VAL HXT  H N N 344 
# 
loop_
_chem_comp_bond.comp_id 
_chem_comp_bond.atom_id_1 
_chem_comp_bond.atom_id_2 
_chem_comp_bond.value_order 
_chem_comp_bond.pdbx_aromatic_flag 
_chem_comp_bond.pdbx_stereo_config 
_chem_comp_bond.pdbx_ordinal 
ALA N   CA   sing N N 1   
ALA N   H    sing N N 2   
ALA N   H2   sing N N 3   
ALA CA  C    sing N N 4   
ALA CA  CB   sing N N 5   
ALA CA  HA   sing N N 6   
ALA C   O    doub N N 7   
ALA C   OXT  sing N N 8   
ALA CB  HB1  sing N N 9   
ALA CB  HB2  sing N N 10  
ALA CB  HB3  sing N N 11  
ALA OXT HXT  sing N N 12  
ARG N   CA   sing N N 13  
ARG N   H    sing N N 14  
ARG N   H2   sing N N 15  
ARG CA  C    sing N N 16  
ARG CA  CB   sing N N 17  
ARG CA  HA   sing N N 18  
ARG C   O    doub N N 19  
ARG C   OXT  sing N N 20  
ARG CB  CG   sing N N 21  
ARG CB  HB2  sing N N 22  
ARG CB  HB3  sing N N 23  
ARG CG  CD   sing N N 24  
ARG CG  HG2  sing N N 25  
ARG CG  HG3  sing N N 26  
ARG CD  NE   sing N N 27  
ARG CD  HD2  sing N N 28  
ARG CD  HD3  sing N N 29  
ARG NE  CZ   sing N N 30  
ARG NE  HE   sing N N 31  
ARG CZ  NH1  sing N N 32  
ARG CZ  NH2  doub N N 33  
ARG NH1 HH11 sing N N 34  
ARG NH1 HH12 sing N N 35  
ARG NH2 HH21 sing N N 36  
ARG NH2 HH22 sing N N 37  
ARG OXT HXT  sing N N 38  
ASN N   CA   sing N N 39  
ASN N   H    sing N N 40  
ASN N   H2   sing N N 41  
ASN CA  C    sing N N 42  
ASN CA  CB   sing N N 43  
ASN CA  HA   sing N N 44  
ASN C   O    doub N N 45  
ASN C   OXT  sing N N 46  
ASN CB  CG   sing N N 47  
ASN CB  HB2  sing N N 48  
ASN CB  HB3  sing N N 49  
ASN CG  OD1  doub N N 50  
ASN CG  ND2  sing N N 51  
ASN ND2 HD21 sing N N 52  
ASN ND2 HD22 sing N N 53  
ASN OXT HXT  sing N N 54  
ASP N   CA   sing N N 55  
ASP N   H    sing N N 56  
ASP N   H2   sing N N 57  
ASP CA  C    sing N N 58  
ASP CA  CB   sing N N 59  
ASP CA  HA   sing N N 60  
ASP C   O    doub N N 61  
ASP C   OXT  sing N N 62  
ASP CB  CG   sing N N 63  
ASP CB  HB2  sing N N 64  
ASP CB  HB3  sing N N 65  
ASP CG  OD1  doub N N 66  
ASP CG  OD2  sing N N 67  
ASP OD2 HD2  sing N N 68  
ASP OXT HXT  sing N N 69  
CYS N   CA   sing N N 70  
CYS N   H    sing N N 71  
CYS N   H2   sing N N 72  
CYS CA  C    sing N N 73  
CYS CA  CB   sing N N 74  
CYS CA  HA   sing N N 75  
CYS C   O    doub N N 76  
CYS C   OXT  sing N N 77  
CYS CB  SG   sing N N 78  
CYS CB  HB2  sing N N 79  
CYS CB  HB3  sing N N 80  
CYS SG  HG   sing N N 81  
CYS OXT HXT  sing N N 82  
GLN N   CA   sing N N 83  
GLN N   H    sing N N 84  
GLN N   H2   sing N N 85  
GLN CA  C    sing N N 86  
GLN CA  CB   sing N N 87  
GLN CA  HA   sing N N 88  
GLN C   O    doub N N 89  
GLN C   OXT  sing N N 90  
GLN CB  CG   sing N N 91  
GLN CB  HB2  sing N N 92  
GLN CB  HB3  sing N N 93  
GLN CG  CD   sing N N 94  
GLN CG  HG2  sing N N 95  
GLN CG  HG3  sing N N 96  
GLN CD  OE1  doub N N 97  
GLN CD  NE2  sing N N 98  
GLN NE2 HE21 sing N N 99  
GLN NE2 HE22 sing N N 100 
GLN OXT HXT  sing N N 101 
GLU N   CA   sing N N 102 
GLU N   H    sing N N 103 
GLU N   H2   sing N N 104 
GLU CA  C    sing N N 105 
GLU CA  CB   sing N N 106 
GLU CA  HA   sing N N 107 
GLU C   O    doub N N 108 
GLU C   OXT  sing N N 109 
GLU CB  CG   sing N N 110 
GLU CB  HB2  sing N N 111 
GLU CB  HB3  sing N N 112 
GLU CG  CD   sing N N 113 
GLU CG  HG2  sing N N 114 
GLU CG  HG3  sing N N 115 
GLU CD  OE1  doub N N 116 
GLU CD  OE2  sing N N 117 
GLU OE2 HE2  sing N N 118 
GLU OXT HXT  sing N N 119 
GLY N   CA   sing N N 120 
GLY N   H    sing N N 121 
GLY N   H2   sing N N 122 
GLY CA  C    sing N N 123 
GLY CA  HA2  sing N N 124 
GLY CA  HA3  sing N N 125 
GLY C   O    doub N N 126 
GLY C   OXT  sing N N 127 
GLY OXT HXT  sing N N 128 
HIS N   CA   sing N N 129 
HIS N   H    sing N N 130 
HIS N   H2   sing N N 131 
HIS CA  C    sing N N 132 
HIS CA  CB   sing N N 133 
HIS CA  HA   sing N N 134 
HIS C   O    doub N N 135 
HIS C   OXT  sing N N 136 
HIS CB  CG   sing N N 137 
HIS CB  HB2  sing N N 138 
HIS CB  HB3  sing N N 139 
HIS CG  ND1  sing Y N 140 
HIS CG  CD2  doub Y N 141 
HIS ND1 CE1  doub Y N 142 
HIS ND1 HD1  sing N N 143 
HIS CD2 NE2  sing Y N 144 
HIS CD2 HD2  sing N N 145 
HIS CE1 NE2  sing Y N 146 
HIS CE1 HE1  sing N N 147 
HIS NE2 HE2  sing N N 148 
HIS OXT HXT  sing N N 149 
HOH O   H1   sing N N 150 
HOH O   H2   sing N N 151 
LEU N   CA   sing N N 152 
LEU N   H    sing N N 153 
LEU N   H2   sing N N 154 
LEU CA  C    sing N N 155 
LEU CA  CB   sing N N 156 
LEU CA  HA   sing N N 157 
LEU C   O    doub N N 158 
LEU C   OXT  sing N N 159 
LEU CB  CG   sing N N 160 
LEU CB  HB2  sing N N 161 
LEU CB  HB3  sing N N 162 
LEU CG  CD1  sing N N 163 
LEU CG  CD2  sing N N 164 
LEU CG  HG   sing N N 165 
LEU CD1 HD11 sing N N 166 
LEU CD1 HD12 sing N N 167 
LEU CD1 HD13 sing N N 168 
LEU CD2 HD21 sing N N 169 
LEU CD2 HD22 sing N N 170 
LEU CD2 HD23 sing N N 171 
LEU OXT HXT  sing N N 172 
LYS N   CA   sing N N 173 
LYS N   H    sing N N 174 
LYS N   H2   sing N N 175 
LYS CA  C    sing N N 176 
LYS CA  CB   sing N N 177 
LYS CA  HA   sing N N 178 
LYS C   O    doub N N 179 
LYS C   OXT  sing N N 180 
LYS CB  CG   sing N N 181 
LYS CB  HB2  sing N N 182 
LYS CB  HB3  sing N N 183 
LYS CG  CD   sing N N 184 
LYS CG  HG2  sing N N 185 
LYS CG  HG3  sing N N 186 
LYS CD  CE   sing N N 187 
LYS CD  HD2  sing N N 188 
LYS CD  HD3  sing N N 189 
LYS CE  NZ   sing N N 190 
LYS CE  HE2  sing N N 191 
LYS CE  HE3  sing N N 192 
LYS NZ  HZ1  sing N N 193 
LYS NZ  HZ2  sing N N 194 
LYS NZ  HZ3  sing N N 195 
LYS OXT HXT  sing N N 196 
MET N   CA   sing N N 197 
MET N   H    sing N N 198 
MET N   H2   sing N N 199 
MET CA  C    sing N N 200 
MET CA  CB   sing N N 201 
MET CA  HA   sing N N 202 
MET C   O    doub N N 203 
MET C   OXT  sing N N 204 
MET CB  CG   sing N N 205 
MET CB  HB2  sing N N 206 
MET CB  HB3  sing N N 207 
MET CG  SD   sing N N 208 
MET CG  HG2  sing N N 209 
MET CG  HG3  sing N N 210 
MET SD  CE   sing N N 211 
MET CE  HE1  sing N N 212 
MET CE  HE2  sing N N 213 
MET CE  HE3  sing N N 214 
MET OXT HXT  sing N N 215 
PHE N   CA   sing N N 216 
PHE N   H    sing N N 217 
PHE N   H2   sing N N 218 
PHE CA  C    sing N N 219 
PHE CA  CB   sing N N 220 
PHE CA  HA   sing N N 221 
PHE C   O    doub N N 222 
PHE C   OXT  sing N N 223 
PHE CB  CG   sing N N 224 
PHE CB  HB2  sing N N 225 
PHE CB  HB3  sing N N 226 
PHE CG  CD1  doub Y N 227 
PHE CG  CD2  sing Y N 228 
PHE CD1 CE1  sing Y N 229 
PHE CD1 HD1  sing N N 230 
PHE CD2 CE2  doub Y N 231 
PHE CD2 HD2  sing N N 232 
PHE CE1 CZ   doub Y N 233 
PHE CE1 HE1  sing N N 234 
PHE CE2 CZ   sing Y N 235 
PHE CE2 HE2  sing N N 236 
PHE CZ  HZ   sing N N 237 
PHE OXT HXT  sing N N 238 
PRO N   CA   sing N N 239 
PRO N   CD   sing N N 240 
PRO N   H    sing N N 241 
PRO CA  C    sing N N 242 
PRO CA  CB   sing N N 243 
PRO CA  HA   sing N N 244 
PRO C   O    doub N N 245 
PRO C   OXT  sing N N 246 
PRO CB  CG   sing N N 247 
PRO CB  HB2  sing N N 248 
PRO CB  HB3  sing N N 249 
PRO CG  CD   sing N N 250 
PRO CG  HG2  sing N N 251 
PRO CG  HG3  sing N N 252 
PRO CD  HD2  sing N N 253 
PRO CD  HD3  sing N N 254 
PRO OXT HXT  sing N N 255 
SER N   CA   sing N N 256 
SER N   H    sing N N 257 
SER N   H2   sing N N 258 
SER CA  C    sing N N 259 
SER CA  CB   sing N N 260 
SER CA  HA   sing N N 261 
SER C   O    doub N N 262 
SER C   OXT  sing N N 263 
SER CB  OG   sing N N 264 
SER CB  HB2  sing N N 265 
SER CB  HB3  sing N N 266 
SER OG  HG   sing N N 267 
SER OXT HXT  sing N N 268 
THR N   CA   sing N N 269 
THR N   H    sing N N 270 
THR N   H2   sing N N 271 
THR CA  C    sing N N 272 
THR CA  CB   sing N N 273 
THR CA  HA   sing N N 274 
THR C   O    doub N N 275 
THR C   OXT  sing N N 276 
THR CB  OG1  sing N N 277 
THR CB  CG2  sing N N 278 
THR CB  HB   sing N N 279 
THR OG1 HG1  sing N N 280 
THR CG2 HG21 sing N N 281 
THR CG2 HG22 sing N N 282 
THR CG2 HG23 sing N N 283 
THR OXT HXT  sing N N 284 
TRP N   CA   sing N N 285 
TRP N   H    sing N N 286 
TRP N   H2   sing N N 287 
TRP CA  C    sing N N 288 
TRP CA  CB   sing N N 289 
TRP CA  HA   sing N N 290 
TRP C   O    doub N N 291 
TRP C   OXT  sing N N 292 
TRP CB  CG   sing N N 293 
TRP CB  HB2  sing N N 294 
TRP CB  HB3  sing N N 295 
TRP CG  CD1  doub Y N 296 
TRP CG  CD2  sing Y N 297 
TRP CD1 NE1  sing Y N 298 
TRP CD1 HD1  sing N N 299 
TRP CD2 CE2  doub Y N 300 
TRP CD2 CE3  sing Y N 301 
TRP NE1 CE2  sing Y N 302 
TRP NE1 HE1  sing N N 303 
TRP CE2 CZ2  sing Y N 304 
TRP CE3 CZ3  doub Y N 305 
TRP CE3 HE3  sing N N 306 
TRP CZ2 CH2  doub Y N 307 
TRP CZ2 HZ2  sing N N 308 
TRP CZ3 CH2  sing Y N 309 
TRP CZ3 HZ3  sing N N 310 
TRP CH2 HH2  sing N N 311 
TRP OXT HXT  sing N N 312 
VAL N   CA   sing N N 313 
VAL N   H    sing N N 314 
VAL N   H2   sing N N 315 
VAL CA  C    sing N N 316 
VAL CA  CB   sing N N 317 
VAL CA  HA   sing N N 318 
VAL C   O    doub N N 319 
VAL C   OXT  sing N N 320 
VAL CB  CG1  sing N N 321 
VAL CB  CG2  sing N N 322 
VAL CB  HB   sing N N 323 
VAL CG1 HG11 sing N N 324 
VAL CG1 HG12 sing N N 325 
VAL CG1 HG13 sing N N 326 
VAL CG2 HG21 sing N N 327 
VAL CG2 HG22 sing N N 328 
VAL CG2 HG23 sing N N 329 
VAL OXT HXT  sing N N 330 
# 
_pdbx_audit_support.funding_organization   'American Heart Association' 
_pdbx_audit_support.country                'United States' 
_pdbx_audit_support.grant_number           834497 
_pdbx_audit_support.ordinal                1 
# 
_pdbx_initial_refinement_model.id               1 
_pdbx_initial_refinement_model.entity_id_list   ? 
_pdbx_initial_refinement_model.type             'experimental model' 
_pdbx_initial_refinement_model.source_name      PDB 
_pdbx_initial_refinement_model.accession_code   2G7R 
_pdbx_initial_refinement_model.details          ? 
# 
_atom_sites.entry_id                    9BP2 
_atom_sites.Cartn_transf_matrix[1][1]   ? 
_atom_sites.Cartn_transf_matrix[1][2]   ? 
_atom_sites.Cartn_transf_matrix[1][3]   ? 
_atom_sites.Cartn_transf_matrix[2][1]   ? 
_atom_sites.Cartn_transf_matrix[2][2]   ? 
_atom_sites.Cartn_transf_matrix[2][3]   ? 
_atom_sites.Cartn_transf_matrix[3][1]   ? 
_atom_sites.Cartn_transf_matrix[3][2]   ? 
_atom_sites.Cartn_transf_matrix[3][3]   ? 
_atom_sites.Cartn_transf_vector[1]      ? 
_atom_sites.Cartn_transf_vector[2]      ? 
_atom_sites.Cartn_transf_vector[3]      ? 
_atom_sites.Cartn_transform_axes        ? 
_atom_sites.fract_transf_matrix[1][1]   0.02183768 
_atom_sites.fract_transf_matrix[1][2]   0.01636954 
_atom_sites.fract_transf_matrix[1][3]   0.00969583 
_atom_sites.fract_transf_matrix[2][1]   -0.00755860 
_atom_sites.fract_transf_matrix[2][2]   0.00483830 
_atom_sites.fract_transf_matrix[2][3]   0.00885551 
_atom_sites.fract_transf_matrix[3][1]   0.00310823 
_atom_sites.fract_transf_matrix[3][2]   -0.00845365 
_atom_sites.fract_transf_matrix[3][3]   0.00727176 
_atom_sites.fract_transf_vector[1]      0.263861 
_atom_sites.fract_transf_vector[2]      0.130681 
_atom_sites.fract_transf_vector[3]      0.168182 
_atom_sites.solution_primary            ? 
_atom_sites.solution_secondary          ? 
_atom_sites.solution_hydrogens          ? 
_atom_sites.special_details             ? 
# 
loop_
_atom_type.symbol 
C 
H 
N 
O 
S 
# 
loop_
_atom_site.group_PDB 
_atom_site.id 
_atom_site.type_symbol 
_atom_site.label_atom_id 
_atom_site.label_alt_id 
_atom_site.label_comp_id 
_atom_site.label_asym_id 
_atom_site.label_entity_id 
_atom_site.label_seq_id 
_atom_site.pdbx_PDB_ins_code 
_atom_site.Cartn_x 
_atom_site.Cartn_y 
_atom_site.Cartn_z 
_atom_site.occupancy 
_atom_site.B_iso_or_equiv 
_atom_site.pdbx_formal_charge 
_atom_site.auth_seq_id 
_atom_site.auth_comp_id 
_atom_site.auth_asym_id 
_atom_site.auth_atom_id 
_atom_site.pdbx_PDB_model_num 
ATOM   1    N N    . GLY A 1 18  ? -11.202 -15.880 -1.092  1.00 44.23  ? 0   GLY B N    1 
ATOM   2    C CA   . GLY A 1 18  ? -10.698 -14.567 -0.598  1.00 40.64  ? 0   GLY B CA   1 
ATOM   3    C C    . GLY A 1 18  ? -10.794 -13.482 -1.649  1.00 54.90  ? 0   GLY B C    1 
ATOM   4    O O    . GLY A 1 18  ? -10.243 -13.619 -2.742  1.00 47.80  ? 0   GLY B O    1 
ATOM   5    H H    . GLY A 1 18  ? -11.133 -16.486 -0.444  1.00 53.14  ? 0   GLY B H    1 
ATOM   6    H HA2  . GLY A 1 18  ? -11.218 -14.293 0.173   1.00 48.83  ? 0   GLY B HA2  1 
ATOM   7    H HA3  . GLY A 1 18  ? -9.768  -14.658 -0.336  1.00 48.83  ? 0   GLY B HA3  1 
ATOM   8    N N    . SER A 1 19  ? -11.504 -12.405 -1.327  1.00 36.86  ? 1   SER B N    1 
ATOM   9    C CA   . SER A 1 19  ? -11.699 -11.316 -2.275  1.00 41.26  ? 1   SER B CA   1 
ATOM   10   C C    . SER A 1 19  ? -10.489 -10.390 -2.255  1.00 47.38  ? 1   SER B C    1 
ATOM   11   O O    . SER A 1 19  ? -10.015 -9.993  -1.185  1.00 35.58  ? 1   SER B O    1 
ATOM   12   C CB   . SER A 1 19  ? -12.971 -10.541 -1.943  1.00 39.32  ? 1   SER B CB   1 
ATOM   13   O OG   . SER A 1 19  ? -13.412 -9.789  -3.064  1.00 50.92  ? 1   SER B OG   1 
ATOM   14   H H    . SER A 1 19  ? -11.883 -12.280 -0.565  1.00 44.30  ? 1   SER B H    1 
ATOM   15   H HA   . SER A 1 19  ? -11.793 -11.678 -3.170  1.00 49.58  ? 1   SER B HA   1 
ATOM   16   H HB2  . SER A 1 19  ? -13.666 -11.170 -1.692  1.00 47.25  ? 1   SER B HB2  1 
ATOM   17   H HB3  . SER A 1 19  ? -12.789 -9.936  -1.209  1.00 47.25  ? 1   SER B HB3  1 
ATOM   18   H HG   . SER A 1 19  ? -14.126 -9.387  -2.878  1.00 61.17  ? 1   SER B HG   1 
ATOM   19   N N    . THR A 1 20  ? -9.988  -10.051 -3.437  1.00 24.28  ? 2   THR B N    1 
ATOM   20   C CA   . THR A 1 20  ? -8.773  -9.262  -3.560  1.00 30.00  ? 2   THR B CA   1 
ATOM   21   C C    . THR A 1 20  ? -9.101  -7.773  -3.633  1.00 24.60  ? 2   THR B C    1 
ATOM   22   O O    . THR A 1 20  ? -10.218 -7.367  -3.966  1.00 19.76  ? 2   THR B O    1 
ATOM   23   C CB   . THR A 1 20  ? -7.980  -9.693  -4.795  1.00 27.64  ? 2   THR B CB   1 
ATOM   24   O OG1  . THR A 1 20  ? -8.779  -9.507  -5.970  1.00 23.25  ? 2   THR B OG1  1 
ATOM   25   C CG2  . THR A 1 20  ? -7.578  -11.157 -4.682  1.00 28.14  ? 2   THR B CG2  1 
ATOM   26   H H    . THR A 1 20  ? -10.339 -10.271 -4.191  1.00 29.20  ? 2   THR B H    1 
ATOM   27   H HA   . THR A 1 20  ? -8.216  -9.405  -2.778  1.00 36.07  ? 2   THR B HA   1 
ATOM   28   H HB   . THR A 1 20  ? -7.174  -9.157  -4.867  1.00 33.24  ? 2   THR B HB   1 
ATOM   29   H HG1  . THR A 1 20  ? -8.990  -8.697  -6.049  1.00 27.96  ? 2   THR B HG1  1 
ATOM   30   H HG21 . THR A 1 20  ? -6.908  -11.369 -5.350  1.00 33.84  ? 2   THR B HG21 1 
ATOM   31   H HG22 . THR A 1 20  ? -7.213  -11.333 -3.800  1.00 33.84  ? 2   THR B HG22 1 
ATOM   32   H HG23 . THR A 1 20  ? -8.353  -11.724 -4.821  1.00 33.84  ? 2   THR B HG23 1 
ATOM   33   N N    . LEU A 1 21  ? -8.086  -6.958  -3.333  1.00 23.97  ? 3   LEU B N    1 
ATOM   34   C CA   . LEU A 1 21  ? -8.301  -5.523  -3.188  1.00 21.03  ? 3   LEU B CA   1 
ATOM   35   C C    . LEU A 1 21  ? -8.838  -4.901  -4.473  1.00 15.44  ? 3   LEU B C    1 
ATOM   36   O O    . LEU A 1 21  ? -9.634  -3.956  -4.434  1.00 16.83  ? 3   LEU B O    1 
ATOM   37   C CB   . LEU A 1 21  ? -7.001  -4.837  -2.779  1.00 24.27  ? 3   LEU B CB   1 
ATOM   38   C CG   . LEU A 1 21  ? -6.419  -5.189  -1.415  1.00 21.34  ? 3   LEU B CG   1 
ATOM   39   C CD1  . LEU A 1 21  ? -5.133  -4.397  -1.196  1.00 13.05  ? 3   LEU B CD1  1 
ATOM   40   C CD2  . LEU A 1 21  ? -7.415  -4.920  -0.304  1.00 25.31  ? 3   LEU B CD2  1 
ATOM   41   H H    . LEU A 1 21  ? -7.274  -7.210  -3.209  1.00 28.83  ? 3   LEU B H    1 
ATOM   42   H HA   . LEU A 1 21  ? -8.956  -5.381  -2.488  1.00 25.30  ? 3   LEU B HA   1 
ATOM   43   H HB2  . LEU A 1 21  ? -6.327  -5.062  -3.439  1.00 29.19  ? 3   LEU B HB2  1 
ATOM   44   H HB3  . LEU A 1 21  ? -7.158  -3.880  -2.779  1.00 29.19  ? 3   LEU B HB3  1 
ATOM   45   H HG   . LEU A 1 21  ? -6.215  -6.138  -1.386  1.00 25.68  ? 3   LEU B HG   1 
ATOM   46   H HD11 . LEU A 1 21  ? -4.762  -4.630  -0.332  1.00 15.72  ? 3   LEU B HD11 1 
ATOM   47   H HD12 . LEU A 1 21  ? -4.502  -4.619  -1.898  1.00 15.72  ? 3   LEU B HD12 1 
ATOM   48   H HD13 . LEU A 1 21  ? -5.337  -3.449  -1.223  1.00 15.72  ? 3   LEU B HD13 1 
ATOM   49   H HD21 . LEU A 1 21  ? -6.968  -5.020  0.551   1.00 30.44  ? 3   LEU B HD21 1 
ATOM   50   H HD22 . LEU A 1 21  ? -7.754  -4.017  -0.396  1.00 30.44  ? 3   LEU B HD22 1 
ATOM   51   H HD23 . LEU A 1 21  ? -8.144  -5.556  -0.372  1.00 30.44  ? 3   LEU B HD23 1 
ATOM   52   N N    . ASN A 1 22  ? -8.392  -5.395  -5.630  1.00 18.52  ? 4   ASN B N    1 
ATOM   53   C CA   . ASN A 1 22  ? -8.822  -4.800  -6.892  1.00 19.96  ? 4   ASN B CA   1 
ATOM   54   C C    . ASN A 1 22  ? -10.292 -5.059  -7.199  1.00 24.42  ? 4   ASN B C    1 
ATOM   55   O O    . ASN A 1 22  ? -10.826 -4.448  -8.133  1.00 25.12  ? 4   ASN B O    1 
ATOM   56   C CB   . ASN A 1 22  ? -7.959  -5.316  -8.049  1.00 20.69  ? 4   ASN B CB   1 
ATOM   57   C CG   . ASN A 1 22  ? -7.873  -6.828  -8.085  1.00 21.49  ? 4   ASN B CG   1 
ATOM   58   O OD1  . ASN A 1 22  ? -7.759  -7.478  -7.048  1.00 24.75  ? 4   ASN B OD1  1 
ATOM   59   N ND2  . ASN A 1 22  ? -7.925  -7.395  -9.284  1.00 32.81  ? 4   ASN B ND2  1 
ATOM   60   H H    . ASN A 1 22  ? -7.852  -6.059  -5.707  1.00 22.28  ? 4   ASN B H    1 
ATOM   61   H HA   . ASN A 1 22  ? -8.692  -3.841  -6.831  1.00 24.02  ? 4   ASN B HA   1 
ATOM   62   H HB2  . ASN A 1 22  ? -8.344  -5.017  -8.888  1.00 24.89  ? 4   ASN B HB2  1 
ATOM   63   H HB3  . ASN A 1 22  ? -7.060  -4.966  -7.954  1.00 24.89  ? 4   ASN B HB3  1 
ATOM   64   H HD21 . ASN A 1 22  ? -8.004  -6.907  -9.988  1.00 39.43  ? 4   ASN B HD21 1 
ATOM   65   H HD22 . ASN A 1 22  ? -7.880  -8.251  -9.358  1.00 39.43  ? 4   ASN B HD22 1 
ATOM   66   N N    . ARG A 1 23  ? -10.958 -5.932  -6.442  1.00 26.92  ? 5   ARG B N    1 
ATOM   67   C CA   . ARG A 1 23  ? -12.368 -6.226  -6.653  1.00 16.58  ? 5   ARG B CA   1 
ATOM   68   C C    . ARG A 1 23  ? -13.275 -5.567  -5.621  1.00 21.36  ? 5   ARG B C    1 
ATOM   69   O O    . ARG A 1 23  ? -14.491 -5.769  -5.668  1.00 21.35  ? 5   ARG B O    1 
ATOM   70   C CB   . ARG A 1 23  ? -12.602 -7.737  -6.645  1.00 19.96  ? 5   ARG B CB   1 
ATOM   71   C CG   . ARG A 1 23  ? -11.892 -8.489  -7.765  1.00 26.20  ? 5   ARG B CG   1 
ATOM   72   C CD   . ARG A 1 23  ? -12.230 -7.924  -9.136  1.00 24.81  ? 5   ARG B CD   1 
ATOM   73   N NE   . ARG A 1 23  ? -11.529 -8.642  -10.197 1.00 30.68  ? 5   ARG B NE   1 
ATOM   74   C CZ   . ARG A 1 23  ? -11.408 -8.210  -11.445 1.00 38.39  ? 5   ARG B CZ   1 
ATOM   75   N NH1  . ARG A 1 23  ? -11.922 -7.051  -11.829 1.00 41.49  ? 5   ARG B NH1  1 
ATOM   76   N NH2  . ARG A 1 23  ? -10.751 -8.955  -12.330 1.00 34.44  ? 5   ARG B NH2  1 
ATOM   77   H H    . ARG A 1 23  ? -10.605 -6.371  -5.793  1.00 32.37  ? 5   ARG B H    1 
ATOM   78   H HA   . ARG A 1 23  ? -12.620 -5.890  -7.528  1.00 19.96  ? 5   ARG B HA   1 
ATOM   79   H HB2  . ARG A 1 23  ? -12.283 -8.096  -5.803  1.00 24.01  ? 5   ARG B HB2  1 
ATOM   80   H HB3  . ARG A 1 23  ? -13.553 -7.904  -6.736  1.00 24.01  ? 5   ARG B HB3  1 
ATOM   81   H HG2  . ARG A 1 23  ? -10.933 -8.420  -7.636  1.00 31.50  ? 5   ARG B HG2  1 
ATOM   82   H HG3  . ARG A 1 23  ? -12.164 -9.420  -7.746  1.00 31.50  ? 5   ARG B HG3  1 
ATOM   83   H HD2  . ARG A 1 23  ? -13.184 -8.006  -9.292  1.00 29.84  ? 5   ARG B HD2  1 
ATOM   84   H HD3  . ARG A 1 23  ? -11.967 -6.991  -9.174  1.00 29.84  ? 5   ARG B HD3  1 
ATOM   85   H HE   . ARG A 1 23  ? -11.168 -9.396  -9.999  1.00 36.88  ? 5   ARG B HE   1 
ATOM   86   H HH11 . ARG A 1 23  ? -12.345 -6.560  -11.264 1.00 49.85  ? 5   ARG B HH11 1 
ATOM   87   H HH12 . ARG A 1 23  ? -11.832 -6.790  -12.643 1.00 49.85  ? 5   ARG B HH12 1 
ATOM   88   H HH21 . ARG A 1 23  ? -10.411 -9.707  -12.089 1.00 41.39  ? 5   ARG B HH21 1 
ATOM   89   H HH22 . ARG A 1 23  ? -10.668 -8.685  -13.142 1.00 41.39  ? 5   ARG B HH22 1 
ATOM   90   N N    . LEU A 1 24  ? -12.721 -4.798  -4.687  1.00 20.45  ? 6   LEU B N    1 
ATOM   91   C CA   . LEU A 1 24  ? -13.557 -4.009  -3.796  1.00 28.37  ? 6   LEU B CA   1 
ATOM   92   C C    . LEU A 1 24  ? -14.373 -3.008  -4.610  1.00 30.85  ? 6   LEU B C    1 
ATOM   93   O O    . LEU A 1 24  ? -13.956 -2.564  -5.684  1.00 34.91  ? 6   LEU B O    1 
ATOM   94   C CB   . LEU A 1 24  ? -12.704 -3.267  -2.774  1.00 22.03  ? 6   LEU B CB   1 
ATOM   95   C CG   . LEU A 1 24  ? -11.847 -4.116  -1.835  1.00 27.75  ? 6   LEU B CG   1 
ATOM   96   C CD1  . LEU A 1 24  ? -11.070 -3.220  -0.880  1.00 22.96  ? 6   LEU B CD1  1 
ATOM   97   C CD2  . LEU A 1 24  ? -12.708 -5.104  -1.069  1.00 38.74  ? 6   LEU B CD2  1 
ATOM   98   H H    . LEU A 1 24  ? -11.875 -4.720  -4.552  1.00 24.61  ? 6   LEU B H    1 
ATOM   99   H HA   . LEU A 1 24  ? -14.161 -4.593  -3.312  1.00 34.11  ? 6   LEU B HA   1 
ATOM   100  H HB2  . LEU A 1 24  ? -12.099 -2.683  -3.257  1.00 26.50  ? 6   LEU B HB2  1 
ATOM   101  H HB3  . LEU A 1 24  ? -13.298 -2.741  -2.216  1.00 26.50  ? 6   LEU B HB3  1 
ATOM   102  H HG   . LEU A 1 24  ? -11.210 -4.626  -2.359  1.00 33.36  ? 6   LEU B HG   1 
ATOM   103  H HD11 . LEU A 1 24  ? -10.475 -3.770  -0.345  1.00 27.62  ? 6   LEU B HD11 1 
ATOM   104  H HD12 . LEU A 1 24  ? -10.553 -2.582  -1.396  1.00 27.62  ? 6   LEU B HD12 1 
ATOM   105  H HD13 . LEU A 1 24  ? -11.695 -2.753  -0.306  1.00 27.62  ? 6   LEU B HD13 1 
ATOM   106  H HD21 . LEU A 1 24  ? -12.141 -5.630  -0.484  1.00 46.55  ? 6   LEU B HD21 1 
ATOM   107  H HD22 . LEU A 1 24  ? -13.360 -4.615  -0.545  1.00 46.55  ? 6   LEU B HD22 1 
ATOM   108  H HD23 . LEU A 1 24  ? -13.160 -5.686  -1.701  1.00 46.55  ? 6   LEU B HD23 1 
ATOM   109  N N    . ARG A 1 25  ? -15.553 -2.662  -4.098  1.00 30.15  ? 7   ARG B N    1 
ATOM   110  C CA   . ARG A 1 25  ? -16.328 -1.593  -4.712  1.00 36.25  ? 7   ARG B CA   1 
ATOM   111  C C    . ARG A 1 25  ? -15.458 -0.350  -4.845  1.00 26.18  ? 7   ARG B C    1 
ATOM   112  O O    . ARG A 1 25  ? -14.599 -0.076  -4.001  1.00 22.68  ? 7   ARG B O    1 
ATOM   113  C CB   . ARG A 1 25  ? -17.571 -1.275  -3.881  1.00 41.05  ? 7   ARG B CB   1 
ATOM   114  C CG   . ARG A 1 25  ? -18.457 -2.471  -3.586  1.00 45.25  ? 7   ARG B CG   1 
ATOM   115  C CD   . ARG A 1 25  ? -19.927 -2.077  -3.588  1.00 53.40  ? 7   ARG B CD   1 
ATOM   116  N NE   . ARG A 1 25  ? -20.568 -2.400  -4.857  1.00 80.89  ? 7   ARG B NE   1 
ATOM   117  C CZ   . ARG A 1 25  ? -21.772 -1.982  -5.223  1.00 96.20  ? 7   ARG B CZ   1 
ATOM   118  N NH1  . ARG A 1 25  ? -22.491 -1.184  -4.449  1.00 90.70  ? 7   ARG B NH1  1 
ATOM   119  N NH2  . ARG A 1 25  ? -22.265 -2.368  -6.396  1.00 96.86  ? 7   ARG B NH2  1 
ATOM   120  H H    . ARG A 1 25  ? -15.917 -3.024  -3.410  1.00 36.25  ? 7   ARG B H    1 
ATOM   121  H HA   . ARG A 1 25  ? -16.631 -1.870  -5.591  1.00 43.56  ? 7   ARG B HA   1 
ATOM   122  H HB2  . ARG A 1 25  ? -17.287 -0.904  -3.031  1.00 49.33  ? 7   ARG B HB2  1 
ATOM   123  H HB3  . ARG A 1 25  ? -18.108 -0.627  -4.364  1.00 49.33  ? 7   ARG B HB3  1 
ATOM   124  H HG2  . ARG A 1 25  ? -18.320 -3.150  -4.266  1.00 54.37  ? 7   ARG B HG2  1 
ATOM   125  H HG3  . ARG A 1 25  ? -18.235 -2.828  -2.711  1.00 54.37  ? 7   ARG B HG3  1 
ATOM   126  H HD2  . ARG A 1 25  ? -20.389 -2.557  -2.882  1.00 64.14  ? 7   ARG B HD2  1 
ATOM   127  H HD3  . ARG A 1 25  ? -20.002 -1.120  -3.443  1.00 64.14  ? 7   ARG B HD3  1 
ATOM   128  H HE   . ARG A 1 25  ? -20.134 -2.898  -5.408  1.00 97.14  ? 7   ARG B HE   1 
ATOM   129  H HH11 . ARG A 1 25  ? -22.179 -0.926  -3.691  1.00 108.91 ? 7   ARG B HH11 1 
ATOM   130  H HH12 . ARG A 1 25  ? -23.270 -0.924  -4.705  1.00 108.91 ? 7   ARG B HH12 1 
ATOM   131  H HH21 . ARG A 1 25  ? -21.804 -2.884  -6.906  1.00 116.30 ? 7   ARG B HH21 1 
ATOM   132  H HH22 . ARG A 1 25  ? -23.045 -2.104  -6.643  1.00 116.30 ? 7   ARG B HH22 1 
ATOM   133  N N    . GLU A 1 26  ? -15.688 0.414   -5.897  1.00 37.61  ? 8   GLU B N    1 
ATOM   134  C CA   . GLU A 1 26  ? -14.803 1.522   -6.206  1.00 41.70  ? 8   GLU B CA   1 
ATOM   135  C C    . GLU A 1 26  ? -14.847 2.641   -5.155  1.00 40.03  ? 8   GLU B C    1 
ATOM   136  O O    . GLU A 1 26  ? -13.818 3.221   -4.842  1.00 37.46  ? 8   GLU B O    1 
ATOM   137  C CB   . GLU A 1 26  ? -15.119 2.108   -7.582  1.00 50.40  ? 8   GLU B CB   1 
ATOM   138  C CG   . GLU A 1 26  ? -13.895 2.231   -8.485  1.00 64.51  ? 8   GLU B CG   1 
ATOM   139  C CD   . GLU A 1 26  ? -13.201 0.900   -8.709  1.00 64.30  ? 8   GLU B CD   1 
ATOM   140  O OE1  . GLU A 1 26  ? -13.900 -0.108  -8.942  1.00 64.01  ? 8   GLU B OE1  1 
ATOM   141  O OE2  . GLU A 1 26  ? -11.954 0.860   -8.636  1.00 63.04  ? 8   GLU B OE2  1 
ATOM   142  H H    . GLU A 1 26  ? -16.345 0.313   -6.442  1.00 45.20  ? 8   GLU B H    1 
ATOM   143  H HA   . GLU A 1 26  ? -13.901 1.164   -6.198  1.00 50.10  ? 8   GLU B HA   1 
ATOM   144  H HB2  . GLU A 1 26  ? -15.760 1.532   -8.027  1.00 60.55  ? 8   GLU B HB2  1 
ATOM   145  H HB3  . GLU A 1 26  ? -15.494 2.994   -7.466  1.00 60.55  ? 8   GLU B HB3  1 
ATOM   146  H HG2  . GLU A 1 26  ? -14.172 2.575   -9.349  1.00 77.48  ? 8   GLU B HG2  1 
ATOM   147  H HG3  . GLU A 1 26  ? -13.258 2.837   -8.074  1.00 77.48  ? 8   GLU B HG3  1 
ATOM   148  N N    . PRO A 1 27  ? -16.020 2.980   -4.596  1.00 34.91  ? 9   PRO B N    1 
ATOM   149  C CA   . PRO A 1 27  ? -16.011 4.034   -3.553  1.00 33.13  ? 9   PRO B CA   1 
ATOM   150  C C    . PRO A 1 27  ? -15.173 3.650   -2.342  1.00 28.45  ? 9   PRO B C    1 
ATOM   151  O O    . PRO A 1 27  ? -14.451 4.490   -1.783  1.00 36.51  ? 9   PRO B O    1 
ATOM   152  C CB   . PRO A 1 27  ? -17.499 4.207   -3.204  1.00 30.95  ? 9   PRO B CB   1 
ATOM   153  C CG   . PRO A 1 27  ? -18.241 3.678   -4.405  1.00 32.60  ? 9   PRO B CG   1 
ATOM   154  C CD   . PRO A 1 27  ? -17.391 2.544   -4.925  1.00 38.75  ? 9   PRO B CD   1 
ATOM   155  H HA   . PRO A 1 27  ? -15.682 4.868   -3.923  1.00 39.83  ? 9   PRO B HA   1 
ATOM   156  H HB2  . PRO A 1 27  ? -17.714 3.695   -2.408  1.00 37.21  ? 9   PRO B HB2  1 
ATOM   157  H HB3  . PRO A 1 27  ? -17.698 5.145   -3.057  1.00 37.21  ? 9   PRO B HB3  1 
ATOM   158  H HG2  . PRO A 1 27  ? -19.116 3.358   -4.138  1.00 39.18  ? 9   PRO B HG2  1 
ATOM   159  H HG3  . PRO A 1 27  ? -18.331 4.376   -5.071  1.00 39.18  ? 9   PRO B HG3  1 
ATOM   160  H HD2  . PRO A 1 27  ? -17.609 1.714   -4.475  1.00 46.57  ? 9   PRO B HD2  1 
ATOM   161  H HD3  . PRO A 1 27  ? -17.500 2.442   -5.883  1.00 46.57  ? 9   PRO B HD3  1 
ATOM   162  N N    . LEU A 1 28  ? -15.236 2.381   -1.934  1.00 29.48  ? 10  LEU B N    1 
ATOM   163  C CA   . LEU A 1 28  ? -14.405 1.912   -0.828  1.00 32.73  ? 10  LEU B CA   1 
ATOM   164  C C    . LEU A 1 28  ? -12.925 1.985   -1.185  1.00 26.49  ? 10  LEU B C    1 
ATOM   165  O O    . LEU A 1 28  ? -12.104 2.466   -0.392  1.00 28.93  ? 10  LEU B O    1 
ATOM   166  C CB   . LEU A 1 28  ? -14.795 0.481   -0.456  1.00 26.30  ? 10  LEU B CB   1 
ATOM   167  C CG   . LEU A 1 28  ? -13.923 -0.190  0.603   1.00 28.14  ? 10  LEU B CG   1 
ATOM   168  C CD1  . LEU A 1 28  ? -13.944 0.618   1.891   1.00 32.02  ? 10  LEU B CD1  1 
ATOM   169  C CD2  . LEU A 1 28  ? -14.380 -1.619  0.851   1.00 48.71  ? 10  LEU B CD2  1 
ATOM   170  H H    . LEU A 1 28  ? -15.745 1.779   -2.277  1.00 35.44  ? 10  LEU B H    1 
ATOM   171  H HA   . LEU A 1 28  ? -14.558 2.480   -0.058  1.00 39.34  ? 10  LEU B HA   1 
ATOM   172  H HB2  . LEU A 1 28  ? -15.704 0.492   -0.117  1.00 31.63  ? 10  LEU B HB2  1 
ATOM   173  H HB3  . LEU A 1 28  ? -14.747 -0.064  -1.257  1.00 31.63  ? 10  LEU B HB3  1 
ATOM   174  H HG   . LEU A 1 28  ? -13.006 -0.228  0.285   1.00 33.83  ? 10  LEU B HG   1 
ATOM   175  H HD11 . LEU A 1 28  ? -13.465 0.130   2.578   1.00 38.48  ? 10  LEU B HD11 1 
ATOM   176  H HD12 . LEU A 1 28  ? -13.514 1.473   1.734   1.00 38.48  ? 10  LEU B HD12 1 
ATOM   177  H HD13 . LEU A 1 28  ? -14.865 0.755   2.162   1.00 38.48  ? 10  LEU B HD13 1 
ATOM   178  H HD21 . LEU A 1 28  ? -13.815 -2.018  1.532   1.00 58.52  ? 10  LEU B HD21 1 
ATOM   179  H HD22 . LEU A 1 28  ? -15.302 -1.607  1.151   1.00 58.52  ? 10  LEU B HD22 1 
ATOM   180  H HD23 . LEU A 1 28  ? -14.307 -2.122  0.025   1.00 58.52  ? 10  LEU B HD23 1 
ATOM   181  N N    . LEU A 1 29  ? -12.559 1.469   -2.363  1.00 26.13  ? 11  LEU B N    1 
ATOM   182  C CA   . LEU A 1 29  ? -11.180 1.581   -2.823  1.00 28.09  ? 11  LEU B CA   1 
ATOM   183  C C    . LEU A 1 29  ? -10.716 3.029   -2.802  1.00 25.19  ? 11  LEU B C    1 
ATOM   184  O O    . LEU A 1 29  ? -9.598  3.330   -2.367  1.00 26.01  ? 11  LEU B O    1 
ATOM   185  C CB   . LEU A 1 29  ? -11.050 1.011   -4.235  1.00 22.65  ? 11  LEU B CB   1 
ATOM   186  C CG   . LEU A 1 29  ? -10.236 -0.267  -4.431  1.00 35.46  ? 11  LEU B CG   1 
ATOM   187  C CD1  . LEU A 1 29  ? -10.251 -0.673  -5.909  1.00 38.99  ? 11  LEU B CD1  1 
ATOM   188  C CD2  . LEU A 1 29  ? -8.815  -0.105  -3.940  1.00 19.90  ? 11  LEU B CD2  1 
ATOM   189  H H    . LEU A 1 29  ? -13.084 1.057   -2.904  1.00 31.42  ? 11  LEU B H    1 
ATOM   190  H HA   . LEU A 1 29  ? -10.609 1.063   -2.235  1.00 33.77  ? 11  LEU B HA   1 
ATOM   191  H HB2  . LEU A 1 29  ? -11.945 0.821   -4.558  1.00 27.25  ? 11  LEU B HB2  1 
ATOM   192  H HB3  . LEU A 1 29  ? -10.634 1.691   -4.789  1.00 27.25  ? 11  LEU B HB3  1 
ATOM   193  H HG   . LEU A 1 29  ? -10.641 -0.974  -3.906  1.00 42.62  ? 11  LEU B HG   1 
ATOM   194  H HD11 . LEU A 1 29  ? -9.722  -1.478  -6.020  1.00 46.85  ? 11  LEU B HD11 1 
ATOM   195  H HD12 . LEU A 1 29  ? -11.167 -0.838  -6.182  1.00 46.85  ? 11  LEU B HD12 1 
ATOM   196  H HD13 . LEU A 1 29  ? -9.873  0.047   -6.438  1.00 46.85  ? 11  LEU B HD13 1 
ATOM   197  H HD21 . LEU A 1 29  ? -8.281  -0.846  -4.267  1.00 23.95  ? 11  LEU B HD21 1 
ATOM   198  H HD22 . LEU A 1 29  ? -8.458  0.733   -4.276  1.00 23.95  ? 11  LEU B HD22 1 
ATOM   199  H HD23 . LEU A 1 29  ? -8.814  -0.099  -2.970  1.00 23.95  ? 11  LEU B HD23 1 
ATOM   200  N N    . ARG A 1 30  ? -11.576 3.946   -3.253  1.00 27.82  ? 12  ARG B N    1 
ATOM   201  C CA   . ARG A 1 30  ? -11.198 5.348   -3.349  1.00 28.61  ? 12  ARG B CA   1 
ATOM   202  C C    . ARG A 1 30  ? -10.973 5.952   -1.974  1.00 36.05  ? 12  ARG B C    1 
ATOM   203  O O    . ARG A 1 30  ? -10.003 6.688   -1.765  1.00 38.74  ? 12  ARG B O    1 
ATOM   204  C CB   . ARG A 1 30  ? -12.276 6.121   -4.107  1.00 40.35  ? 12  ARG B CB   1 
ATOM   205  C CG   . ARG A 1 30  ? -11.770 6.815   -5.358  1.00 50.75  ? 12  ARG B CG   1 
ATOM   206  C CD   . ARG A 1 30  ? -12.883 7.562   -6.093  1.00 47.70  ? 12  ARG B CD   1 
ATOM   207  N NE   . ARG A 1 30  ? -13.637 6.679   -6.973  1.00 44.03  ? 12  ARG B NE   1 
ATOM   208  C CZ   . ARG A 1 30  ? -14.910 6.349   -6.804  1.00 49.27  ? 12  ARG B CZ   1 
ATOM   209  N NH1  . ARG A 1 30  ? -15.637 6.867   -5.825  1.00 51.16  ? 12  ARG B NH1  1 
ATOM   210  N NH2  . ARG A 1 30  ? -15.470 5.480   -7.640  1.00 56.11  ? 12  ARG B NH2  1 
ATOM   211  H H    . ARG A 1 30  ? -12.381 3.779   -3.508  1.00 33.45  ? 12  ARG B H    1 
ATOM   212  H HA   . ARG A 1 30  ? -10.368 5.420   -3.846  1.00 34.39  ? 12  ARG B HA   1 
ATOM   213  H HB2  . ARG A 1 30  ? -12.974 5.503   -4.373  1.00 48.49  ? 12  ARG B HB2  1 
ATOM   214  H HB3  . ARG A 1 30  ? -12.643 6.801   -3.520  1.00 48.49  ? 12  ARG B HB3  1 
ATOM   215  H HG2  . ARG A 1 30  ? -11.086 7.457   -5.111  1.00 60.97  ? 12  ARG B HG2  1 
ATOM   216  H HG3  . ARG A 1 30  ? -11.400 6.153   -5.962  1.00 60.97  ? 12  ARG B HG3  1 
ATOM   217  H HD2  . ARG A 1 30  ? -13.496 7.940   -5.443  1.00 57.31  ? 12  ARG B HD2  1 
ATOM   218  H HD3  . ARG A 1 30  ? -12.492 8.267   -6.631  1.00 57.31  ? 12  ARG B HD3  1 
ATOM   219  H HE   . ARG A 1 30  ? -13.227 6.349   -7.653  1.00 52.90  ? 12  ARG B HE   1 
ATOM   220  H HH11 . ARG A 1 30  ? -15.286 7.433   -5.281  1.00 61.46  ? 12  ARG B HH11 1 
ATOM   221  H HH12 . ARG A 1 30  ? -16.461 6.638   -5.734  1.00 61.46  ? 12  ARG B HH12 1 
ATOM   222  H HH21 . ARG A 1 30  ? -15.007 5.141   -8.281  1.00 67.40  ? 12  ARG B HH21 1 
ATOM   223  H HH22 . ARG A 1 30  ? -16.295 5.257   -7.541  1.00 67.40  ? 12  ARG B HH22 1 
ATOM   224  N N    . ARG A 1 31  ? -11.862 5.659   -1.024  1.00 29.34  ? 13  ARG B N    1 
ATOM   225  C CA   . ARG A 1 31  ? -11.684 6.168   0.334   1.00 31.12  ? 13  ARG B CA   1 
ATOM   226  C C    . ARG A 1 31  ? -10.402 5.622   0.959   1.00 28.09  ? 13  ARG B C    1 
ATOM   227  O O    . ARG A 1 31  ? -9.615  6.371   1.558   1.00 22.76  ? 13  ARG B O    1 
ATOM   228  C CB   . ARG A 1 31  ? -12.899 5.806   1.186   1.00 29.61  ? 13  ARG B CB   1 
ATOM   229  C CG   . ARG A 1 31  ? -12.795 6.274   2.618   1.00 48.09  ? 13  ARG B CG   1 
ATOM   230  C CD   . ARG A 1 31  ? -12.839 7.793   2.733   1.00 50.40  ? 13  ARG B CD   1 
ATOM   231  N NE   . ARG A 1 31  ? -12.703 8.314   4.094   1.00 54.81  ? 13  ARG B NE   1 
ATOM   232  C CZ   . ARG A 1 31  ? -13.318 7.845   5.174   1.00 72.25  ? 13  ARG B CZ   1 
ATOM   233  N NH1  . ARG A 1 31  ? -14.039 6.741   5.142   1.00 57.22  ? 13  ARG B NH1  1 
ATOM   234  N NH2  . ARG A 1 31  ? -13.194 8.496   6.327   1.00 71.14  ? 13  ARG B NH2  1 
ATOM   235  H H    . ARG A 1 31  ? -12.565 5.175   -1.137  1.00 35.27  ? 13  ARG B H    1 
ATOM   236  H HA   . ARG A 1 31  ? -11.612 7.135   0.304   1.00 37.41  ? 13  ARG B HA   1 
ATOM   237  H HB2  . ARG A 1 31  ? -13.687 6.217   0.796   1.00 35.59  ? 13  ARG B HB2  1 
ATOM   238  H HB3  . ARG A 1 31  ? -12.999 4.842   1.195   1.00 35.59  ? 13  ARG B HB3  1 
ATOM   239  H HG2  . ARG A 1 31  ? -13.538 5.911   3.126   1.00 57.77  ? 13  ARG B HG2  1 
ATOM   240  H HG3  . ARG A 1 31  ? -11.956 5.966   2.994   1.00 57.77  ? 13  ARG B HG3  1 
ATOM   241  H HD2  . ARG A 1 31  ? -12.112 8.161   2.206   1.00 60.55  ? 13  ARG B HD2  1 
ATOM   242  H HD3  . ARG A 1 31  ? -13.691 8.104   2.387   1.00 60.55  ? 13  ARG B HD3  1 
ATOM   243  H HE   . ARG A 1 31  ? -12.176 8.985   4.203   1.00 65.84  ? 13  ARG B HE   1 
ATOM   244  H HH11 . ARG A 1 31  ? -14.122 6.303   4.407   1.00 68.73  ? 13  ARG B HH11 1 
ATOM   245  H HH12 . ARG A 1 31  ? -14.427 6.459   5.857   1.00 68.73  ? 13  ARG B HH12 1 
ATOM   246  H HH21 . ARG A 1 31  ? -12.721 9.213   6.368   1.00 85.43  ? 13  ARG B HH21 1 
ATOM   247  H HH22 . ARG A 1 31  ? -13.588 8.201   7.031   1.00 85.43  ? 13  ARG B HH22 1 
ATOM   248  N N    . LEU A 1 32  ? -10.183 4.309   0.840   1.00 18.00  ? 14  LEU B N    1 
ATOM   249  C CA   . LEU A 1 32  ? -8.958  3.721   1.368   1.00 20.05  ? 14  LEU B CA   1 
ATOM   250  C C    . LEU A 1 32  ? -7.731  4.392   0.763   1.00 16.07  ? 14  LEU B C    1 
ATOM   251  O O    . LEU A 1 32  ? -6.766  4.701   1.474   1.00 19.90  ? 14  LEU B O    1 
ATOM   252  C CB   . LEU A 1 32  ? -8.933  2.220   1.092   1.00 22.42  ? 14  LEU B CB   1 
ATOM   253  C CG   . LEU A 1 32  ? -10.012 1.345   1.728   1.00 32.08  ? 14  LEU B CG   1 
ATOM   254  C CD1  . LEU A 1 32  ? -9.873  -0.098  1.244   1.00 26.76  ? 14  LEU B CD1  1 
ATOM   255  C CD2  . LEU A 1 32  ? -9.947  1.404   3.244   1.00 19.93  ? 14  LEU B CD2  1 
ATOM   256  H H    . LEU A 1 32  ? -10.719 3.751   0.465   1.00 21.67  ? 14  LEU B H    1 
ATOM   257  H HA   . LEU A 1 32  ? -8.936  3.850   2.330   1.00 24.13  ? 14  LEU B HA   1 
ATOM   258  H HB2  . LEU A 1 32  ? -9.009  2.096   0.132   1.00 26.97  ? 14  LEU B HB2  1 
ATOM   259  H HB3  . LEU A 1 32  ? -8.081  1.878   1.404   1.00 26.97  ? 14  LEU B HB3  1 
ATOM   260  H HG   . LEU A 1 32  ? -10.881 1.680   1.462   1.00 38.56  ? 14  LEU B HG   1 
ATOM   261  H HD11 . LEU A 1 32  ? -10.569 -0.638  1.652   1.00 32.17  ? 14  LEU B HD11 1 
ATOM   262  H HD12 . LEU A 1 32  ? -9.963  -0.118  0.278   1.00 32.17  ? 14  LEU B HD12 1 
ATOM   263  H HD13 . LEU A 1 32  ? -9.000  -0.437  1.502   1.00 32.17  ? 14  LEU B HD13 1 
ATOM   264  H HD21 . LEU A 1 32  ? -10.638 0.831   3.612   1.00 23.98  ? 14  LEU B HD21 1 
ATOM   265  H HD22 . LEU A 1 32  ? -9.074  1.097   3.534   1.00 23.98  ? 14  LEU B HD22 1 
ATOM   266  H HD23 . LEU A 1 32  ? -10.088 2.319   3.530   1.00 23.98  ? 14  LEU B HD23 1 
ATOM   267  N N    . SER A 1 33  ? -7.757  4.639   -0.551  1.00 21.31  ? 15  SER B N    1 
ATOM   268  C CA   . SER A 1 33  ? -6.593  5.209   -1.221  1.00 28.32  ? 15  SER B CA   1 
ATOM   269  C C    . SER A 1 33  ? -6.361  6.655   -0.798  1.00 26.49  ? 15  SER B C    1 
ATOM   270  O O    . SER A 1 33  ? -5.215  7.069   -0.593  1.00 26.47  ? 15  SER B O    1 
ATOM   271  C CB   . SER A 1 33  ? -6.762  5.118   -2.737  1.00 21.95  ? 15  SER B CB   1 
ATOM   272  O OG   . SER A 1 33  ? -7.671  6.098   -3.209  1.00 38.30  ? 15  SER B OG   1 
ATOM   273  H H    . SER A 1 33  ? -8.428  4.486   -1.068  1.00 25.63  ? 15  SER B H    1 
ATOM   274  H HA   . SER A 1 33  ? -5.810  4.695   -0.972  1.00 34.04  ? 15  SER B HA   1 
ATOM   275  H HB2  . SER A 1 33  ? -5.899  5.258   -3.159  1.00 26.40  ? 15  SER B HB2  1 
ATOM   276  H HB3  . SER A 1 33  ? -7.101  4.238   -2.964  1.00 26.40  ? 15  SER B HB3  1 
ATOM   277  H HG   . SER A 1 33  ? -8.436  5.957   -2.893  1.00 46.03  ? 15  SER B HG   1 
ATOM   278  N N    . GLU A 1 34  ? -7.430  7.440   -0.660  1.00 25.11  ? 16  GLU B N    1 
ATOM   279  C CA   . GLU A 1 34  ? -7.280  8.807   -0.169  1.00 22.87  ? 16  GLU B CA   1 
ATOM   280  C C    . GLU A 1 34  ? -6.658  8.812   1.222   1.00 31.84  ? 16  GLU B C    1 
ATOM   281  O O    . GLU A 1 34  ? -5.680  9.530   1.483   1.00 29.40  ? 16  GLU B O    1 
ATOM   282  C CB   . GLU A 1 34  ? -8.639  9.509   -0.164  1.00 38.57  ? 16  GLU B CB   1 
ATOM   283  C CG   . GLU A 1 34  ? -9.253  9.697   -1.550  1.00 45.50  ? 16  GLU B CG   1 
ATOM   284  C CD   . GLU A 1 34  ? -10.666 10.256  -1.501  1.00 47.21  ? 16  GLU B CD   1 
ATOM   285  O OE1  . GLU A 1 34  ? -11.316 10.143  -0.439  1.00 50.30  ? 16  GLU B OE1  1 
ATOM   286  O OE2  . GLU A 1 34  ? -11.127 10.808  -2.523  1.00 59.29  ? 16  GLU B OE2  1 
ATOM   287  H H    . GLU A 1 34  ? -8.239  7.210   -0.843  1.00 30.20  ? 16  GLU B H    1 
ATOM   288  H HA   . GLU A 1 34  ? -6.694  9.300   -0.766  1.00 27.51  ? 16  GLU B HA   1 
ATOM   289  H HB2  . GLU A 1 34  ? -9.258  8.979   0.363   1.00 46.35  ? 16  GLU B HB2  1 
ATOM   290  H HB3  . GLU A 1 34  ? -8.533  10.386  0.233   1.00 46.35  ? 16  GLU B HB3  1 
ATOM   291  H HG2  . GLU A 1 34  ? -8.703  10.315  -2.056  1.00 54.66  ? 16  GLU B HG2  1 
ATOM   292  H HG3  . GLU A 1 34  ? -9.286  8.838   -1.999  1.00 54.66  ? 16  GLU B HG3  1 
ATOM   293  N N    . LEU A 1 35  ? -7.196  7.989   2.126   1.00 32.09  ? 17  LEU B N    1 
ATOM   294  C CA   . LEU A 1 35  ? -6.664  7.948   3.484   1.00 18.30  ? 17  LEU B CA   1 
ATOM   295  C C    . LEU A 1 35  ? -5.200  7.532   3.490   1.00 20.41  ? 17  LEU B C    1 
ATOM   296  O O    . LEU A 1 35  ? -4.387  8.114   4.220   1.00 22.46  ? 17  LEU B O    1 
ATOM   297  C CB   . LEU A 1 35  ? -7.497  7.001   4.344   1.00 24.46  ? 17  LEU B CB   1 
ATOM   298  C CG   . LEU A 1 35  ? -8.911  7.472   4.689   1.00 30.64  ? 17  LEU B CG   1 
ATOM   299  C CD1  . LEU A 1 35  ? -9.669  6.355   5.394   1.00 28.26  ? 17  LEU B CD1  1 
ATOM   300  C CD2  . LEU A 1 35  ? -8.880  8.726   5.548   1.00 24.81  ? 17  LEU B CD2  1 
ATOM   301  H H    . LEU A 1 35  ? -7.855  7.457   1.981   1.00 38.57  ? 17  LEU B H    1 
ATOM   302  H HA   . LEU A 1 35  ? -6.725  8.836   3.870   1.00 22.03  ? 17  LEU B HA   1 
ATOM   303  H HB2  . LEU A 1 35  ? -7.582  6.159   3.870   1.00 29.42  ? 17  LEU B HB2  1 
ATOM   304  H HB3  . LEU A 1 35  ? -7.027  6.863   5.182   1.00 29.42  ? 17  LEU B HB3  1 
ATOM   305  H HG   . LEU A 1 35  ? -9.380  7.697   3.870   1.00 36.84  ? 17  LEU B HG   1 
ATOM   306  H HD11 . LEU A 1 35  ? -10.553 6.674   5.632   1.00 33.98  ? 17  LEU B HD11 1 
ATOM   307  H HD12 . LEU A 1 35  ? -9.743  5.596   4.795   1.00 33.98  ? 17  LEU B HD12 1 
ATOM   308  H HD13 . LEU A 1 35  ? -9.183  6.099   6.194   1.00 33.98  ? 17  LEU B HD13 1 
ATOM   309  H HD21 . LEU A 1 35  ? -9.780  8.925   5.850   1.00 29.83  ? 17  LEU B HD21 1 
ATOM   310  H HD22 . LEU A 1 35  ? -8.302  8.571   6.313   1.00 29.83  ? 17  LEU B HD22 1 
ATOM   311  H HD23 . LEU A 1 35  ? -8.537  9.462   5.019   1.00 29.83  ? 17  LEU B HD23 1 
ATOM   312  N N    . LEU A 1 36  ? -4.836  6.525   2.688   1.00 21.30  ? 18  LEU B N    1 
ATOM   313  C CA   . LEU A 1 36  ? -3.441  6.099   2.662   1.00 21.33  ? 18  LEU B CA   1 
ATOM   314  C C    . LEU A 1 36  ? -2.544  7.162   2.037   1.00 24.43  ? 18  LEU B C    1 
ATOM   315  O O    . LEU A 1 36  ? -1.366  7.271   2.397   1.00 23.14  ? 18  LEU B O    1 
ATOM   316  C CB   . LEU A 1 36  ? -3.293  4.780   1.904   1.00 14.55  ? 18  LEU B CB   1 
ATOM   317  C CG   . LEU A 1 36  ? -1.878  4.197   1.884   1.00 22.46  ? 18  LEU B CG   1 
ATOM   318  C CD1  . LEU A 1 36  ? -1.415  3.851   3.296   1.00 18.31  ? 18  LEU B CD1  1 
ATOM   319  C CD2  . LEU A 1 36  ? -1.799  2.974   0.981   1.00 26.95  ? 18  LEU B CD2  1 
ATOM   320  H H    . LEU A 1 36  ? -5.363  6.088   2.168   1.00 25.63  ? 18  LEU B H    1 
ATOM   321  H HA   . LEU A 1 36  ? -3.150  5.948   3.576   1.00 25.67  ? 18  LEU B HA   1 
ATOM   322  H HB2  . LEU A 1 36  ? -3.873  4.122   2.319   1.00 17.53  ? 18  LEU B HB2  1 
ATOM   323  H HB3  . LEU A 1 36  ? -3.562  4.925   0.983   1.00 17.53  ? 18  LEU B HB3  1 
ATOM   324  H HG   . LEU A 1 36  ? -1.277  4.869   1.525   1.00 27.02  ? 18  LEU B HG   1 
ATOM   325  H HD11 . LEU A 1 36  ? -0.547  3.420   3.247   1.00 22.03  ? 18  LEU B HD11 1 
ATOM   326  H HD12 . LEU A 1 36  ? -1.350  4.667   3.817   1.00 22.03  ? 18  LEU B HD12 1 
ATOM   327  H HD13 . LEU A 1 36  ? -2.060  3.250   3.701   1.00 22.03  ? 18  LEU B HD13 1 
ATOM   328  H HD21 . LEU A 1 36  ? -0.893  2.626   1.000   1.00 32.41  ? 18  LEU B HD21 1 
ATOM   329  H HD22 . LEU A 1 36  ? -2.419  2.302   1.304   1.00 32.41  ? 18  LEU B HD22 1 
ATOM   330  H HD23 . LEU A 1 36  ? -2.033  3.233   0.076   1.00 32.41  ? 18  LEU B HD23 1 
ATOM   331  N N    . ASP A 1 37  ? -3.074  7.944   1.093   1.00 21.54  ? 19  ASP B N    1 
ATOM   332  C CA   . ASP A 1 37  ? -2.305  9.049   0.536   1.00 22.25  ? 19  ASP B CA   1 
ATOM   333  C C    . ASP A 1 37  ? -2.060  10.130  1.580   1.00 30.31  ? 19  ASP B C    1 
ATOM   334  O O    . ASP A 1 37  ? -1.045  10.832  1.516   1.00 25.01  ? 19  ASP B O    1 
ATOM   335  C CB   . ASP A 1 37  ? -3.028  9.646   -0.673  1.00 20.02  ? 19  ASP B CB   1 
ATOM   336  C CG   . ASP A 1 37  ? -2.842  8.823   -1.934  1.00 31.85  ? 19  ASP B CG   1 
ATOM   337  O OD1  . ASP A 1 37  ? -1.863  8.046   -2.010  1.00 24.72  ? 19  ASP B OD1  1 
ATOM   338  O OD2  . ASP A 1 37  ? -3.668  8.961   -2.862  1.00 20.45  ? 19  ASP B OD2  1 
ATOM   339  H H    . ASP A 1 37  ? -3.864  7.855   0.765   1.00 25.91  ? 19  ASP B H    1 
ATOM   340  H HA   . ASP A 1 37  ? -1.447  8.710   0.234   1.00 26.76  ? 19  ASP B HA   1 
ATOM   341  H HB2  . ASP A 1 37  ? -3.977  9.692   -0.482  1.00 24.09  ? 19  ASP B HB2  1 
ATOM   342  H HB3  . ASP A 1 37  ? -2.679  10.535  -0.841  1.00 24.09  ? 19  ASP B HB3  1 
ATOM   343  N N    . GLN A 1 38  ? -2.971  10.277  2.545   1.00 44.91  ? 20  GLN B N    1 
ATOM   344  C CA   . GLN A 1 38  ? -2.787  11.294  3.576   1.00 29.25  ? 20  GLN B CA   1 
ATOM   345  C C    . GLN A 1 38  ? -1.858  10.859  4.705   1.00 28.94  ? 20  GLN B C    1 
ATOM   346  O O    . GLN A 1 38  ? -1.417  11.716  5.478   1.00 41.59  ? 20  GLN B O    1 
ATOM   347  C CB   . GLN A 1 38  ? -4.142  11.685  4.172   1.00 33.65  ? 20  GLN B CB   1 
ATOM   348  C CG   . GLN A 1 38  ? -5.114  12.275  3.173   1.00 36.43  ? 20  GLN B CG   1 
ATOM   349  C CD   . GLN A 1 38  ? -6.536  12.306  3.697   1.00 46.22  ? 20  GLN B CD   1 
ATOM   350  O OE1  . GLN A 1 38  ? -6.780  12.077  4.885   1.00 54.03  ? 20  GLN B OE1  1 
ATOM   351  N NE2  . GLN A 1 38  ? -7.486  12.580  2.812   1.00 45.63  ? 20  GLN B NE2  1 
ATOM   352  H H    . GLN A 1 38  ? -3.688  9.810   2.620   1.00 53.95  ? 20  GLN B H    1 
ATOM   353  H HA   . GLN A 1 38  ? -2.394  12.074  3.156   1.00 35.17  ? 20  GLN B HA   1 
ATOM   354  H HB2  . GLN A 1 38  ? -4.555  10.892  4.549   1.00 40.45  ? 20  GLN B HB2  1 
ATOM   355  H HB3  . GLN A 1 38  ? -3.996  12.346  4.866   1.00 40.45  ? 20  GLN B HB3  1 
ATOM   356  H HG2  . GLN A 1 38  ? -4.847  13.186  2.971   1.00 43.78  ? 20  GLN B HG2  1 
ATOM   357  H HG3  . GLN A 1 38  ? -5.103  11.740  2.364   1.00 43.78  ? 20  GLN B HG3  1 
ATOM   358  H HE21 . GLN A 1 38  ? -7.278  12.729  1.990   1.00 54.82  ? 20  GLN B HE21 1 
ATOM   359  H HE22 . GLN A 1 38  ? -8.309  12.609  3.059   1.00 54.82  ? 20  GLN B HE22 1 
ATOM   360  N N    . ALA A 1 39  ? -1.548  9.568   4.827   1.00 24.72  ? 21  ALA B N    1 
ATOM   361  C CA   . ALA A 1 39  ? -0.786  9.090   5.972   1.00 30.76  ? 21  ALA B CA   1 
ATOM   362  C C    . ALA A 1 39  ? 0.595   9.739   6.028   1.00 32.52  ? 21  ALA B C    1 
ATOM   363  O O    . ALA A 1 39  ? 1.079   10.282  5.032   1.00 41.54  ? 21  ALA B O    1 
ATOM   364  C CB   . ALA A 1 39  ? -0.636  7.569   5.912   1.00 38.53  ? 21  ALA B CB   1 
ATOM   365  H H    . ALA A 1 39  ? -1.765  8.956   4.264   1.00 29.73  ? 21  ALA B H    1 
ATOM   366  H HA   . ALA A 1 39  ? -1.261  9.327   6.784   1.00 36.98  ? 21  ALA B HA   1 
ATOM   367  H HB1  . ALA A 1 39  ? -0.124  7.271   6.678   1.00 46.30  ? 21  ALA B HB1  1 
ATOM   368  H HB2  . ALA A 1 39  ? -1.518  7.164   5.925   1.00 46.30  ? 21  ALA B HB2  1 
ATOM   369  H HB3  . ALA A 1 39  ? -0.175  7.329   5.092   1.00 46.30  ? 21  ALA B HB3  1 
ATOM   370  N N    . PRO A 1 40  ? 1.239   9.711   7.197   1.00 44.43  ? 22  PRO B N    1 
ATOM   371  C CA   . PRO A 1 40  ? 2.630   10.179  7.279   1.00 38.04  ? 22  PRO B CA   1 
ATOM   372  C C    . PRO A 1 40  ? 3.588   9.199   6.619   1.00 35.49  ? 22  PRO B C    1 
ATOM   373  O O    . PRO A 1 40  ? 3.313   8.002   6.488   1.00 35.53  ? 22  PRO B O    1 
ATOM   374  C CB   . PRO A 1 40  ? 2.895   10.282  8.786   1.00 48.12  ? 22  PRO B CB   1 
ATOM   375  C CG   . PRO A 1 40  ? 1.543   10.247  9.442   1.00 42.88  ? 22  PRO B CG   1 
ATOM   376  C CD   . PRO A 1 40  ? 0.659   9.443   8.527   1.00 47.58  ? 22  PRO B CD   1 
ATOM   377  H HA   . PRO A 1 40  ? 2.721   11.056  6.873   1.00 45.72  ? 22  PRO B HA   1 
ATOM   378  H HB2  . PRO A 1 40  ? 3.438   9.532   9.075   1.00 57.80  ? 22  PRO B HB2  1 
ATOM   379  H HB3  . PRO A 1 40  ? 3.351   11.116  8.981   1.00 57.80  ? 22  PRO B HB3  1 
ATOM   380  H HG2  . PRO A 1 40  ? 1.613   9.823   10.312  1.00 51.53  ? 22  PRO B HG2  1 
ATOM   381  H HG3  . PRO A 1 40  ? 1.204   11.151  9.540   1.00 51.53  ? 22  PRO B HG3  1 
ATOM   382  H HD2  . PRO A 1 40  ? 0.704   8.499   8.743   1.00 57.16  ? 22  PRO B HD2  1 
ATOM   383  H HD3  . PRO A 1 40  ? -0.260  9.751   8.574   1.00 57.16  ? 22  PRO B HD3  1 
ATOM   384  N N    . GLU A 1 41  ? 4.749   9.725   6.220   1.00 26.16  ? 23  GLU B N    1 
ATOM   385  C CA   . GLU A 1 41  ? 5.723   8.937   5.475   1.00 37.72  ? 23  GLU B CA   1 
ATOM   386  C C    . GLU A 1 41  ? 6.164   7.685   6.221   1.00 26.51  ? 23  GLU B C    1 
ATOM   387  O O    . GLU A 1 41  ? 6.647   6.739   5.589   1.00 33.09  ? 23  GLU B O    1 
ATOM   388  C CB   . GLU A 1 41  ? 6.947   9.797   5.147   1.00 35.63  ? 23  GLU B CB   1 
ATOM   389  C CG   . GLU A 1 41  ? 6.692   10.849  4.084   1.00 47.95  ? 23  GLU B CG   1 
ATOM   390  C CD   . GLU A 1 41  ? 6.526   10.249  2.701   1.00 54.70  ? 23  GLU B CD   1 
ATOM   391  O OE1  . GLU A 1 41  ? 7.536   9.791   2.125   1.00 53.33  ? 23  GLU B OE1  1 
ATOM   392  O OE2  . GLU A 1 41  ? 5.382   10.222  2.199   1.00 54.66  ? 23  GLU B OE2  1 
ATOM   393  H H    . GLU A 1 41  ? 4.995   10.536  6.370   1.00 31.45  ? 23  GLU B H    1 
ATOM   394  H HA   . GLU A 1 41  ? 5.313   8.653   4.644   1.00 45.33  ? 23  GLU B HA   1 
ATOM   395  H HB2  . GLU A 1 41  ? 7.231   10.254  5.953   1.00 42.82  ? 23  GLU B HB2  1 
ATOM   396  H HB3  . GLU A 1 41  ? 7.657   9.218   4.826   1.00 42.82  ? 23  GLU B HB3  1 
ATOM   397  H HG2  . GLU A 1 41  ? 5.878   11.330  4.303   1.00 57.61  ? 23  GLU B HG2  1 
ATOM   398  H HG3  . GLU A 1 41  ? 7.443   11.463  4.058   1.00 57.61  ? 23  GLU B HG3  1 
ATOM   399  N N    . GLY A 1 42  ? 6.016   7.655   7.552   1.00 41.10  ? 24  GLY B N    1 
ATOM   400  C CA   . GLY A 1 42  ? 6.355   6.456   8.298   1.00 38.86  ? 24  GLY B CA   1 
ATOM   401  C C    . GLY A 1 42  ? 5.330   5.351   8.182   1.00 29.16  ? 24  GLY B C    1 
ATOM   402  O O    . GLY A 1 42  ? 5.628   4.204   8.533   1.00 29.41  ? 24  GLY B O    1 
ATOM   403  H H    . GLY A 1 42  ? 5.725   8.308   8.030   1.00 49.39  ? 24  GLY B H    1 
ATOM   404  H HA2  . GLY A 1 42  ? 7.203   6.113   7.975   1.00 46.70  ? 24  GLY B HA2  1 
ATOM   405  H HA3  . GLY A 1 42  ? 6.444   6.684   9.237   1.00 46.70  ? 24  GLY B HA3  1 
ATOM   406  N N    . ARG A 1 43  ? 4.125   5.669   7.699   1.00 24.98  ? 25  ARG B N    1 
ATOM   407  C CA   . ARG A 1 43  ? 3.053   4.690   7.554   1.00 43.90  ? 25  ARG B CA   1 
ATOM   408  C C    . ARG A 1 43  ? 2.255   4.933   6.276   1.00 31.95  ? 25  ARG B C    1 
ATOM   409  O O    . ARG A 1 43  ? 1.043   4.686   6.236   1.00 27.36  ? 25  ARG B O    1 
ATOM   410  C CB   . ARG A 1 43  ? 2.122   4.718   8.771   1.00 46.78  ? 25  ARG B CB   1 
ATOM   411  C CG   . ARG A 1 43  ? 2.507   3.738   9.867   1.00 45.52  ? 25  ARG B CG   1 
ATOM   412  C CD   . ARG A 1 43  ? 1.634   3.901   11.112  1.00 46.80  ? 25  ARG B CD   1 
ATOM   413  N NE   . ARG A 1 43  ? 0.397   4.625   10.841  1.00 53.69  ? 25  ARG B NE   1 
ATOM   414  C CZ   . ARG A 1 43  ? 0.183   5.894   11.165  1.00 45.47  ? 25  ARG B CZ   1 
ATOM   415  N NH1  . ARG A 1 43  ? 1.096   6.611   11.798  1.00 39.73  ? 25  ARG B NH1  1 
ATOM   416  N NH2  . ARG A 1 43  ? -0.980  6.456   10.847  1.00 61.52  ? 25  ARG B NH2  1 
ATOM   417  H H    . ARG A 1 43  ? 3.902   6.459   7.446   1.00 30.04  ? 25  ARG B H    1 
ATOM   418  H HA   . ARG A 1 43  ? 3.443   3.804   7.494   1.00 52.74  ? 25  ARG B HA   1 
ATOM   419  H HB2  . ARG A 1 43  ? 2.137   5.609   9.154   1.00 56.21  ? 25  ARG B HB2  1 
ATOM   420  H HB3  . ARG A 1 43  ? 1.223   4.498   8.480   1.00 56.21  ? 25  ARG B HB3  1 
ATOM   421  H HG2  . ARG A 1 43  ? 2.399   2.832   9.538   1.00 54.69  ? 25  ARG B HG2  1 
ATOM   422  H HG3  . ARG A 1 43  ? 3.430   3.890   10.122  1.00 54.69  ? 25  ARG B HG3  1 
ATOM   423  H HD2  . ARG A 1 43  ? 1.399   3.023   11.451  1.00 56.22  ? 25  ARG B HD2  1 
ATOM   424  H HD3  . ARG A 1 43  ? 2.130   4.394   11.784  1.00 56.22  ? 25  ARG B HD3  1 
ATOM   425  H HE   . ARG A 1 43  ? -0.236  4.201   10.445  1.00 64.50  ? 25  ARG B HE   1 
ATOM   426  H HH11 . ARG A 1 43  ? 1.850   6.257   12.009  1.00 47.75  ? 25  ARG B HH11 1 
ATOM   427  H HH12 . ARG A 1 43  ? 0.936   7.432   11.998  1.00 47.75  ? 25  ARG B HH12 1 
ATOM   428  H HH21 . ARG A 1 43  ? -1.581  5.998   10.438  1.00 73.88  ? 25  ARG B HH21 1 
ATOM   429  H HH22 . ARG A 1 43  ? -1.130  7.278   11.052  1.00 73.88  ? 25  ARG B HH22 1 
ATOM   430  N N    . GLY A 1 44  ? 2.919   5.413   5.226   1.00 21.80  ? 26  GLY B N    1 
ATOM   431  C CA   . GLY A 1 44  ? 2.262   5.720   3.972   1.00 26.91  ? 26  GLY B CA   1 
ATOM   432  C C    . GLY A 1 44  ? 2.326   4.576   2.984   1.00 19.07  ? 26  GLY B C    1 
ATOM   433  O O    . GLY A 1 44  ? 2.654   3.435   3.319   1.00 19.18  ? 26  GLY B O    1 
ATOM   434  H H    . GLY A 1 44  ? 3.765   5.569   5.221   1.00 26.22  ? 26  GLY B H    1 
ATOM   435  H HA2  . GLY A 1 44  ? 1.328   5.924   4.142   1.00 32.36  ? 26  GLY B HA2  1 
ATOM   436  H HA3  . GLY A 1 44  ? 2.685   6.494   3.570   1.00 32.36  ? 26  GLY B HA3  1 
ATOM   437  N N    . TRP A 1 45  ? 2.011   4.900   1.727   1.00 17.16  ? 27  TRP B N    1 
ATOM   438  C CA   . TRP A 1 45  ? 1.954   3.865   0.702   1.00 19.77  ? 27  TRP B CA   1 
ATOM   439  C C    . TRP A 1 45  ? 3.333   3.298   0.391   1.00 14.24  ? 27  TRP B C    1 
ATOM   440  O O    . TRP A 1 45  ? 3.450   2.113   0.067   1.00 14.22  ? 27  TRP B O    1 
ATOM   441  C CB   . TRP A 1 45  ? 1.296   4.407   -0.565  1.00 23.59  ? 27  TRP B CB   1 
ATOM   442  C CG   . TRP A 1 45  ? 2.094   5.430   -1.317  1.00 27.99  ? 27  TRP B CG   1 
ATOM   443  C CD1  . TRP A 1 45  ? 2.046   6.786   -1.164  1.00 23.40  ? 27  TRP B CD1  1 
ATOM   444  C CD2  . TRP A 1 45  ? 3.040   5.179   -2.363  1.00 15.86  ? 27  TRP B CD2  1 
ATOM   445  N NE1  . TRP A 1 45  ? 2.911   7.393   -2.043  1.00 26.75  ? 27  TRP B NE1  1 
ATOM   446  C CE2  . TRP A 1 45  ? 3.534   6.428   -2.790  1.00 19.02  ? 27  TRP B CE2  1 
ATOM   447  C CE3  . TRP A 1 45  ? 3.524   4.020   -2.976  1.00 26.73  ? 27  TRP B CE3  1 
ATOM   448  C CZ2  . TRP A 1 45  ? 4.487   6.549   -3.799  1.00 26.98  ? 27  TRP B CZ2  1 
ATOM   449  C CZ3  . TRP A 1 45  ? 4.471   4.142   -3.980  1.00 43.25  ? 27  TRP B CZ3  1 
ATOM   450  C CH2  . TRP A 1 45  ? 4.941   5.399   -4.379  1.00 19.42  ? 27  TRP B CH2  1 
ATOM   451  H H    . TRP A 1 45  ? 1.829   5.694   1.452   1.00 20.66  ? 27  TRP B H    1 
ATOM   452  H HA   . TRP A 1 45  ? 1.404   3.136   1.031   1.00 23.79  ? 27  TRP B HA   1 
ATOM   453  H HB2  . TRP A 1 45  ? 1.136   3.665   -1.169  1.00 28.38  ? 27  TRP B HB2  1 
ATOM   454  H HB3  . TRP A 1 45  ? 0.454   4.822   -0.319  1.00 28.38  ? 27  TRP B HB3  1 
ATOM   455  H HD1  . TRP A 1 45  ? 1.506   7.234   -0.552  1.00 28.14  ? 27  TRP B HD1  1 
ATOM   456  H HE1  . TRP A 1 45  ? 3.041   8.241   -2.114  1.00 32.17  ? 27  TRP B HE1  1 
ATOM   457  H HE3  . TRP A 1 45  ? 3.217   3.182   -2.713  1.00 32.14  ? 27  TRP B HE3  1 
ATOM   458  H HZ2  . TRP A 1 45  ? 4.802   7.383   -4.067  1.00 32.44  ? 27  TRP B HZ2  1 
ATOM   459  H HZ3  . TRP A 1 45  ? 4.798   3.378   -4.395  1.00 51.96  ? 27  TRP B HZ3  1 
ATOM   460  H HH2  . TRP A 1 45  ? 5.576   5.452   -5.057  1.00 23.37  ? 27  TRP B HH2  1 
ATOM   461  N N    . ARG A 1 46  ? 4.388   4.109   0.502   1.00 17.89  ? 28  ARG B N    1 
ATOM   462  C CA   . ARG A 1 46  ? 5.730   3.590   0.261   1.00 20.56  ? 28  ARG B CA   1 
ATOM   463  C C    . ARG A 1 46  ? 6.130   2.574   1.324   1.00 19.33  ? 28  ARG B C    1 
ATOM   464  O O    . ARG A 1 46  ? 6.700   1.523   1.005   1.00 25.51  ? 28  ARG B O    1 
ATOM   465  C CB   . ARG A 1 46  ? 6.747   4.731   0.213   1.00 25.52  ? 28  ARG B CB   1 
ATOM   466  C CG   . ARG A 1 46  ? 7.029   5.241   -1.185  1.00 37.29  ? 28  ARG B CG   1 
ATOM   467  C CD   . ARG A 1 46  ? 8.207   6.200   -1.203  1.00 33.64  ? 28  ARG B CD   1 
ATOM   468  N NE   . ARG A 1 46  ? 8.057   7.200   -2.254  1.00 40.39  ? 28  ARG B NE   1 
ATOM   469  C CZ   . ARG A 1 46  ? 8.262   6.970   -3.546  1.00 25.88  ? 28  ARG B CZ   1 
ATOM   470  N NH1  . ARG A 1 46  ? 8.630   5.778   -3.985  1.00 33.90  ? 28  ARG B NH1  1 
ATOM   471  N NH2  . ARG A 1 46  ? 8.087   7.958   -4.416  1.00 35.68  ? 28  ARG B NH2  1 
ATOM   472  H H    . ARG A 1 46  ? 4.352   4.943   0.710   1.00 21.53  ? 28  ARG B H    1 
ATOM   473  H HA   . ARG A 1 46  ? 5.734   3.150   -0.603  1.00 24.74  ? 28  ARG B HA   1 
ATOM   474  H HB2  . ARG A 1 46  ? 6.408   5.474   0.737   1.00 30.68  ? 28  ARG B HB2  1 
ATOM   475  H HB3  . ARG A 1 46  ? 7.585   4.417   0.588   1.00 30.68  ? 28  ARG B HB3  1 
ATOM   476  H HG2  . ARG A 1 46  ? 7.237   4.492   -1.764  1.00 44.82  ? 28  ARG B HG2  1 
ATOM   477  H HG3  . ARG A 1 46  ? 6.249   5.712   -1.519  1.00 44.82  ? 28  ARG B HG3  1 
ATOM   478  H HD2  . ARG A 1 46  ? 8.264   6.658   -0.350  1.00 40.44  ? 28  ARG B HD2  1 
ATOM   479  H HD3  . ARG A 1 46  ? 9.024   5.703   -1.367  1.00 40.44  ? 28  ARG B HD3  1 
ATOM   480  H HE   . ARG A 1 46  ? 7.820   7.993   -2.022  1.00 48.53  ? 28  ARG B HE   1 
ATOM   481  H HH11 . ARG A 1 46  ? 8.743   5.130   -3.430  1.00 40.75  ? 28  ARG B HH11 1 
ATOM   482  H HH12 . ARG A 1 46  ? 8.758   5.650   -4.826  1.00 40.75  ? 28  ARG B HH12 1 
ATOM   483  H HH21 . ARG A 1 46  ? 7.844   8.737   -4.142  1.00 42.88  ? 28  ARG B HH21 1 
ATOM   484  H HH22 . ARG A 1 46  ? 8.217   7.820   -5.256  1.00 42.88  ? 28  ARG B HH22 1 
ATOM   485  N N    . ARG A 1 47  ? 5.857   2.876   2.595   1.00 19.62  ? 29  ARG B N    1 
ATOM   486  C CA   . ARG A 1 47  ? 6.150   1.917   3.655   1.00 20.51  ? 29  ARG B CA   1 
ATOM   487  C C    . ARG A 1 47  ? 5.316   0.652   3.492   1.00 15.87  ? 29  ARG B C    1 
ATOM   488  O O    . ARG A 1 47  ? 5.818   -0.464  3.679   1.00 21.38  ? 29  ARG B O    1 
ATOM   489  C CB   . ARG A 1 47  ? 5.897   2.560   5.019   1.00 25.70  ? 29  ARG B CB   1 
ATOM   490  C CG   . ARG A 1 47  ? 6.147   1.639   6.200   1.00 34.61  ? 29  ARG B CG   1 
ATOM   491  C CD   . ARG A 1 47  ? 7.621   1.262   6.352   1.00 30.36  ? 29  ARG B CD   1 
ATOM   492  N NE   . ARG A 1 47  ? 7.783   0.196   7.335   1.00 37.50  ? 29  ARG B NE   1 
ATOM   493  C CZ   . ARG A 1 47  ? 8.446   -0.936  7.126   1.00 45.49  ? 29  ARG B CZ   1 
ATOM   494  N NH1  . ARG A 1 47  ? 9.131   -1.141  6.013   1.00 39.42  ? 29  ARG B NH1  1 
ATOM   495  N NH2  . ARG A 1 47  ? 8.425   -1.880  8.062   1.00 39.70  ? 29  ARG B NH2  1 
ATOM   496  H H    . ARG A 1 47  ? 5.508   3.614   2.864   1.00 23.61  ? 29  ARG B H    1 
ATOM   497  H HA   . ARG A 1 47  ? 7.086   1.666   3.612   1.00 24.67  ? 29  ARG B HA   1 
ATOM   498  H HB2  . ARG A 1 47  ? 6.486   3.326   5.114   1.00 30.90  ? 29  ARG B HB2  1 
ATOM   499  H HB3  . ARG A 1 47  ? 4.972   2.845   5.060   1.00 30.90  ? 29  ARG B HB3  1 
ATOM   500  H HG2  . ARG A 1 47  ? 5.866   2.085   7.015   1.00 41.60  ? 29  ARG B HG2  1 
ATOM   501  H HG3  . ARG A 1 47  ? 5.639   0.821   6.078   1.00 41.60  ? 29  ARG B HG3  1 
ATOM   502  H HD2  . ARG A 1 47  ? 7.966   0.950   5.501   1.00 36.49  ? 29  ARG B HD2  1 
ATOM   503  H HD3  . ARG A 1 47  ? 8.125   2.035   6.651   1.00 36.49  ? 29  ARG B HD3  1 
ATOM   504  H HE   . ARG A 1 47  ? 7.422   0.308   8.107   1.00 45.07  ? 29  ARG B HE   1 
ATOM   505  H HH11 . ARG A 1 47  ? 9.154   -0.535  5.403   1.00 47.37  ? 29  ARG B HH11 1 
ATOM   506  H HH12 . ARG A 1 47  ? 9.553   -1.882  5.899   1.00 47.37  ? 29  ARG B HH12 1 
ATOM   507  H HH21 . ARG A 1 47  ? 7.987   -1.754  8.791   1.00 47.70  ? 29  ARG B HH21 1 
ATOM   508  H HH22 . ARG A 1 47  ? 8.851   -2.617  7.938   1.00 47.70  ? 29  ARG B HH22 1 
ATOM   509  N N    . LEU A 1 48  ? 4.030   0.809   3.162   1.00 23.26  ? 30  LEU B N    1 
ATOM   510  C CA   . LEU A 1 48  ? 3.194   -0.355  2.896   1.00 19.53  ? 30  LEU B CA   1 
ATOM   511  C C    . LEU A 1 48  ? 3.788   -1.207  1.784   1.00 17.26  ? 30  LEU B C    1 
ATOM   512  O O    . LEU A 1 48  ? 3.827   -2.437  1.892   1.00 20.21  ? 30  LEU B O    1 
ATOM   513  C CB   . LEU A 1 48  ? 1.777   0.085   2.529   1.00 15.19  ? 30  LEU B CB   1 
ATOM   514  C CG   . LEU A 1 48  ? 0.833   -1.022  2.051   1.00 26.49  ? 30  LEU B CG   1 
ATOM   515  C CD1  . LEU A 1 48  ? 0.749   -2.145  3.075   1.00 28.12  ? 30  LEU B CD1  1 
ATOM   516  C CD2  . LEU A 1 48  ? -0.557  -0.469  1.752   1.00 17.92  ? 30  LEU B CD2  1 
ATOM   517  H H    . LEU A 1 48  ? 3.628   1.566   3.087   1.00 27.98  ? 30  LEU B H    1 
ATOM   518  H HA   . LEU A 1 48  ? 3.142   -0.895  3.700   1.00 23.50  ? 30  LEU B HA   1 
ATOM   519  H HB2  . LEU A 1 48  ? 1.373   0.489   3.313   1.00 18.29  ? 30  LEU B HB2  1 
ATOM   520  H HB3  . LEU A 1 48  ? 1.840   0.738   1.814   1.00 18.29  ? 30  LEU B HB3  1 
ATOM   521  H HG   . LEU A 1 48  ? 1.191   -1.389  1.229   1.00 31.85  ? 30  LEU B HG   1 
ATOM   522  H HD11 . LEU A 1 48  ? -0.049  -2.670  2.902   1.00 33.81  ? 30  LEU B HD11 1 
ATOM   523  H HD12 . LEU A 1 48  ? 1.536   -2.705  2.996   1.00 33.81  ? 30  LEU B HD12 1 
ATOM   524  H HD13 . LEU A 1 48  ? 0.704   -1.760  3.964   1.00 33.81  ? 30  LEU B HD13 1 
ATOM   525  H HD21 . LEU A 1 48  ? -1.106  -1.178  1.385   1.00 21.57  ? 30  LEU B HD21 1 
ATOM   526  H HD22 . LEU A 1 48  ? -0.950  -0.139  2.576   1.00 21.57  ? 30  LEU B HD22 1 
ATOM   527  H HD23 . LEU A 1 48  ? -0.477  0.255   1.111   1.00 21.57  ? 30  LEU B HD23 1 
ATOM   528  N N    . ALA A 1 49  ? 4.262   -0.570  0.715   1.00 19.35  ? 31  ALA B N    1 
ATOM   529  C CA   . ALA A 1 49  ? 4.854   -1.309  -0.392  1.00 16.33  ? 31  ALA B CA   1 
ATOM   530  C C    . ALA A 1 49  ? 6.103   -2.053  0.055   1.00 27.01  ? 31  ALA B C    1 
ATOM   531  O O    . ALA A 1 49  ? 6.269   -3.239  -0.240  1.00 19.47  ? 31  ALA B O    1 
ATOM   532  C CB   . ALA A 1 49  ? 5.177   -0.354  -1.543  1.00 24.53  ? 31  ALA B CB   1 
ATOM   533  H H    . ALA A 1 49  ? 4.253   0.283   0.607   1.00 23.28  ? 31  ALA B H    1 
ATOM   534  H HA   . ALA A 1 49  ? 4.212   -1.964  -0.712  1.00 19.66  ? 31  ALA B HA   1 
ATOM   535  H HB1  . ALA A 1 49  ? 5.645   -0.843  -2.238  1.00 29.50  ? 31  ALA B HB1  1 
ATOM   536  H HB2  . ALA A 1 49  ? 4.349   0.008   -1.895  1.00 29.50  ? 31  ALA B HB2  1 
ATOM   537  H HB3  . ALA A 1 49  ? 5.737   0.365   -1.209  1.00 29.50  ? 31  ALA B HB3  1 
ATOM   538  N N    . GLU A 1 50  ? 7.011   -1.364  0.751   1.00 26.37  ? 32  GLU B N    1 
ATOM   539  C CA   . GLU A 1 50  ? 8.221   -2.017  1.245   1.00 26.26  ? 32  GLU B CA   1 
ATOM   540  C C    . GLU A 1 50  ? 7.872   -3.256  2.063   1.00 27.42  ? 32  GLU B C    1 
ATOM   541  O O    . GLU A 1 50  ? 8.357   -4.364  1.790   1.00 34.05  ? 32  GLU B O    1 
ATOM   542  C CB   . GLU A 1 50  ? 9.038   -1.025  2.078   1.00 31.00  ? 32  GLU B CB   1 
ATOM   543  C CG   . GLU A 1 50  ? 10.289  -1.597  2.725   1.00 46.93  ? 32  GLU B CG   1 
ATOM   544  C CD   . GLU A 1 50  ? 11.076  -0.546  3.499   1.00 56.12  ? 32  GLU B CD   1 
ATOM   545  O OE1  . GLU A 1 50  ? 10.457  0.427   3.985   1.00 41.15  ? 32  GLU B OE1  1 
ATOM   546  O OE2  . GLU A 1 50  ? 12.313  -0.688  3.610   1.00 64.16  ? 32  GLU B OE2  1 
ATOM   547  H H    . GLU A 1 50  ? 6.949   -0.529  0.947   1.00 31.71  ? 32  GLU B H    1 
ATOM   548  H HA   . GLU A 1 50  ? 8.768   -2.297  0.494   1.00 31.58  ? 32  GLU B HA   1 
ATOM   549  H HB2  . GLU A 1 50  ? 9.316   -0.297  1.500   1.00 37.26  ? 32  GLU B HB2  1 
ATOM   550  H HB3  . GLU A 1 50  ? 8.472   -0.685  2.789   1.00 37.26  ? 32  GLU B HB3  1 
ATOM   551  H HG2  . GLU A 1 50  ? 10.034  -2.299  3.344   1.00 56.38  ? 32  GLU B HG2  1 
ATOM   552  H HG3  . GLU A 1 50  ? 10.867  -1.958  2.034   1.00 56.38  ? 32  GLU B HG3  1 
ATOM   553  N N    . LEU A 1 51  ? 6.997   -3.085  3.055   1.00 30.13  ? 33  LEU B N    1 
ATOM   554  C CA   . LEU A 1 51  ? 6.636   -4.192  3.934   1.00 22.04  ? 33  LEU B CA   1 
ATOM   555  C C    . LEU A 1 51  ? 5.993   -5.329  3.152   1.00 32.40  ? 33  LEU B C    1 
ATOM   556  O O    . LEU A 1 51  ? 6.417   -6.485  3.258   1.00 38.37  ? 33  LEU B O    1 
ATOM   557  C CB   . LEU A 1 51  ? 5.708   -3.682  5.036   1.00 29.50  ? 33  LEU B CB   1 
ATOM   558  C CG   . LEU A 1 51  ? 5.101   -4.668  6.024   1.00 37.68  ? 33  LEU B CG   1 
ATOM   559  C CD1  . LEU A 1 51  ? 6.028   -5.810  6.342   1.00 54.25  ? 33  LEU B CD1  1 
ATOM   560  C CD2  . LEU A 1 51  ? 4.739   -3.918  7.315   1.00 45.85  ? 33  LEU B CD2  1 
ATOM   561  H H    . LEU A 1 51  ? 6.602   -2.343  3.239   1.00 36.22  ? 33  LEU B H    1 
ATOM   562  H HA   . LEU A 1 51  ? 7.436   -4.545  4.352   1.00 26.51  ? 33  LEU B HA   1 
ATOM   563  H HB2  . LEU A 1 51  ? 6.212   -3.044  5.565   1.00 35.46  ? 33  LEU B HB2  1 
ATOM   564  H HB3  . LEU A 1 51  ? 4.962   -3.239  4.602   1.00 35.46  ? 33  LEU B HB3  1 
ATOM   565  H HG   . LEU A 1 51  ? 4.306   -5.055  5.625   1.00 45.28  ? 33  LEU B HG   1 
ATOM   566  H HD11 . LEU A 1 51  ? 5.591   -6.405  6.972   1.00 65.17  ? 33  LEU B HD11 1 
ATOM   567  H HD12 . LEU A 1 51  ? 6.231   -6.288  5.522   1.00 65.17  ? 33  LEU B HD12 1 
ATOM   568  H HD13 . LEU A 1 51  ? 6.843   -5.456  6.730   1.00 65.17  ? 33  LEU B HD13 1 
ATOM   569  H HD21 . LEU A 1 51  ? 4.332   -4.540  7.938   1.00 55.08  ? 33  LEU B HD21 1 
ATOM   570  H HD22 . LEU A 1 51  ? 5.547   -3.545  7.700   1.00 55.08  ? 33  LEU B HD22 1 
ATOM   571  H HD23 . LEU A 1 51  ? 4.116   -3.206  7.102   1.00 55.08  ? 33  LEU B HD23 1 
ATOM   572  N N    . ALA A 1 52  ? 4.968   -5.023  2.353   1.00 44.15  ? 34  ALA B N    1 
ATOM   573  C CA   . ALA A 1 52  ? 4.247   -6.066  1.636   1.00 47.37  ? 34  ALA B CA   1 
ATOM   574  C C    . ALA A 1 52  ? 5.127   -6.767  0.612   1.00 35.04  ? 34  ALA B C    1 
ATOM   575  O O    . ALA A 1 52  ? 4.933   -7.957  0.344   1.00 40.33  ? 34  ALA B O    1 
ATOM   576  C CB   . ALA A 1 52  ? 3.017   -5.470  0.954   1.00 29.03  ? 34  ALA B CB   1 
ATOM   577  H H    . ALA A 1 52  ? 4.677   -4.227  2.212   1.00 53.05  ? 34  ALA B H    1 
ATOM   578  H HA   . ALA A 1 52  ? 3.951   -6.733  2.277   1.00 56.91  ? 34  ALA B HA   1 
ATOM   579  H HB1  . ALA A 1 52  ? 2.538   -6.177  0.495   1.00 34.90  ? 34  ALA B HB1  1 
ATOM   580  H HB2  . ALA A 1 52  ? 2.447   -5.067  1.627   1.00 34.90  ? 34  ALA B HB2  1 
ATOM   581  H HB3  . ALA A 1 52  ? 3.304   -4.798  0.318   1.00 34.90  ? 34  ALA B HB3  1 
ATOM   582  N N    . GLY A 1 53  ? 6.097   -6.057  0.032   1.00 39.86  ? 35  GLY B N    1 
ATOM   583  C CA   . GLY A 1 53  ? 6.991   -6.656  -0.936  1.00 33.47  ? 35  GLY B CA   1 
ATOM   584  C C    . GLY A 1 53  ? 8.106   -7.466  -0.328  1.00 50.34  ? 35  GLY B C    1 
ATOM   585  O O    . GLY A 1 53  ? 8.720   -8.275  -1.029  1.00 67.32  ? 35  GLY B O    1 
ATOM   586  H H    . GLY A 1 53  ? 6.253   -5.226  0.188   1.00 47.90  ? 35  GLY B H    1 
ATOM   587  H HA2  . GLY A 1 53  ? 6.478   -7.240  -1.516  1.00 40.23  ? 35  GLY B HA2  1 
ATOM   588  H HA3  . GLY A 1 53  ? 7.390   -5.952  -1.471  1.00 40.23  ? 35  GLY B HA3  1 
ATOM   589  N N    . SER A 1 54  ? 8.399   -7.250  0.956   1.00 53.13  ? 36  SER B N    1 
ATOM   590  C CA   . SER A 1 54  ? 9.280   -8.174  1.662   1.00 64.65  ? 36  SER B CA   1 
ATOM   591  C C    . SER A 1 54  ? 8.851   -9.618  1.417   1.00 72.63  ? 36  SER B C    1 
ATOM   592  O O    . SER A 1 54  ? 9.672   -10.476 1.074   1.00 70.58  ? 36  SER B O    1 
ATOM   593  C CB   . SER A 1 54  ? 9.279   -7.866  3.158   1.00 63.46  ? 36  SER B CB   1 
ATOM   594  O OG   . SER A 1 54  ? 9.784   -6.567  3.414   1.00 67.25  ? 36  SER B OG   1 
ATOM   595  H H    . SER A 1 54  ? 8.108   -6.593  1.428   1.00 63.82  ? 36  SER B H    1 
ATOM   596  H HA   . SER A 1 54  ? 10.186  -8.059  1.334   1.00 77.64  ? 36  SER B HA   1 
ATOM   597  H HB2  . SER A 1 54  ? 8.368   -7.920  3.490   1.00 76.22  ? 36  SER B HB2  1 
ATOM   598  H HB3  . SER A 1 54  ? 9.836   -8.516  3.615   1.00 76.22  ? 36  SER B HB3  1 
ATOM   599  H HG   . SER A 1 54  ? 9.342   -5.997  2.984   1.00 80.76  ? 36  SER B HG   1 
ATOM   600  N N    . ARG A 1 55  ? 7.554   -9.894  1.568   1.00 80.41  ? 37  ARG B N    1 
ATOM   601  C CA   . ARG A 1 55  ? 7.021   -11.242 1.437   1.00 74.50  ? 37  ARG B CA   1 
ATOM   602  C C    . ARG A 1 55  ? 7.450   -11.917 0.140   1.00 87.00  ? 37  ARG B C    1 
ATOM   603  O O    . ARG A 1 55  ? 7.881   -11.247 -0.803  1.00 81.78  ? 37  ARG B O    1 
ATOM   604  C CB   . ARG A 1 55  ? 5.486   -11.227 1.488   1.00 67.54  ? 37  ARG B CB   1 
ATOM   605  C CG   . ARG A 1 55  ? 4.883   -10.565 2.712   1.00 82.75  ? 37  ARG B CG   1 
ATOM   606  C CD   . ARG A 1 55  ? 5.578   -11.022 3.984   1.00 66.85  ? 37  ARG B CD   1 
ATOM   607  N NE   . ARG A 1 55  ? 4.935   -10.495 5.181   1.00 74.50  ? 37  ARG B NE   1 
ATOM   608  C CZ   . ARG A 1 55  ? 5.374   -9.455  5.878   1.00 71.61  ? 37  ARG B CZ   1 
ATOM   609  N NH1  . ARG A 1 55  ? 6.467   -8.798  5.527   1.00 63.07  ? 37  ARG B NH1  1 
ATOM   610  N NH2  . ARG A 1 55  ? 4.700   -9.071  6.959   1.00 59.68  ? 37  ARG B NH2  1 
ATOM   611  H H    . ARG A 1 55  ? 6.954   -9.304  1.749   1.00 96.56  ? 37  ARG B H    1 
ATOM   612  H HA   . ARG A 1 55  ? 7.373   -11.758 2.180   1.00 89.46  ? 37  ARG B HA   1 
ATOM   613  H HB2  . ARG A 1 55  ? 5.159   -10.748 0.711   1.00 81.11  ? 37  ARG B HB2  1 
ATOM   614  H HB3  . ARG A 1 55  ? 5.170   -12.144 1.471   1.00 81.11  ? 37  ARG B HB3  1 
ATOM   615  H HG2  . ARG A 1 55  ? 4.982   -9.603  2.640   1.00 99.37  ? 37  ARG B HG2  1 
ATOM   616  H HG3  . ARG A 1 55  ? 3.944   -10.799 2.776   1.00 99.37  ? 37  ARG B HG3  1 
ATOM   617  H HD2  . ARG A 1 55  ? 5.555   -11.991 4.028   1.00 80.29  ? 37  ARG B HD2  1 
ATOM   618  H HD3  . ARG A 1 55  ? 6.497   -10.713 3.973   1.00 80.29  ? 37  ARG B HD3  1 
ATOM   619  H HE   . ARG A 1 55  ? 4.221   -10.887 5.456   1.00 89.47  ? 37  ARG B HE   1 
ATOM   620  H HH11 . ARG A 1 55  ? 6.911   -9.043  4.833   1.00 75.75  ? 37  ARG B HH11 1 
ATOM   621  H HH12 . ARG A 1 55  ? 6.733   -8.127  5.994   1.00 75.75  ? 37  ARG B HH12 1 
ATOM   622  H HH21 . ARG A 1 55  ? 3.991   -9.494  7.197   1.00 71.68  ? 37  ARG B HH21 1 
ATOM   623  H HH22 . ARG A 1 55  ? 4.974   -8.398  7.419   1.00 71.68  ? 37  ARG B HH22 1 
ATOM   624  N N    . GLY A 1 56  ? 7.314   -13.230 0.075   1.00 86.35  ? 38  GLY B N    1 
ATOM   625  C CA   . GLY A 1 56  ? 7.469   -13.954 -1.162  1.00 57.92  ? 38  GLY B CA   1 
ATOM   626  C C    . GLY A 1 56  ? 6.173   -14.002 -1.959  1.00 69.81  ? 38  GLY B C    1 
ATOM   627  O O    . GLY A 1 56  ? 6.194   -14.137 -3.185  1.00 57.52  ? 38  GLY B O    1 
ATOM   628  H H    . GLY A 1 56  ? 7.129   -13.730 0.749   1.00 103.68 ? 38  GLY B H    1 
ATOM   629  H HA2  . GLY A 1 56  ? 8.148   -13.524 -1.706  1.00 69.56  ? 38  GLY B HA2  1 
ATOM   630  H HA3  . GLY A 1 56  ? 7.746   -14.864 -0.971  1.00 69.56  ? 38  GLY B HA3  1 
ATOM   631  N N    . ARG A 1 57  ? 5.035   -13.898 -1.263  1.00 74.18  ? 39  ARG B N    1 
ATOM   632  C CA   . ARG A 1 57  ? 3.751   -13.957 -1.957  1.00 81.93  ? 39  ARG B CA   1 
ATOM   633  C C    . ARG A 1 57  ? 3.510   -12.694 -2.777  1.00 74.71  ? 39  ARG B C    1 
ATOM   634  O O    . ARG A 1 57  ? 3.060   -12.769 -3.926  1.00 70.41  ? 39  ARG B O    1 
ATOM   635  C CB   . ARG A 1 57  ? 2.615   -14.169 -0.956  1.00 66.48  ? 39  ARG B CB   1 
ATOM   636  C CG   . ARG A 1 57  ? 1.360   -14.751 -1.588  1.00 67.77  ? 39  ARG B CG   1 
ATOM   637  C CD   . ARG A 1 57  ? 0.203   -14.828 -0.606  1.00 76.98  ? 39  ARG B CD   1 
ATOM   638  N NE   . ARG A 1 57  ? -0.280  -13.505 -0.230  1.00 82.84  ? 39  ARG B NE   1 
ATOM   639  C CZ   . ARG A 1 57  ? -0.947  -12.692 -1.039  1.00 69.27  ? 39  ARG B CZ   1 
ATOM   640  N NH1  . ARG A 1 57  ? -1.190  -13.020 -2.298  1.00 66.94  ? 39  ARG B NH1  1 
ATOM   641  N NH2  . ARG A 1 57  ? -1.375  -11.522 -0.575  1.00 57.32  ? 39  ARG B NH2  1 
ATOM   642  H H    . ARG A 1 57  ? 4.983   -13.796 -0.410  1.00 89.08  ? 39  ARG B H    1 
ATOM   643  H HA   . ARG A 1 57  ? 3.760   -14.715 -2.561  1.00 98.38  ? 39  ARG B HA   1 
ATOM   644  H HB2  . ARG A 1 57  ? 2.915   -14.784 -0.268  1.00 79.84  ? 39  ARG B HB2  1 
ATOM   645  H HB3  . ARG A 1 57  ? 2.382   -13.315 -0.561  1.00 79.84  ? 39  ARG B HB3  1 
ATOM   646  H HG2  . ARG A 1 57  ? 1.087   -14.190 -2.330  1.00 81.39  ? 39  ARG B HG2  1 
ATOM   647  H HG3  . ARG A 1 57  ? 1.548   -15.649 -1.902  1.00 81.39  ? 39  ARG B HG3  1 
ATOM   648  H HD2  . ARG A 1 57  ? -0.529  -15.315 -1.014  1.00 92.44  ? 39  ARG B HD2  1 
ATOM   649  H HD3  . ARG A 1 57  ? 0.498   -15.283 0.199   1.00 92.44  ? 39  ARG B HD3  1 
ATOM   650  H HE   . ARG A 1 57  ? -0.123  -13.234 0.570   1.00 99.47  ? 39  ARG B HE   1 
ATOM   651  H HH11 . ARG A 1 57  ? -0.916  -13.772 -2.608  1.00 80.39  ? 39  ARG B HH11 1 
ATOM   652  H HH12 . ARG A 1 57  ? -1.625  -12.479 -2.807  1.00 80.39  ? 39  ARG B HH12 1 
ATOM   653  H HH21 . ARG A 1 57  ? -1.218  -11.299 0.240   1.00 68.85  ? 39  ARG B HH21 1 
ATOM   654  H HH22 . ARG A 1 57  ? -1.808  -10.987 -1.091  1.00 68.85  ? 39  ARG B HH22 1 
ATOM   655  N N    . LEU A 1 58  ? 3.800   -11.529 -2.203  1.00 51.52  ? 40  LEU B N    1 
ATOM   656  C CA   . LEU A 1 58  ? 3.741   -10.266 -2.922  1.00 45.28  ? 40  LEU B CA   1 
ATOM   657  C C    . LEU A 1 58  ? 5.163   -9.802  -3.219  1.00 43.73  ? 40  LEU B C    1 
ATOM   658  O O    . LEU A 1 58  ? 5.935   -9.520  -2.296  1.00 57.13  ? 40  LEU B O    1 
ATOM   659  C CB   . LEU A 1 58  ? 3.004   -9.201  -2.115  1.00 36.56  ? 40  LEU B CB   1 
ATOM   660  C CG   . LEU A 1 58  ? 1.522   -8.997  -2.413  1.00 39.97  ? 40  LEU B CG   1 
ATOM   661  C CD1  . LEU A 1 58  ? 0.816   -10.329 -2.541  1.00 50.59  ? 40  LEU B CD1  1 
ATOM   662  C CD2  . LEU A 1 58  ? 0.898   -8.149  -1.310  1.00 37.27  ? 40  LEU B CD2  1 
ATOM   663  H H    . LEU A 1 58  ? 4.038   -11.446 -1.381  1.00 61.89  ? 40  LEU B H    1 
ATOM   664  H HA   . LEU A 1 58  ? 3.268   -10.396 -3.759  1.00 54.40  ? 40  LEU B HA   1 
ATOM   665  H HB2  . LEU A 1 58  ? 3.072   -9.440  -1.177  1.00 43.93  ? 40  LEU B HB2  1 
ATOM   666  H HB3  . LEU A 1 58  ? 3.443   -8.351  -2.272  1.00 43.93  ? 40  LEU B HB3  1 
ATOM   667  H HG   . LEU A 1 58  ? 1.416   -8.532  -3.258  1.00 48.03  ? 40  LEU B HG   1 
ATOM   668  H HD11 . LEU A 1 58  ? -0.141  -10.187 -2.475  1.00 60.77  ? 40  LEU B HD11 1 
ATOM   669  H HD12 . LEU A 1 58  ? 1.033   -10.720 -3.403  1.00 60.77  ? 40  LEU B HD12 1 
ATOM   670  H HD13 . LEU A 1 58  ? 1.113   -10.915 -1.828  1.00 60.77  ? 40  LEU B HD13 1 
ATOM   671  H HD21 . LEU A 1 58  ? 0.011   -7.874  -1.588  1.00 44.78  ? 40  LEU B HD21 1 
ATOM   672  H HD22 . LEU A 1 58  ? 0.842   -8.679  -0.499  1.00 44.78  ? 40  LEU B HD22 1 
ATOM   673  H HD23 . LEU A 1 58  ? 1.455   -7.370  -1.159  1.00 44.78  ? 40  LEU B HD23 1 
ATOM   674  N N    A ARG A 1 59  ? 5.508   -9.742  -4.501  0.50 36.70  ? 41  ARG B N    1 
ATOM   675  N N    B ARG A 1 59  ? 5.506   -9.722  -4.499  0.50 36.71  ? 41  ARG B N    1 
ATOM   676  C CA   A ARG A 1 59  ? 6.775   -9.193  -4.964  0.50 46.23  ? 41  ARG B CA   1 
ATOM   677  C CA   B ARG A 1 59  ? 6.790   -9.190  -4.940  0.50 46.23  ? 41  ARG B CA   1 
ATOM   678  C C    A ARG A 1 59  ? 6.493   -7.829  -5.581  0.50 34.86  ? 41  ARG B C    1 
ATOM   679  C C    B ARG A 1 59  ? 6.546   -7.844  -5.607  0.50 34.87  ? 41  ARG B C    1 
ATOM   680  O O    A ARG A 1 59  ? 5.726   -7.725  -6.545  0.50 30.05  ? 41  ARG B O    1 
ATOM   681  O O    B ARG A 1 59  ? 5.882   -7.768  -6.646  0.50 30.12  ? 41  ARG B O    1 
ATOM   682  C CB   A ARG A 1 59  ? 7.453   -10.130 -5.964  0.50 43.95  ? 41  ARG B CB   1 
ATOM   683  C CB   B ARG A 1 59  ? 7.497   -10.160 -5.887  0.50 43.94  ? 41  ARG B CB   1 
ATOM   684  C CG   A ARG A 1 59  ? 6.671   -10.405 -7.238  0.50 42.46  ? 41  ARG B CG   1 
ATOM   685  C CG   B ARG A 1 59  ? 6.733   -10.511 -7.150  0.50 42.50  ? 41  ARG B CG   1 
ATOM   686  C CD   A ARG A 1 59  ? 7.153   -9.530  -8.385  0.50 36.88  ? 41  ARG B CD   1 
ATOM   687  C CD   B ARG A 1 59  ? 7.426   -11.651 -7.894  0.50 39.47  ? 41  ARG B CD   1 
ATOM   688  N NE   A ARG A 1 59  ? 6.411   -9.789  -9.614  0.50 22.50  ? 41  ARG B NE   1 
ATOM   689  N NE   B ARG A 1 59  ? 8.785   -11.303 -8.292  0.50 33.36  ? 41  ARG B NE   1 
ATOM   690  C CZ   A ARG A 1 59  ? 6.264   -8.913  -10.600 0.50 26.32  ? 41  ARG B CZ   1 
ATOM   691  C CZ   B ARG A 1 59  ? 9.666   -12.162 -8.788  0.50 22.95  ? 41  ARG B CZ   1 
ATOM   692  N NH1  A ARG A 1 59  ? 6.761   -7.690  -10.518 0.50 39.39  ? 41  ARG B NH1  1 
ATOM   693  N NH1  B ARG A 1 59  ? 9.371   -13.442 -8.943  0.50 34.70  ? 41  ARG B NH1  1 
ATOM   694  N NH2  A ARG A 1 59  ? 5.599   -9.273  -11.693 0.50 18.65  ? 41  ARG B NH2  1 
ATOM   695  N NH2  B ARG A 1 59  ? 10.875  -11.725 -9.132  0.50 21.53  ? 41  ARG B NH2  1 
ATOM   696  H H    A ARG A 1 59  ? 5.006   -10.022 -5.141  0.50 44.10  ? 41  ARG B H    1 
ATOM   697  H H    B ARG A 1 59  ? 4.998   -9.974  -5.147  0.50 44.11  ? 41  ARG B H    1 
ATOM   698  H HA   A ARG A 1 59  ? 7.385   -9.078  -4.218  0.50 55.54  ? 41  ARG B HA   1 
ATOM   699  H HA   B ARG A 1 59  ? 7.370   -9.055  -4.174  0.50 55.54  ? 41  ARG B HA   1 
ATOM   700  H HB2  A ARG A 1 59  ? 8.300   -9.736  -6.226  0.50 52.80  ? 41  ARG B HB2  1 
ATOM   701  H HB2  B ARG A 1 59  ? 8.338   -9.760  -6.159  0.50 52.79  ? 41  ARG B HB2  1 
ATOM   702  H HB3  A ARG A 1 59  ? 7.605   -10.983 -5.529  0.50 52.80  ? 41  ARG B HB3  1 
ATOM   703  H HB3  B ARG A 1 59  ? 7.662   -10.987 -5.409  0.50 52.79  ? 41  ARG B HB3  1 
ATOM   704  H HG2  A ARG A 1 59  ? 6.787   -11.334 -7.493  0.50 51.02  ? 41  ARG B HG2  1 
ATOM   705  H HG2  B ARG A 1 59  ? 5.835   -10.793 -6.918  0.50 51.07  ? 41  ARG B HG2  1 
ATOM   706  H HG3  A ARG A 1 59  ? 5.731   -10.219 -7.085  0.50 51.02  ? 41  ARG B HG3  1 
ATOM   707  H HG3  B ARG A 1 59  ? 6.698   -9.738  -7.734  0.50 51.07  ? 41  ARG B HG3  1 
ATOM   708  H HD2  A ARG A 1 59  ? 7.032   -8.597  -8.148  0.50 44.32  ? 41  ARG B HD2  1 
ATOM   709  H HD2  B ARG A 1 59  ? 7.469   -12.428 -7.315  0.50 47.43  ? 41  ARG B HD2  1 
ATOM   710  H HD3  A ARG A 1 59  ? 8.091   -9.710  -8.554  0.50 44.32  ? 41  ARG B HD3  1 
ATOM   711  H HD3  B ARG A 1 59  ? 6.920   -11.862 -8.694  0.50 47.43  ? 41  ARG B HD3  1 
ATOM   712  H HE   A ARG A 1 59  ? 6.042   -10.561 -9.705  0.50 27.06  ? 41  ARG B HE   1 
ATOM   713  H HE   B ARG A 1 59  ? 9.032   -10.485 -8.199  0.50 40.09  ? 41  ARG B HE   1 
ATOM   714  H HH11 A ARG A 1 59  ? 7.191   -7.447  -9.813  0.50 47.34  ? 41  ARG B HH11 1 
ATOM   715  H HH11 B ARG A 1 59  ? 8.593   -13.734 -8.722  0.50 41.70  ? 41  ARG B HH11 1 
ATOM   716  H HH12 A ARG A 1 59  ? 6.655   -7.138  -11.169 0.50 47.34  ? 41  ARG B HH12 1 
ATOM   717  H HH12 B ARG A 1 59  ? 9.957   -13.982 -9.267  0.50 41.70  ? 41  ARG B HH12 1 
ATOM   718  H HH21 A ARG A 1 59  ? 5.269   -10.065 -11.755 0.50 22.45  ? 41  ARG B HH21 1 
ATOM   719  H HH21 B ARG A 1 59  ? 11.078  -10.896 -9.031  0.50 25.90  ? 41  ARG B HH21 1 
ATOM   720  H HH22 A ARG A 1 59  ? 5.499   -8.713  -12.339 0.50 22.45  ? 41  ARG B HH22 1 
ATOM   721  H HH22 B ARG A 1 59  ? 11.454  -12.274 -9.453  0.50 25.90  ? 41  ARG B HH22 1 
ATOM   722  N N    . LEU A 1 60  ? 7.095   -6.786  -5.013  1.00 33.26  ? 42  LEU B N    1 
ATOM   723  C CA   . LEU A 1 60  ? 6.873   -5.410  -5.455  1.00 36.77  ? 42  LEU B CA   1 
ATOM   724  C C    . LEU A 1 60  ? 8.240   -4.736  -5.533  1.00 31.75  ? 42  LEU B C    1 
ATOM   725  O O    . LEU A 1 60  ? 8.800   -4.341  -4.505  1.00 33.00  ? 42  LEU B O    1 
ATOM   726  C CB   . LEU A 1 60  ? 5.943   -4.652  -4.514  1.00 29.16  ? 42  LEU B CB   1 
ATOM   727  C CG   . LEU A 1 60  ? 4.455   -4.988  -4.510  1.00 34.10  ? 42  LEU B CG   1 
ATOM   728  C CD1  . LEU A 1 60  ? 3.815   -4.441  -3.238  1.00 37.98  ? 42  LEU B CD1  1 
ATOM   729  C CD2  . LEU A 1 60  ? 3.766   -4.423  -5.736  1.00 29.43  ? 42  LEU B CD2  1 
ATOM   730  H H    . LEU A 1 60  ? 7.648   -6.849  -4.358  1.00 39.98  ? 42  LEU B H    1 
ATOM   731  H HA   . LEU A 1 60  ? 6.463   -5.421  -6.335  1.00 44.19  ? 42  LEU B HA   1 
ATOM   732  H HB2  . LEU A 1 60  ? 6.261   -4.803  -3.610  1.00 35.05  ? 42  LEU B HB2  1 
ATOM   733  H HB3  . LEU A 1 60  ? 6.011   -3.710  -4.737  1.00 35.05  ? 42  LEU B HB3  1 
ATOM   734  H HG   . LEU A 1 60  ? 4.341   -5.951  -4.534  1.00 40.99  ? 42  LEU B HG   1 
ATOM   735  H HD11 . LEU A 1 60  ? 2.858   -4.594  -3.274  1.00 45.64  ? 42  LEU B HD11 1 
ATOM   736  H HD12 . LEU A 1 60  ? 4.195   -4.900  -2.471  1.00 45.64  ? 42  LEU B HD12 1 
ATOM   737  H HD13 . LEU A 1 60  ? 3.997   -3.490  -3.177  1.00 45.64  ? 42  LEU B HD13 1 
ATOM   738  H HD21 . LEU A 1 60  ? 2.862   -4.773  -5.779  1.00 35.38  ? 42  LEU B HD21 1 
ATOM   739  H HD22 . LEU A 1 60  ? 3.744   -3.456  -5.668  1.00 35.38  ? 42  LEU B HD22 1 
ATOM   740  H HD23 . LEU A 1 60  ? 4.261   -4.689  -6.527  1.00 35.38  ? 42  LEU B HD23 1 
ATOM   741  N N    . SER A 1 61  ? 8.780   -4.613  -6.742  1.00 28.40  ? 43  SER B N    1 
ATOM   742  C CA   . SER A 1 61  ? 10.067  -3.965  -6.917  1.00 22.71  ? 43  SER B CA   1 
ATOM   743  C C    . SER A 1 61  ? 9.895   -2.447  -6.959  1.00 33.57  ? 43  SER B C    1 
ATOM   744  O O    . SER A 1 61  ? 8.783   -1.919  -7.060  1.00 25.21  ? 43  SER B O    1 
ATOM   745  C CB   . SER A 1 61  ? 10.744  -4.458  -8.192  1.00 16.35  ? 43  SER B CB   1 
ATOM   746  O OG   . SER A 1 61  ? 10.091  -3.959  -9.341  1.00 34.47  ? 43  SER B OG   1 
ATOM   747  H H    . SER A 1 61  ? 8.420   -4.896  -7.469  1.00 34.14  ? 43  SER B H    1 
ATOM   748  H HA   . SER A 1 61  ? 10.641  -4.188  -6.167  1.00 27.31  ? 43  SER B HA   1 
ATOM   749  H HB2  . SER A 1 61  ? 11.665  -4.154  -8.197  1.00 19.69  ? 43  SER B HB2  1 
ATOM   750  H HB3  . SER A 1 61  ? 10.715  -5.428  -8.210  1.00 19.69  ? 43  SER B HB3  1 
ATOM   751  H HG   . SER A 1 61  ? 10.226  -3.133  -9.413  1.00 41.43  ? 43  SER B HG   1 
ATOM   752  N N    . CYS A 1 62  ? 11.022  -1.737  -6.875  1.00 30.86  ? 44  CYS B N    1 
ATOM   753  C CA   . CYS A 1 62  ? 10.983  -0.286  -7.026  1.00 26.49  ? 44  CYS B CA   1 
ATOM   754  C C    . CYS A 1 62  ? 10.400  0.114   -8.374  1.00 22.50  ? 44  CYS B C    1 
ATOM   755  O O    . CYS A 1 62  ? 9.731   1.148   -8.482  1.00 15.90  ? 44  CYS B O    1 
ATOM   756  C CB   . CYS A 1 62  ? 12.386  0.300   -6.872  1.00 25.58  ? 44  CYS B CB   1 
ATOM   757  S SG   . CYS A 1 62  ? 13.042  0.228   -5.193  1.00 29.53  ? 44  CYS B SG   1 
ATOM   758  H H    . CYS A 1 62  ? 11.804  -2.065  -6.734  1.00 37.10  ? 44  CYS B H    1 
ATOM   759  H HA   . CYS A 1 62  ? 10.424  0.085   -6.324  1.00 31.86  ? 44  CYS B HA   1 
ATOM   760  H HB2  . CYS A 1 62  ? 12.992  -0.194  -7.446  1.00 30.76  ? 44  CYS B HB2  1 
ATOM   761  H HB3  . CYS A 1 62  ? 12.362  1.232   -7.138  1.00 30.76  ? 44  CYS B HB3  1 
ATOM   762  H HG   . CYS A 1 62  ? 14.159  0.665   -5.191  1.00 35.50  ? 44  CYS B HG   1 
ATOM   763  N N    . LEU A 1 63  ? 10.630  -0.701  -9.407  1.00 16.70  ? 45  LEU B N    1 
ATOM   764  C CA   . LEU A 1 63  ? 10.084  -0.402  -10.725 1.00 24.78  ? 45  LEU B CA   1 
ATOM   765  C C    . LEU A 1 63  ? 8.570   -0.557  -10.741 1.00 18.70  ? 45  LEU B C    1 
ATOM   766  O O    . LEU A 1 63  ? 7.869   0.251   -11.360 1.00 21.79  ? 45  LEU B O    1 
ATOM   767  C CB   . LEU A 1 63  ? 10.736  -1.305  -11.768 1.00 27.79  ? 45  LEU B CB   1 
ATOM   768  C CG   . LEU A 1 63  ? 10.383  -1.067  -13.233 1.00 29.50  ? 45  LEU B CG   1 
ATOM   769  C CD1  . LEU A 1 63  ? 10.656  0.365   -13.640 1.00 21.64  ? 45  LEU B CD1  1 
ATOM   770  C CD2  . LEU A 1 63  ? 11.171  -2.040  -14.108 1.00 26.89  ? 45  LEU B CD2  1 
ATOM   771  H H    . LEU A 1 63  ? 11.095  -1.424  -9.370  1.00 20.10  ? 45  LEU B H    1 
ATOM   772  H HA   . LEU A 1 63  ? 10.289  0.518   -10.955 1.00 29.80  ? 45  LEU B HA   1 
ATOM   773  H HB2  . LEU A 1 63  ? 11.698  -1.199  -11.691 1.00 33.41  ? 45  LEU B HB2  1 
ATOM   774  H HB3  . LEU A 1 63  ? 10.487  -2.220  -11.565 1.00 33.41  ? 45  LEU B HB3  1 
ATOM   775  H HG   . LEU A 1 63  ? 9.434   -1.221  -13.364 1.00 35.47  ? 45  LEU B HG   1 
ATOM   776  H HD11 . LEU A 1 63  ? 10.516  0.454   -14.596 1.00 26.04  ? 45  LEU B HD11 1 
ATOM   777  H HD12 . LEU A 1 63  ? 10.049  0.951   -13.160 1.00 26.04  ? 45  LEU B HD12 1 
ATOM   778  H HD13 . LEU A 1 63  ? 11.574  0.587   -13.418 1.00 26.04  ? 45  LEU B HD13 1 
ATOM   779  H HD21 . LEU A 1 63  ? 10.935  -1.892  -15.037 1.00 32.33  ? 45  LEU B HD21 1 
ATOM   780  H HD22 . LEU A 1 63  ? 12.119  -1.885  -13.979 1.00 32.33  ? 45  LEU B HD22 1 
ATOM   781  H HD23 . LEU A 1 63  ? 10.946  -2.949  -13.851 1.00 32.33  ? 45  LEU B HD23 1 
ATOM   782  N N    . ASP A 1 64  ? 8.047   -1.584  -10.067 1.00 22.51  ? 46  ASP B N    1 
ATOM   783  C CA   . ASP A 1 64  ? 6.601   -1.693  -9.909  1.00 21.82  ? 46  ASP B CA   1 
ATOM   784  C C    . ASP A 1 64  ? 6.032   -0.438  -9.259  1.00 18.41  ? 46  ASP B C    1 
ATOM   785  O O    . ASP A 1 64  ? 4.994   0.079   -9.686  1.00 21.65  ? 46  ASP B O    1 
ATOM   786  C CB   . ASP A 1 64  ? 6.249   -2.920  -9.064  1.00 24.97  ? 46  ASP B CB   1 
ATOM   787  C CG   . ASP A 1 64  ? 6.650   -4.226  -9.722  1.00 42.05  ? 46  ASP B CG   1 
ATOM   788  O OD1  . ASP A 1 64  ? 6.667   -4.287  -10.972 1.00 22.68  ? 46  ASP B OD1  1 
ATOM   789  O OD2  . ASP A 1 64  ? 6.941   -5.198  -8.988  1.00 29.08  ? 46  ASP B OD2  1 
ATOM   790  H H    . ASP A 1 64  ? 8.499   -2.217  -9.701  1.00 27.08  ? 46  ASP B H    1 
ATOM   791  H HA   . ASP A 1 64  ? 6.202   -1.804  -10.786 1.00 26.24  ? 46  ASP B HA   1 
ATOM   792  H HB2  . ASP A 1 64  ? 6.709   -2.860  -8.212  1.00 30.03  ? 46  ASP B HB2  1 
ATOM   793  H HB3  . ASP A 1 64  ? 5.289   -2.940  -8.921  1.00 30.03  ? 46  ASP B HB3  1 
ATOM   794  N N    . LEU A 1 65  ? 6.706   0.067   -8.225  1.00 18.28  ? 47  LEU B N    1 
ATOM   795  C CA   . LEU A 1 65  ? 6.198   1.179   -7.438  1.00 20.00  ? 47  LEU B CA   1 
ATOM   796  C C    . LEU A 1 65  ? 6.376   2.526   -8.120  1.00 24.94  ? 47  LEU B C    1 
ATOM   797  O O    . LEU A 1 65  ? 5.657   3.472   -7.773  1.00 21.06  ? 47  LEU B O    1 
ATOM   798  C CB   . LEU A 1 65  ? 6.899   1.206   -6.080  1.00 20.06  ? 47  LEU B CB   1 
ATOM   799  C CG   . LEU A 1 65  ? 6.740   -0.070  -5.253  1.00 34.99  ? 47  LEU B CG   1 
ATOM   800  C CD1  . LEU A 1 65  ? 7.612   -0.015  -4.013  1.00 32.25  ? 47  LEU B CD1  1 
ATOM   801  C CD2  . LEU A 1 65  ? 5.273   -0.261  -4.884  1.00 31.24  ? 47  LEU B CD2  1 
ATOM   802  H H    . LEU A 1 65  ? 7.471   -0.224  -7.958  1.00 22.00  ? 47  LEU B H    1 
ATOM   803  H HA   . LEU A 1 65  ? 5.247   1.046   -7.298  1.00 24.06  ? 47  LEU B HA   1 
ATOM   804  H HB2  . LEU A 1 65  ? 7.849   1.342   -6.227  1.00 24.13  ? 47  LEU B HB2  1 
ATOM   805  H HB3  . LEU A 1 65  ? 6.535   1.939   -5.561  1.00 24.13  ? 47  LEU B HB3  1 
ATOM   806  H HG   . LEU A 1 65  ? 7.027   -0.837  -5.772  1.00 42.05  ? 47  LEU B HG   1 
ATOM   807  H HD11 . LEU A 1 65  ? 7.483   -0.828  -3.499  1.00 38.77  ? 47  LEU B HD11 1 
ATOM   808  H HD12 . LEU A 1 65  ? 8.541   0.059   -4.283  1.00 38.77  ? 47  LEU B HD12 1 
ATOM   809  H HD13 . LEU A 1 65  ? 7.358   0.756   -3.482  1.00 38.77  ? 47  LEU B HD13 1 
ATOM   810  H HD21 . LEU A 1 65  ? 5.194   -1.019  -4.284  1.00 37.55  ? 47  LEU B HD21 1 
ATOM   811  H HD22 . LEU A 1 65  ? 4.952   0.543   -4.446  1.00 37.55  ? 47  LEU B HD22 1 
ATOM   812  H HD23 . LEU A 1 65  ? 4.763   -0.423  -5.692  1.00 37.55  ? 47  LEU B HD23 1 
ATOM   813  N N    A GLU A 1 66  ? 7.306   2.636   -9.068  0.50 21.45  ? 48  GLU B N    1 
ATOM   814  N N    B GLU A 1 66  ? 7.315   2.634   -9.060  0.50 21.44  ? 48  GLU B N    1 
ATOM   815  C CA   A GLU A 1 66  ? 7.498   3.902   -9.763  0.50 16.74  ? 48  GLU B CA   1 
ATOM   816  C CA   B GLU A 1 66  ? 7.509   3.886   -9.780  0.50 16.12  ? 48  GLU B CA   1 
ATOM   817  C C    A GLU A 1 66  ? 6.243   4.307   -10.525 0.50 16.61  ? 48  GLU B C    1 
ATOM   818  C C    B GLU A 1 66  ? 6.244   4.299   -10.519 0.50 16.61  ? 48  GLU B C    1 
ATOM   819  O O    A GLU A 1 66  ? 5.886   5.491   -10.564 0.50 17.46  ? 48  GLU B O    1 
ATOM   820  O O    B GLU A 1 66  ? 5.888   5.484   -10.541 0.50 18.28  ? 48  GLU B O    1 
ATOM   821  C CB   A GLU A 1 66  ? 8.693   3.798   -10.709 0.50 22.87  ? 48  GLU B CB   1 
ATOM   822  C CB   B GLU A 1 66  ? 8.679   3.739   -10.754 0.50 22.92  ? 48  GLU B CB   1 
ATOM   823  C CG   A GLU A 1 66  ? 9.751   4.860   -10.482 0.50 16.57  ? 48  GLU B CG   1 
ATOM   824  C CG   B GLU A 1 66  ? 8.779   4.836   -11.795 0.50 16.43  ? 48  GLU B CG   1 
ATOM   825  C CD   A GLU A 1 66  ? 11.092  4.476   -11.069 0.50 16.06  ? 48  GLU B CD   1 
ATOM   826  C CD   B GLU A 1 66  ? 9.974   4.658   -12.716 0.50 20.35  ? 48  GLU B CD   1 
ATOM   827  O OE1  A GLU A 1 66  ? 11.204  4.410   -12.311 0.50 21.59  ? 48  GLU B OE1  1 
ATOM   828  O OE1  B GLU A 1 66  ? 9.878   3.874   -13.684 0.50 14.93  ? 48  GLU B OE1  1 
ATOM   829  O OE2  A GLU A 1 66  ? 12.033  4.224   -10.286 0.50 14.38  ? 48  GLU B OE2  1 
ATOM   830  O OE2  B GLU A 1 66  ? 11.018  5.297   -12.457 0.50 21.12  ? 48  GLU B OE2  1 
ATOM   831  H H    A GLU A 1 66  ? 7.829   2.002   -9.323  0.50 25.80  ? 48  GLU B H    1 
ATOM   832  H H    B GLU A 1 66  ? 7.847   2.001   -9.298  0.50 25.80  ? 48  GLU B H    1 
ATOM   833  H HA   A GLU A 1 66  ? 7.688   4.596   -9.113  0.50 20.15  ? 48  GLU B HA   1 
ATOM   834  H HA   B GLU A 1 66  ? 7.725   4.588   -9.147  0.50 19.41  ? 48  GLU B HA   1 
ATOM   835  H HB2  A GLU A 1 66  ? 9.112   2.932   -10.586 0.50 27.51  ? 48  GLU B HB2  1 
ATOM   836  H HB2  B GLU A 1 66  ? 9.505   3.741   -10.247 0.50 27.57  ? 48  GLU B HB2  1 
ATOM   837  H HB3  A GLU A 1 66  ? 8.376   3.886   -11.622 0.50 27.51  ? 48  GLU B HB3  1 
ATOM   838  H HB3  B GLU A 1 66  ? 8.582   2.897   -11.227 0.50 27.57  ? 48  GLU B HB3  1 
ATOM   839  H HG2  A GLU A 1 66  ? 9.464   5.686   -10.900 0.50 19.95  ? 48  GLU B HG2  1 
ATOM   840  H HG2  B GLU A 1 66  ? 7.976   4.831   -12.339 0.50 19.78  ? 48  GLU B HG2  1 
ATOM   841  H HG3  A GLU A 1 66  ? 9.867   4.992   -9.528  0.50 19.95  ? 48  GLU B HG3  1 
ATOM   842  H HG3  B GLU A 1 66  ? 8.870   5.691   -11.347 0.50 19.78  ? 48  GLU B HG3  1 
ATOM   843  N N    . GLN A 1 67  ? 5.560   3.337   -11.140 1.00 19.45  ? 49  GLN B N    1 
ATOM   844  C CA   . GLN A 1 67  ? 4.356   3.656   -11.899 1.00 17.17  ? 49  GLN B CA   1 
ATOM   845  C C    . GLN A 1 67  ? 3.262   4.206   -10.998 1.00 21.12  ? 49  GLN B C    1 
ATOM   846  O O    . GLN A 1 67  ? 2.457   5.038   -11.435 1.00 27.14  ? 49  GLN B O    1 
ATOM   847  C CB   . GLN A 1 67  ? 3.868   2.414   -12.635 1.00 23.01  ? 49  GLN B CB   1 
ATOM   848  C CG   . GLN A 1 67  ? 4.854   1.892   -13.668 1.00 51.99  ? 49  GLN B CG   1 
ATOM   849  C CD   . GLN A 1 67  ? 4.810   2.687   -14.960 1.00 48.31  ? 49  GLN B CD   1 
ATOM   850  O OE1  . GLN A 1 67  ? 3.794   2.694   -15.657 1.00 39.87  ? 49  GLN B OE1  1 
ATOM   851  N NE2  . GLN A 1 67  ? 5.906   3.360   -15.288 1.00 38.72  ? 49  GLN B NE2  1 
ATOM   852  H H    . GLN A 1 67  ? 5.774   2.504   -11.130 1.00 23.40  ? 49  GLN B H    1 
ATOM   853  H HA   . GLN A 1 67  ? 4.567   4.334   -12.559 1.00 20.67  ? 49  GLN B HA   1 
ATOM   854  H HB2  . GLN A 1 67  ? 3.713   1.707   -11.989 1.00 27.68  ? 49  GLN B HB2  1 
ATOM   855  H HB3  . GLN A 1 67  ? 3.041   2.629   -13.096 1.00 27.68  ? 49  GLN B HB3  1 
ATOM   856  H HG2  . GLN A 1 67  ? 5.753   1.952   -13.308 1.00 62.46  ? 49  GLN B HG2  1 
ATOM   857  H HG3  . GLN A 1 67  ? 4.640   0.969   -13.874 1.00 62.46  ? 49  GLN B HG3  1 
ATOM   858  H HE21 . GLN A 1 67  ? 6.597   3.332   -14.777 1.00 46.52  ? 49  GLN B HE21 1 
ATOM   859  H HE22 . GLN A 1 67  ? 5.926   3.825   -16.012 1.00 46.52  ? 49  GLN B HE22 1 
ATOM   860  N N    . CYS A 1 68  ? 3.208   3.759   -9.744  1.00 20.63  ? 50  CYS B N    1 
ATOM   861  C CA   . CYS A 1 68  ? 2.257   4.327   -8.798  1.00 16.62  ? 50  CYS B CA   1 
ATOM   862  C C    . CYS A 1 68  ? 2.718   5.697   -8.305  1.00 13.50  ? 50  CYS B C    1 
ATOM   863  O O    . CYS A 1 68  ? 1.909   6.626   -8.195  1.00 17.24  ? 50  CYS B O    1 
ATOM   864  C CB   . CYS A 1 68  ? 2.059   3.382   -7.613  1.00 28.87  ? 50  CYS B CB   1 
ATOM   865  S SG   . CYS A 1 68  ? 1.358   1.769   -8.041  1.00 24.54  ? 50  CYS B SG   1 
ATOM   866  H H    . CYS A 1 68  ? 3.706   3.136   -9.422  1.00 24.83  ? 50  CYS B H    1 
ATOM   867  H HA   . CYS A 1 68  ? 1.402   4.433   -9.241  1.00 20.01  ? 50  CYS B HA   1 
ATOM   868  H HB2  . CYS A 1 68  ? 2.921   3.225   -7.198  1.00 34.71  ? 50  CYS B HB2  1 
ATOM   869  H HB3  . CYS A 1 68  ? 1.457   3.804   -6.981  1.00 34.71  ? 50  CYS B HB3  1 
ATOM   870  N N    . SER A 1 69  ? 4.011   5.832   -8.011  1.00 12.79  ? 51  SER B N    1 
ATOM   871  C CA   . SER A 1 69  ? 4.547   7.127   -7.607  1.00 13.78  ? 51  SER B CA   1 
ATOM   872  C C    . SER A 1 69  ? 4.213   8.200   -8.634  1.00 14.70  ? 51  SER B C    1 
ATOM   873  O O    . SER A 1 69  ? 3.893   9.340   -8.279  1.00 14.79  ? 51  SER B O    1 
ATOM   874  C CB   . SER A 1 69  ? 6.061   7.032   -7.418  1.00 16.72  ? 51  SER B CB   1 
ATOM   875  O OG   . SER A 1 69  ? 6.629   8.320   -7.226  1.00 24.37  ? 51  SER B OG   1 
ATOM   876  H H    . SER A 1 69  ? 4.591   5.197   -8.037  1.00 15.41  ? 51  SER B H    1 
ATOM   877  H HA   . SER A 1 69  ? 4.150   7.379   -6.758  1.00 16.60  ? 51  SER B HA   1 
ATOM   878  H HB2  . SER A 1 69  ? 6.247   6.485   -6.638  1.00 20.13  ? 51  SER B HB2  1 
ATOM   879  H HB3  . SER A 1 69  ? 6.453   6.628   -8.208  1.00 20.13  ? 51  SER B HB3  1 
ATOM   880  H HG   . SER A 1 69  ? 6.273   8.696   -6.565  1.00 29.31  ? 51  SER B HG   1 
ATOM   881  N N    . LEU A 1 70  ? 4.274   7.847   -9.916  1.00 14.11  ? 52  LEU B N    1 
ATOM   882  C CA   . LEU A 1 70  ? 4.070   8.842   -10.962 1.00 23.26  ? 52  LEU B CA   1 
ATOM   883  C C    . LEU A 1 70  ? 2.626   9.329   -11.052 1.00 21.05  ? 52  LEU B C    1 
ATOM   884  O O    . LEU A 1 70  ? 2.383   10.381  -11.655 1.00 19.11  ? 52  LEU B O    1 
ATOM   885  C CB   . LEU A 1 70  ? 4.493   8.280   -12.322 1.00 18.51  ? 52  LEU B CB   1 
ATOM   886  C CG   . LEU A 1 70  ? 5.977   7.992   -12.524 1.00 12.44  ? 52  LEU B CG   1 
ATOM   887  C CD1  . LEU A 1 70  ? 6.144   7.202   -13.824 1.00 38.12  ? 52  LEU B CD1  1 
ATOM   888  C CD2  . LEU A 1 70  ? 6.811   9.253   -12.554 1.00 12.56  ? 52  LEU B CD2  1 
ATOM   889  H H    . LEU A 1 70  ? 4.429   7.050   -10.201 1.00 16.99  ? 52  LEU B H    1 
ATOM   890  H HA   . LEU A 1 70  ? 4.631   9.607   -10.754 1.00 27.98  ? 52  LEU B HA   1 
ATOM   891  H HB2  . LEU A 1 70  ? 4.022   7.443   -12.458 1.00 22.28  ? 52  LEU B HB2  1 
ATOM   892  H HB3  . LEU A 1 70  ? 4.235   8.920   -13.003 1.00 22.28  ? 52  LEU B HB3  1 
ATOM   893  H HG   . LEU A 1 70  ? 6.305   7.473   -11.772 1.00 15.00  ? 52  LEU B HG   1 
ATOM   894  H HD11 . LEU A 1 70  ? 7.073   6.936   -13.915 1.00 45.81  ? 52  LEU B HD11 1 
ATOM   895  H HD12 . LEU A 1 70  ? 5.576   6.416   -13.792 1.00 45.81  ? 52  LEU B HD12 1 
ATOM   896  H HD13 . LEU A 1 70  ? 5.887   7.765   -14.571 1.00 45.81  ? 52  LEU B HD13 1 
ATOM   897  H HD21 . LEU A 1 70  ? 7.746   9.011   -12.641 1.00 15.14  ? 52  LEU B HD21 1 
ATOM   898  H HD22 . LEU A 1 70  ? 6.538   9.794   -13.311 1.00 15.14  ? 52  LEU B HD22 1 
ATOM   899  H HD23 . LEU A 1 70  ? 6.671   9.744   -11.729 1.00 15.14  ? 52  LEU B HD23 1 
ATOM   900  N N    . LYS A 1 71  ? 1.665   8.592   -10.484 1.00 20.00  ? 53  LYS B N    1 
ATOM   901  C CA   . LYS A 1 71  ? 0.275   9.035   -10.547 1.00 26.73  ? 53  LYS B CA   1 
ATOM   902  C C    . LYS A 1 71  ? 0.116   10.448  -9.999  1.00 25.82  ? 53  LYS B C    1 
ATOM   903  O O    . LYS A 1 71  ? -0.776  11.186  -10.435 1.00 34.91  ? 53  LYS B O    1 
ATOM   904  C CB   . LYS A 1 71  ? -0.631  8.080   -9.770  1.00 22.48  ? 53  LYS B CB   1 
ATOM   905  C CG   . LYS A 1 71  ? -0.810  6.715   -10.398 1.00 24.97  ? 53  LYS B CG   1 
ATOM   906  C CD   . LYS A 1 71  ? -1.364  6.819   -11.808 1.00 26.69  ? 53  LYS B CD   1 
ATOM   907  C CE   . LYS A 1 71  ? -1.853  5.470   -12.301 1.00 33.03  ? 53  LYS B CE   1 
ATOM   908  N NZ   . LYS A 1 71  ? -1.195  5.072   -13.572 1.00 47.58  ? 53  LYS B NZ   1 
ATOM   909  H H    . LYS A 1 71  ? 1.791   7.851   -10.067 1.00 24.07  ? 53  LYS B H    1 
ATOM   910  H HA   . LYS A 1 71  ? -0.004  9.025   -11.476 1.00 32.15  ? 53  LYS B HA   1 
ATOM   911  H HB2  . LYS A 1 71  ? -0.251  7.947   -8.887  1.00 27.04  ? 53  LYS B HB2  1 
ATOM   912  H HB3  . LYS A 1 71  ? -1.509  8.484   -9.695  1.00 27.04  ? 53  LYS B HB3  1 
ATOM   913  H HG2  . LYS A 1 71  ? 0.048   6.266   -10.441 1.00 30.03  ? 53  LYS B HG2  1 
ATOM   914  H HG3  . LYS A 1 71  ? -1.431  6.194   -9.864  1.00 30.03  ? 53  LYS B HG3  1 
ATOM   915  H HD2  . LYS A 1 71  ? -2.112  7.438   -11.816 1.00 32.10  ? 53  LYS B HD2  1 
ATOM   916  H HD3  . LYS A 1 71  ? -0.668  7.132   -12.407 1.00 32.10  ? 53  LYS B HD3  1 
ATOM   917  H HE2  . LYS A 1 71  ? -1.656  4.796   -11.633 1.00 39.70  ? 53  LYS B HE2  1 
ATOM   918  H HE3  . LYS A 1 71  ? -2.809  5.515   -12.457 1.00 39.70  ? 53  LYS B HE3  1 
ATOM   919  H HZ1  . LYS A 1 71  ? -1.483  4.269   -13.825 1.00 57.16  ? 53  LYS B HZ1  1 
ATOM   920  H HZ2  . LYS A 1 71  ? -1.384  5.662   -14.211 1.00 57.16  ? 53  LYS B HZ2  1 
ATOM   921  H HZ3  . LYS A 1 71  ? -0.312  5.041   -13.461 1.00 57.16  ? 53  LYS B HZ3  1 
ATOM   922  N N    . VAL A 1 72  ? 0.958   10.833  -9.039  1.00 18.98  ? 54  VAL B N    1 
ATOM   923  C CA   . VAL A 1 72  ? 0.877   12.147  -8.428  1.00 19.61  ? 54  VAL B CA   1 
ATOM   924  C C    . VAL A 1 72  ? 1.110   13.263  -9.435  1.00 34.30  ? 54  VAL B C    1 
ATOM   925  O O    . VAL A 1 72  ? 0.868   14.432  -9.123  1.00 27.67  ? 54  VAL B O    1 
ATOM   926  C CB   . VAL A 1 72  ? 1.885   12.222  -7.254  1.00 19.64  ? 54  VAL B CB   1 
ATOM   927  C CG1  . VAL A 1 72  ? 3.279   12.564  -7.760  1.00 29.53  ? 54  VAL B CG1  1 
ATOM   928  C CG2  . VAL A 1 72  ? 1.410   13.213  -6.200  1.00 39.04  ? 54  VAL B CG2  1 
ATOM   929  H H    . VAL A 1 72  ? 1.590   10.340  -8.724  1.00 22.84  ? 54  VAL B H    1 
ATOM   930  H HA   . VAL A 1 72  ? -0.011  12.283  -8.064  1.00 23.60  ? 54  VAL B HA   1 
ATOM   931  H HB   . VAL A 1 72  ? 1.938   11.352  -6.829  1.00 23.63  ? 54  VAL B HB   1 
ATOM   932  H HG11 . VAL A 1 72  ? 3.881   12.635  -7.004  1.00 35.50  ? 54  VAL B HG11 1 
ATOM   933  H HG12 . VAL A 1 72  ? 3.579   11.860  -8.357  1.00 35.50  ? 54  VAL B HG12 1 
ATOM   934  H HG13 . VAL A 1 72  ? 3.244   13.408  -8.236  1.00 35.50  ? 54  VAL B HG13 1 
ATOM   935  H HG21 . VAL A 1 72  ? 2.066   13.254  -5.486  1.00 46.92  ? 54  VAL B HG21 1 
ATOM   936  H HG22 . VAL A 1 72  ? 1.313   14.087  -6.610  1.00 46.92  ? 54  VAL B HG22 1 
ATOM   937  H HG23 . VAL A 1 72  ? 0.557   12.916  -5.849  1.00 46.92  ? 54  VAL B HG23 1 
ATOM   938  N N    . LEU A 1 73  ? 1.590   12.929  -10.635 1.00 33.37  ? 55  LEU B N    1 
ATOM   939  C CA   . LEU A 1 73  ? 1.779   13.922  -11.687 1.00 27.74  ? 55  LEU B CA   1 
ATOM   940  C C    . LEU A 1 73  ? 0.470   14.312  -12.357 1.00 40.64  ? 55  LEU B C    1 
ATOM   941  O O    . LEU A 1 73  ? 0.394   15.374  -12.985 1.00 36.90  ? 55  LEU B O    1 
ATOM   942  C CB   . LEU A 1 73  ? 2.753   13.385  -12.736 1.00 22.00  ? 55  LEU B CB   1 
ATOM   943  C CG   . LEU A 1 73  ? 4.159   13.074  -12.231 1.00 19.06  ? 55  LEU B CG   1 
ATOM   944  C CD1  . LEU A 1 73  ? 4.971   12.363  -13.302 1.00 34.05  ? 55  LEU B CD1  1 
ATOM   945  C CD2  . LEU A 1 73  ? 4.863   14.349  -11.786 1.00 18.10  ? 55  LEU B CD2  1 
ATOM   946  H H    . LEU A 1 73  ? 1.814   12.131  -10.864 1.00 40.11  ? 55  LEU B H    1 
ATOM   947  H HA   . LEU A 1 73  ? 2.167   14.722  -11.300 1.00 33.36  ? 55  LEU B HA   1 
ATOM   948  H HB2  . LEU A 1 73  ? 2.387   12.562  -13.097 1.00 26.47  ? 55  LEU B HB2  1 
ATOM   949  H HB3  . LEU A 1 73  ? 2.837   14.047  -13.440 1.00 26.47  ? 55  LEU B HB3  1 
ATOM   950  H HG   . LEU A 1 73  ? 4.093   12.484  -11.464 1.00 22.93  ? 55  LEU B HG   1 
ATOM   951  H HD11 . LEU A 1 73  ? 5.861   12.188  -12.959 1.00 40.93  ? 55  LEU B HD11 1 
ATOM   952  H HD12 . LEU A 1 73  ? 4.533   11.528  -13.527 1.00 40.93  ? 55  LEU B HD12 1 
ATOM   953  H HD13 . LEU A 1 73  ? 5.024   12.931  -14.086 1.00 40.93  ? 55  LEU B HD13 1 
ATOM   954  H HD21 . LEU A 1 73  ? 5.728   14.119  -11.414 1.00 21.78  ? 55  LEU B HD21 1 
ATOM   955  H HD22 . LEU A 1 73  ? 4.978   14.930  -12.555 1.00 21.78  ? 55  LEU B HD22 1 
ATOM   956  H HD23 . LEU A 1 73  ? 4.320   14.791  -11.115 1.00 21.78  ? 55  LEU B HD23 1 
ATOM   957  N N    . GLU A 1 74  ? -0.560  13.473  -12.247 1.00 37.47  ? 56  GLU B N    1 
ATOM   958  C CA   . GLU A 1 74  ? -1.889  13.807  -12.739 1.00 32.49  ? 56  GLU B CA   1 
ATOM   959  C C    . GLU A 1 74  ? -2.648  14.580  -11.658 1.00 41.93  ? 56  GLU B C    1 
ATOM   960  O O    . GLU A 1 74  ? -2.522  14.271  -10.477 1.00 50.61  ? 56  GLU B O    1 
ATOM   961  C CB   . GLU A 1 74  ? -2.640  12.531  -13.106 1.00 25.58  ? 56  GLU B CB   1 
ATOM   962  C CG   . GLU A 1 74  ? -1.898  11.700  -14.151 1.00 44.69  ? 56  GLU B CG   1 
ATOM   963  C CD   . GLU A 1 74  ? -2.241  10.226  -14.091 1.00 50.30  ? 56  GLU B CD   1 
ATOM   964  O OE1  . GLU A 1 74  ? -3.364  9.895   -13.658 1.00 57.05  ? 56  GLU B OE1  1 
ATOM   965  O OE2  . GLU A 1 74  ? -1.383  9.399   -14.465 1.00 57.02  ? 56  GLU B OE2  1 
ATOM   966  H H    . GLU A 1 74  ? -0.513  12.694  -11.886 1.00 45.02  ? 56  GLU B H    1 
ATOM   967  H HA   . GLU A 1 74  ? -1.840  14.363  -13.531 1.00 39.05  ? 56  GLU B HA   1 
ATOM   968  H HB2  . GLU A 1 74  ? -2.749  11.987  -12.310 1.00 30.76  ? 56  GLU B HB2  1 
ATOM   969  H HB3  . GLU A 1 74  ? -3.508  12.767  -13.468 1.00 30.76  ? 56  GLU B HB3  1 
ATOM   970  H HG2  . GLU A 1 74  ? -2.130  12.026  -15.035 1.00 53.69  ? 56  GLU B HG2  1 
ATOM   971  H HG3  . GLU A 1 74  ? -0.943  11.790  -14.005 1.00 53.69  ? 56  GLU B HG3  1 
ATOM   972  N N    . PRO A 1 75  ? -3.423  15.601  -12.044 1.00 62.85  ? 57  PRO B N    1 
ATOM   973  C CA   . PRO A 1 75  ? -3.869  16.594  -11.033 1.00 45.15  ? 57  PRO B CA   1 
ATOM   974  C C    . PRO A 1 75  ? -4.428  15.992  -9.765  1.00 42.91  ? 57  PRO B C    1 
ATOM   975  O O    . PRO A 1 75  ? -4.080  16.447  -8.662  1.00 47.09  ? 57  PRO B O    1 
ATOM   976  C CB   . PRO A 1 75  ? -4.920  17.404  -11.809 1.00 53.44  ? 57  PRO B CB   1 
ATOM   977  C CG   . PRO A 1 75  ? -4.500  17.318  -13.233 1.00 64.04  ? 57  PRO B CG   1 
ATOM   978  C CD   . PRO A 1 75  ? -3.910  15.924  -13.399 1.00 55.80  ? 57  PRO B CD   1 
ATOM   979  H HA   . PRO A 1 75  ? -3.121  17.163  -10.796 1.00 54.24  ? 57  PRO B HA   1 
ATOM   980  H HB2  . PRO A 1 75  ? -5.798  17.012  -11.681 1.00 64.20  ? 57  PRO B HB2  1 
ATOM   981  H HB3  . PRO A 1 75  ? -4.920  18.323  -11.501 1.00 64.20  ? 57  PRO B HB3  1 
ATOM   982  H HG2  . PRO A 1 75  ? -5.270  17.438  -13.810 1.00 76.91  ? 57  PRO B HG2  1 
ATOM   983  H HG3  . PRO A 1 75  ? -3.836  17.999  -13.421 1.00 76.91  ? 57  PRO B HG3  1 
ATOM   984  H HD2  . PRO A 1 75  ? -4.589  15.293  -13.682 1.00 67.03  ? 57  PRO B HD2  1 
ATOM   985  H HD3  . PRO A 1 75  ? -3.178  15.933  -14.036 1.00 67.03  ? 57  PRO B HD3  1 
ATOM   986  N N    . GLU A 1 76  ? -5.306  14.998  -9.873  1.00 33.03  ? 58  GLU B N    1 
ATOM   987  C CA   . GLU A 1 76  ? -5.917  14.356  -8.721  1.00 42.95  ? 58  GLU B CA   1 
ATOM   988  C C    . GLU A 1 76  ? -5.415  12.928  -8.524  1.00 47.71  ? 58  GLU B C    1 
ATOM   989  O O    . GLU A 1 76  ? -6.046  12.143  -7.809  1.00 42.80  ? 58  GLU B O    1 
ATOM   990  C CB   . GLU A 1 76  ? -7.438  14.353  -8.872  1.00 55.44  ? 58  GLU B CB   1 
ATOM   991  C CG   . GLU A 1 76  ? -7.986  15.530  -9.658  1.00 64.72  ? 58  GLU B CG   1 
ATOM   992  C CD   . GLU A 1 76  ? -9.465  15.749  -9.418  1.00 65.23  ? 58  GLU B CD   1 
ATOM   993  O OE1  . GLU A 1 76  ? -10.248 14.796  -9.591  1.00 39.96  ? 58  GLU B OE1  1 
ATOM   994  O OE2  . GLU A 1 76  ? -9.843  16.875  -9.033  1.00 70.87  ? 58  GLU B OE2  1 
ATOM   995  H H    . GLU A 1 76  ? -5.569  14.673  -10.624 1.00 39.70  ? 58  GLU B H    1 
ATOM   996  H HA   . GLU A 1 76  ? -5.686  14.864  -7.927  1.00 51.61  ? 58  GLU B HA   1 
ATOM   997  H HB2  . GLU A 1 76  ? -7.703  13.542  -9.332  1.00 66.59  ? 58  GLU B HB2  1 
ATOM   998  H HB3  . GLU A 1 76  ? -7.838  14.378  -7.987  1.00 66.59  ? 58  GLU B HB3  1 
ATOM   999  H HG2  . GLU A 1 76  ? -7.516  16.336  -9.392  1.00 77.73  ? 58  GLU B HG2  1 
ATOM   1000 H HG3  . GLU A 1 76  ? -7.856  15.367  -10.605 1.00 77.73  ? 58  GLU B HG3  1 
ATOM   1001 N N    . GLY A 1 77  ? -4.277  12.587  -9.130  1.00 47.66  ? 59  GLY B N    1 
ATOM   1002 C CA   . GLY A 1 77  ? -3.841  11.199  -9.138  1.00 22.58  ? 59  GLY B CA   1 
ATOM   1003 C C    . GLY A 1 77  ? -3.505  10.692  -7.751  1.00 24.65  ? 59  GLY B C    1 
ATOM   1004 O O    . GLY A 1 77  ? -3.128  11.452  -6.854  1.00 28.36  ? 59  GLY B O    1 
ATOM   1005 H H    . GLY A 1 77  ? -3.751  13.131  -9.539  1.00 57.26  ? 59  GLY B H    1 
ATOM   1006 H HA2  . GLY A 1 77  ? -4.547  10.643  -9.503  1.00 27.16  ? 59  GLY B HA2  1 
ATOM   1007 H HA3  . GLY A 1 77  ? -3.050  11.114  -9.694  1.00 27.16  ? 59  GLY B HA3  1 
ATOM   1008 N N    . SER A 1 78  ? -3.622  9.379   -7.588  1.00 29.18  ? 60  SER B N    1 
ATOM   1009 C CA   . SER A 1 78  ? -3.412  8.723   -6.300  1.00 34.92  ? 60  SER B CA   1 
ATOM   1010 C C    . SER A 1 78  ? -2.403  7.594   -6.436  1.00 17.95  ? 60  SER B C    1 
ATOM   1011 O O    . SER A 1 78  ? -2.713  6.567   -7.069  1.00 19.07  ? 60  SER B O    1 
ATOM   1012 C CB   . SER A 1 78  ? -4.736  8.182   -5.758  1.00 35.69  ? 60  SER B CB   1 
ATOM   1013 O OG   . SER A 1 78  ? -4.532  7.390   -4.600  1.00 33.33  ? 60  SER B OG   1 
ATOM   1014 H H    . SER A 1 78  ? -3.826  8.834   -8.221  1.00 35.08  ? 60  SER B H    1 
ATOM   1015 H HA   . SER A 1 78  ? -3.044  9.372   -5.678  1.00 41.97  ? 60  SER B HA   1 
ATOM   1016 H HB2  . SER A 1 78  ? -5.312  8.929   -5.531  1.00 42.89  ? 60  SER B HB2  1 
ATOM   1017 H HB3  . SER A 1 78  ? -5.156  7.636   -6.442  1.00 42.89  ? 60  SER B HB3  1 
ATOM   1018 H HG   . SER A 1 78  ? -4.085  7.820   -4.033  1.00 40.06  ? 60  SER B HG   1 
ATOM   1019 N N    . PRO A 1 79  ? -1.199  7.728   -5.876  1.00 19.36  ? 61  PRO B N    1 
ATOM   1020 C CA   . PRO A 1 79  ? -0.296  6.565   -5.827  1.00 12.32  ? 61  PRO B CA   1 
ATOM   1021 C C    . PRO A 1 79  ? -0.876  5.407   -5.032  1.00 19.99  ? 61  PRO B C    1 
ATOM   1022 O O    . PRO A 1 79  ? -0.646  4.240   -5.384  1.00 12.72  ? 61  PRO B O    1 
ATOM   1023 C CB   . PRO A 1 79  ? 0.971   7.117   -5.155  1.00 11.89  ? 61  PRO B CB   1 
ATOM   1024 C CG   . PRO A 1 79  ? 0.873   8.603   -5.257  1.00 20.29  ? 61  PRO B CG   1 
ATOM   1025 C CD   . PRO A 1 79  ? -0.594  8.938   -5.291  1.00 15.77  ? 61  PRO B CD   1 
ATOM   1026 H HA   . PRO A 1 79  ? -0.078  6.280   -6.728  1.00 14.85  ? 61  PRO B HA   1 
ATOM   1027 H HB2  . PRO A 1 79  ? 0.997   6.836   -4.226  1.00 14.34  ? 61  PRO B HB2  1 
ATOM   1028 H HB3  . PRO A 1 79  ? 1.757   6.790   -5.622  1.00 14.34  ? 61  PRO B HB3  1 
ATOM   1029 H HG2  . PRO A 1 79  ? 1.297   9.010   -4.485  1.00 24.41  ? 61  PRO B HG2  1 
ATOM   1030 H HG3  . PRO A 1 79  ? 1.310   8.902   -6.069  1.00 24.41  ? 61  PRO B HG3  1 
ATOM   1031 H HD2  . PRO A 1 79  ? -0.934  9.098   -4.397  1.00 18.99  ? 61  PRO B HD2  1 
ATOM   1032 H HD3  . PRO A 1 79  ? -0.759  9.712   -5.852  1.00 18.99  ? 61  PRO B HD3  1 
ATOM   1033 N N    . SER A 1 80  ? -1.636  5.700   -3.974  1.00 15.21  ? 62  SER B N    1 
ATOM   1034 C CA   . SER A 1 80  ? -2.157  4.648   -3.112  1.00 11.76  ? 62  SER B CA   1 
ATOM   1035 C C    . SER A 1 80  ? -3.183  3.792   -3.837  1.00 12.62  ? 62  SER B C    1 
ATOM   1036 O O    . SER A 1 80  ? -3.250  2.581   -3.613  1.00 19.79  ? 62  SER B O    1 
ATOM   1037 C CB   . SER A 1 80  ? -2.772  5.258   -1.853  1.00 22.84  ? 62  SER B CB   1 
ATOM   1038 O OG   . SER A 1 80  ? -1.770  5.670   -0.939  1.00 18.04  ? 62  SER B OG   1 
ATOM   1039 H H    . SER A 1 80  ? -1.863  6.496   -3.738  1.00 18.32  ? 62  SER B H    1 
ATOM   1040 H HA   . SER A 1 80  ? -1.421  4.076   -2.846  1.00 14.17  ? 62  SER B HA   1 
ATOM   1041 H HB2  . SER A 1 80  ? -3.303  6.030   -2.106  1.00 27.47  ? 62  SER B HB2  1 
ATOM   1042 H HB3  . SER A 1 80  ? -3.334  4.594   -1.425  1.00 27.47  ? 62  SER B HB3  1 
ATOM   1043 H HG   . SER A 1 80  ? -1.261  6.229   -1.303  1.00 21.72  ? 62  SER B HG   1 
ATOM   1044 N N    . LEU A 1 81  ? -4.000  4.394   -4.703  1.00 22.65  ? 63  LEU B N    1 
ATOM   1045 C CA   . LEU A 1 81  ? -4.963  3.602   -5.464  1.00 20.99  ? 63  LEU B CA   1 
ATOM   1046 C C    . LEU A 1 81  ? -4.245  2.646   -6.405  1.00 19.07  ? 63  LEU B C    1 
ATOM   1047 O O    . LEU A 1 81  ? -4.599  1.463   -6.500  1.00 19.96  ? 63  LEU B O    1 
ATOM   1048 C CB   . LEU A 1 81  ? -5.909  4.520   -6.234  1.00 17.62  ? 63  LEU B CB   1 
ATOM   1049 C CG   . LEU A 1 81  ? -7.042  3.859   -7.015  1.00 24.44  ? 63  LEU B CG   1 
ATOM   1050 C CD1  . LEU A 1 81  ? -7.833  2.909   -6.131  1.00 22.31  ? 63  LEU B CD1  1 
ATOM   1051 C CD2  . LEU A 1 81  ? -7.955  4.922   -7.614  1.00 29.47  ? 63  LEU B CD2  1 
ATOM   1052 H H    . LEU A 1 81  ? -4.018  5.238   -4.864  1.00 27.25  ? 63  LEU B H    1 
ATOM   1053 H HA   . LEU A 1 81  ? -5.502  3.077   -4.851  1.00 25.25  ? 63  LEU B HA   1 
ATOM   1054 H HB2  . LEU A 1 81  ? -6.320  5.126   -5.599  1.00 21.21  ? 63  LEU B HB2  1 
ATOM   1055 H HB3  . LEU A 1 81  ? -5.380  5.021   -6.876  1.00 21.21  ? 63  LEU B HB3  1 
ATOM   1056 H HG   . LEU A 1 81  ? -6.664  3.334   -7.739  1.00 29.39  ? 63  LEU B HG   1 
ATOM   1057 H HD11 . LEU A 1 81  ? -8.661  2.674   -6.580  1.00 26.84  ? 63  LEU B HD11 1 
ATOM   1058 H HD12 . LEU A 1 81  ? -7.305  2.111   -5.972  1.00 26.84  ? 63  LEU B HD12 1 
ATOM   1059 H HD13 . LEU A 1 81  ? -8.028  3.350   -5.289  1.00 26.84  ? 63  LEU B HD13 1 
ATOM   1060 H HD21 . LEU A 1 81  ? -8.669  4.486   -8.106  1.00 35.42  ? 63  LEU B HD21 1 
ATOM   1061 H HD22 . LEU A 1 81  ? -8.328  5.459   -6.898  1.00 35.42  ? 63  LEU B HD22 1 
ATOM   1062 H HD23 . LEU A 1 81  ? -7.437  5.484   -8.212  1.00 35.42  ? 63  LEU B HD23 1 
ATOM   1063 N N    . CYS A 1 82  ? -3.227  3.142   -7.112  1.00 15.69  ? 64  CYS B N    1 
ATOM   1064 C CA   . CYS A 1 82  ? -2.410  2.280   -7.958  1.00 15.72  ? 64  CYS B CA   1 
ATOM   1065 C C    . CYS A 1 82  ? -1.808  1.138   -7.148  1.00 15.12  ? 64  CYS B C    1 
ATOM   1066 O O    . CYS A 1 82  ? -1.847  -0.027  -7.560  1.00 18.23  ? 64  CYS B O    1 
ATOM   1067 C CB   . CYS A 1 82  ? -1.315  3.109   -8.631  1.00 21.14  ? 64  CYS B CB   1 
ATOM   1068 S SG   . CYS A 1 82  ? -0.030  2.174   -9.486  1.00 25.55  ? 64  CYS B SG   1 
ATOM   1069 H H    . CYS A 1 82  ? -2.992  3.969   -7.119  1.00 18.89  ? 64  CYS B H    1 
ATOM   1070 H HA   . CYS A 1 82  ? -2.964  1.892   -8.653  1.00 18.93  ? 64  CYS B HA   1 
ATOM   1071 H HB2  . CYS A 1 82  ? -1.734  3.688   -9.288  1.00 25.43  ? 64  CYS B HB2  1 
ATOM   1072 H HB3  . CYS A 1 82  ? -0.877  3.642   -7.950  1.00 25.43  ? 64  CYS B HB3  1 
ATOM   1073 N N    . LEU A 1 83  ? -1.249  1.456   -5.976  1.00 14.49  ? 65  LEU B N    1 
ATOM   1074 C CA   . LEU A 1 83  ? -0.601  0.427   -5.168  1.00 11.98  ? 65  LEU B CA   1 
ATOM   1075 C C    . LEU A 1 83  ? -1.607  -0.616  -4.691  1.00 10.93  ? 65  LEU B C    1 
ATOM   1076 O O    . LEU A 1 83  ? -1.336  -1.819  -4.734  1.00 9.56   ? 65  LEU B O    1 
ATOM   1077 C CB   . LEU A 1 83  ? 0.111   1.056   -3.969  1.00 20.82  ? 65  LEU B CB   1 
ATOM   1078 C CG   . LEU A 1 83  ? 0.622   0.038   -2.944  1.00 17.41  ? 65  LEU B CG   1 
ATOM   1079 C CD1  . LEU A 1 83  ? 1.617   -0.930  -3.578  1.00 12.70  ? 65  LEU B CD1  1 
ATOM   1080 C CD2  . LEU A 1 83  ? 1.256   0.742   -1.745  1.00 19.52  ? 65  LEU B CD2  1 
ATOM   1081 H H    . LEU A 1 83  ? -1.232  2.245   -5.635  1.00 17.46  ? 65  LEU B H    1 
ATOM   1082 H HA   . LEU A 1 83  ? 0.064   -0.015  -5.719  1.00 14.44  ? 65  LEU B HA   1 
ATOM   1083 H HB2  . LEU A 1 83  ? 0.874   1.561   -4.291  1.00 25.05  ? 65  LEU B HB2  1 
ATOM   1084 H HB3  . LEU A 1 83  ? -0.510  1.647   -3.515  1.00 25.05  ? 65  LEU B HB3  1 
ATOM   1085 H HG   . LEU A 1 83  ? -0.136  -0.478  -2.627  1.00 20.96  ? 65  LEU B HG   1 
ATOM   1086 H HD11 . LEU A 1 83  ? 1.995   -1.493  -2.885  1.00 15.30  ? 65  LEU B HD11 1 
ATOM   1087 H HD12 . LEU A 1 83  ? 1.152   -1.477  -4.231  1.00 15.30  ? 65  LEU B HD12 1 
ATOM   1088 H HD13 . LEU A 1 83  ? 2.319   -0.421  -4.012  1.00 15.30  ? 65  LEU B HD13 1 
ATOM   1089 H HD21 . LEU A 1 83  ? 1.572   0.073   -1.117  1.00 23.49  ? 65  LEU B HD21 1 
ATOM   1090 H HD22 . LEU A 1 83  ? 2.000   1.283   -2.053  1.00 23.49  ? 65  LEU B HD22 1 
ATOM   1091 H HD23 . LEU A 1 83  ? 0.590   1.305   -1.321  1.00 23.49  ? 65  LEU B HD23 1 
ATOM   1092 N N    . LEU A 1 84  ? -2.762  -0.170  -4.192  1.00 13.17  ? 66  LEU B N    1 
ATOM   1093 C CA   . LEU A 1 84  ? -3.755  -1.110  -3.681  1.00 15.00  ? 66  LEU B CA   1 
ATOM   1094 C C    . LEU A 1 84  ? -4.286  -1.999  -4.799  1.00 13.92  ? 66  LEU B C    1 
ATOM   1095 O O    . LEU A 1 84  ? -4.433  -3.212  -4.617  1.00 14.07  ? 66  LEU B O    1 
ATOM   1096 C CB   . LEU A 1 84  ? -4.894  -0.357  -2.994  1.00 10.96  ? 66  LEU B CB   1 
ATOM   1097 C CG   . LEU A 1 84  ? -4.521  0.381   -1.706  1.00 17.45  ? 66  LEU B CG   1 
ATOM   1098 C CD1  . LEU A 1 84  ? -5.696  1.192   -1.169  1.00 18.65  ? 66  LEU B CD1  1 
ATOM   1099 C CD2  . LEU A 1 84  ? -4.022  -0.587  -0.636  1.00 8.22   ? 66  LEU B CD2  1 
ATOM   1100 H H    . LEU A 1 84  ? -2.990  0.657   -4.140  1.00 15.87  ? 66  LEU B H    1 
ATOM   1101 H HA   . LEU A 1 84  ? -3.340  -1.679  -3.015  1.00 18.07  ? 66  LEU B HA   1 
ATOM   1102 H HB2  . LEU A 1 84  ? -5.239  0.303   -3.615  1.00 13.22  ? 66  LEU B HB2  1 
ATOM   1103 H HB3  . LEU A 1 84  ? -5.588  -0.996  -2.769  1.00 13.22  ? 66  LEU B HB3  1 
ATOM   1104 H HG   . LEU A 1 84  ? -3.801  0.997   -1.917  1.00 21.01  ? 66  LEU B HG   1 
ATOM   1105 H HD11 . LEU A 1 84  ? -5.415  1.666   -0.371  1.00 22.44  ? 66  LEU B HD11 1 
ATOM   1106 H HD12 . LEU A 1 84  ? -5.979  1.826   -1.848  1.00 22.44  ? 66  LEU B HD12 1 
ATOM   1107 H HD13 . LEU A 1 84  ? -6.425  0.588   -0.956  1.00 22.44  ? 66  LEU B HD13 1 
ATOM   1108 H HD21 . LEU A 1 84  ? -3.910  -0.105  0.198   1.00 9.93   ? 66  LEU B HD21 1 
ATOM   1109 H HD22 . LEU A 1 84  ? -4.675  -1.296  -0.523  1.00 9.93   ? 66  LEU B HD22 1 
ATOM   1110 H HD23 . LEU A 1 84  ? -3.173  -0.961  -0.919  1.00 9.93   ? 66  LEU B HD23 1 
ATOM   1111 N N    . LYS A 1 85  ? -4.555  -1.422  -5.973  1.00 13.25  ? 67  LYS B N    1 
ATOM   1112 C CA   . LYS A 1 85  ? -4.993  -2.237  -7.101  1.00 17.57  ? 67  LYS B CA   1 
ATOM   1113 C C    . LYS A 1 85  ? -3.928  -3.260  -7.481  1.00 13.31  ? 67  LYS B C    1 
ATOM   1114 O O    . LYS A 1 85  ? -4.232  -4.435  -7.711  1.00 19.32  ? 67  LYS B O    1 
ATOM   1115 C CB   . LYS A 1 85  ? -5.334  -1.350  -8.300  1.00 22.67  ? 67  LYS B CB   1 
ATOM   1116 C CG   . LYS A 1 85  ? -6.634  -0.579  -8.158  1.00 17.15  ? 67  LYS B CG   1 
ATOM   1117 C CD   . LYS A 1 85  ? -7.066  0.010   -9.494  1.00 26.74  ? 67  LYS B CD   1 
ATOM   1118 C CE   . LYS A 1 85  ? -7.816  1.323   -9.299  1.00 44.43  ? 67  LYS B CE   1 
ATOM   1119 N NZ   . LYS A 1 85  ? -9.183  1.303   -9.893  1.00 49.51  ? 67  LYS B NZ   1 
ATOM   1120 H H    . LYS A 1 85  ? -4.493  -0.580  -6.136  1.00 15.97  ? 67  LYS B H    1 
ATOM   1121 H HA   . LYS A 1 85  ? -5.798  -2.714  -6.844  1.00 21.15  ? 67  LYS B HA   1 
ATOM   1122 H HB2  . LYS A 1 85  ? -4.620  -0.703  -8.419  1.00 27.27  ? 67  LYS B HB2  1 
ATOM   1123 H HB3  . LYS A 1 85  ? -5.409  -1.910  -9.089  1.00 27.27  ? 67  LYS B HB3  1 
ATOM   1124 H HG2  . LYS A 1 85  ? -7.332  -1.176  -7.846  1.00 20.65  ? 67  LYS B HG2  1 
ATOM   1125 H HG3  . LYS A 1 85  ? -6.513  0.147   -7.527  1.00 20.65  ? 67  LYS B HG3  1 
ATOM   1126 H HD2  . LYS A 1 85  ? -6.283  0.182   -10.040 1.00 32.16  ? 67  LYS B HD2  1 
ATOM   1127 H HD3  . LYS A 1 85  ? -7.655  -0.614  -9.947  1.00 32.16  ? 67  LYS B HD3  1 
ATOM   1128 H HE2  . LYS A 1 85  ? -7.905  1.499   -8.350  1.00 53.38  ? 67  LYS B HE2  1 
ATOM   1129 H HE3  . LYS A 1 85  ? -7.316  2.038   -9.724  1.00 53.38  ? 67  LYS B HE3  1 
ATOM   1130 H HZ1  . LYS A 1 85  ? -9.584  2.085   -9.759  1.00 59.47  ? 67  LYS B HZ1  1 
ATOM   1131 H HZ2  . LYS A 1 85  ? -9.132  1.150   -10.769 1.00 59.47  ? 67  LYS B HZ2  1 
ATOM   1132 H HZ3  . LYS A 1 85  ? -9.669  0.659   -9.517  1.00 59.47  ? 67  LYS B HZ3  1 
ATOM   1133 N N    . LEU A 1 86  ? -2.667  -2.827  -7.554  1.00 14.19  ? 68  LEU B N    1 
ATOM   1134 C CA   . LEU A 1 86  ? -1.588  -3.745  -7.909  1.00 12.67  ? 68  LEU B CA   1 
ATOM   1135 C C    . LEU A 1 86  ? -1.450  -4.858  -6.881  1.00 16.63  ? 68  LEU B C    1 
ATOM   1136 O O    . LEU A 1 86  ? -1.259  -6.024  -7.240  1.00 19.54  ? 68  LEU B O    1 
ATOM   1137 C CB   . LEU A 1 86  ? -0.280  -2.964  -8.041  1.00 18.86  ? 68  LEU B CB   1 
ATOM   1138 C CG   . LEU A 1 86  ? 0.981   -3.714  -8.465  1.00 31.36  ? 68  LEU B CG   1 
ATOM   1139 C CD1  . LEU A 1 86  ? 0.816   -4.342  -9.830  1.00 32.93  ? 68  LEU B CD1  1 
ATOM   1140 C CD2  . LEU A 1 86  ? 2.166   -2.750  -8.446  1.00 22.17  ? 68  LEU B CD2  1 
ATOM   1141 H H    . LEU A 1 86  ? -2.414  -2.018  -7.404  1.00 17.09  ? 68  LEU B H    1 
ATOM   1142 H HA   . LEU A 1 86  ? -1.786  -4.157  -8.764  1.00 15.26  ? 68  LEU B HA   1 
ATOM   1143 H HB2  . LEU A 1 86  ? -0.421  -2.267  -8.700  1.00 22.70  ? 68  LEU B HB2  1 
ATOM   1144 H HB3  . LEU A 1 86  ? -0.088  -2.569  -7.176  1.00 22.70  ? 68  LEU B HB3  1 
ATOM   1145 H HG   . LEU A 1 86  ? 1.152   -4.440  -7.844  1.00 37.70  ? 68  LEU B HG   1 
ATOM   1146 H HD11 . LEU A 1 86  ? 1.656   -4.747  -10.096 1.00 39.58  ? 68  LEU B HD11 1 
ATOM   1147 H HD12 . LEU A 1 86  ? 0.122   -5.018  -9.786  1.00 39.58  ? 68  LEU B HD12 1 
ATOM   1148 H HD13 . LEU A 1 86  ? 0.566   -3.652  -10.466 1.00 39.58  ? 68  LEU B HD13 1 
ATOM   1149 H HD21 . LEU A 1 86  ? 2.966   -3.226  -8.717  1.00 26.67  ? 68  LEU B HD21 1 
ATOM   1150 H HD22 . LEU A 1 86  ? 1.990   -2.020  -9.060  1.00 26.67  ? 68  LEU B HD22 1 
ATOM   1151 H HD23 . LEU A 1 86  ? 2.278   -2.403  -7.546  1.00 26.67  ? 68  LEU B HD23 1 
ATOM   1152 N N    . MET A 1 87  ? -1.536  -4.518  -5.593  1.00 20.70  ? 69  MET B N    1 
ATOM   1153 C CA   . MET A 1 87  ? -1.487  -5.534  -4.547  1.00 21.86  ? 69  MET B CA   1 
ATOM   1154 C C    . MET A 1 87  ? -2.647  -6.511  -4.691  1.00 18.05  ? 69  MET B C    1 
ATOM   1155 O O    . MET A 1 87  ? -2.484  -7.718  -4.470  1.00 17.61  ? 69  MET B O    1 
ATOM   1156 C CB   . MET A 1 87  ? -1.514  -4.871  -3.165  1.00 14.38  ? 69  MET B CB   1 
ATOM   1157 C CG   . MET A 1 87  ? -0.180  -4.284  -2.719  1.00 18.65  ? 69  MET B CG   1 
ATOM   1158 S SD   . MET A 1 87  ? -0.342  -3.100  -1.362  1.00 20.82  ? 69  MET B SD   1 
ATOM   1159 C CE   . MET A 1 87  ? -0.141  -4.137  0.078   1.00 23.94  ? 69  MET B CE   1 
ATOM   1160 H H    . MET A 1 87  ? -1.624  -3.713  -5.303  1.00 24.90  ? 69  MET B H    1 
ATOM   1161 H HA   . MET A 1 87  ? -0.651  -6.021  -4.624  1.00 26.29  ? 69  MET B HA   1 
ATOM   1162 H HB2  . MET A 1 87  ? -2.161  -4.148  -3.183  1.00 17.32  ? 69  MET B HB2  1 
ATOM   1163 H HB3  . MET A 1 87  ? -1.777  -5.535  -2.509  1.00 17.32  ? 69  MET B HB3  1 
ATOM   1164 H HG2  . MET A 1 87  ? 0.396   -5.006  -2.419  1.00 22.44  ? 69  MET B HG2  1 
ATOM   1165 H HG3  . MET A 1 87  ? 0.229   -3.825  -3.469  1.00 22.44  ? 69  MET B HG3  1 
ATOM   1166 H HE1  . MET A 1 87  ? -0.217  -3.589  0.875   1.00 28.79  ? 69  MET B HE1  1 
ATOM   1167 H HE2  . MET A 1 87  ? -0.834  -4.817  0.076   1.00 28.79  ? 69  MET B HE2  1 
ATOM   1168 H HE3  . MET A 1 87  ? 0.733   -4.555  0.046   1.00 28.79  ? 69  MET B HE3  1 
ATOM   1169 N N    . GLY A 1 88  ? -3.827  -6.009  -5.052  1.00 17.89  ? 70  GLY B N    1 
ATOM   1170 C CA   . GLY A 1 88  ? -4.955  -6.897  -5.279  1.00 23.86  ? 70  GLY B CA   1 
ATOM   1171 C C    . GLY A 1 88  ? -4.700  -7.870  -6.412  1.00 25.50  ? 70  GLY B C    1 
ATOM   1172 O O    . GLY A 1 88  ? -4.842  -9.087  -6.249  1.00 17.52  ? 70  GLY B O    1 
ATOM   1173 H H    . GLY A 1 88  ? -3.994  -5.174  -5.170  1.00 21.53  ? 70  GLY B H    1 
ATOM   1174 H HA2  . GLY A 1 88  ? -5.133  -7.404  -4.472  1.00 28.70  ? 70  GLY B HA2  1 
ATOM   1175 H HA3  . GLY A 1 88  ? -5.739  -6.369  -5.499  1.00 28.70  ? 70  GLY B HA3  1 
ATOM   1176 N N    . GLU A 1 89  ? -4.305  -7.346  -7.576  1.00 18.26  ? 71  GLU B N    1 
ATOM   1177 C CA   . GLU A 1 89  ? -3.959  -8.207  -8.703  1.00 24.05  ? 71  GLU B CA   1 
ATOM   1178 C C    . GLU A 1 89  ? -2.935  -9.261  -8.295  1.00 41.45  ? 71  GLU B C    1 
ATOM   1179 O O    . GLU A 1 89  ? -2.968  -10.399 -8.777  1.00 33.86  ? 71  GLU B O    1 
ATOM   1180 C CB   . GLU A 1 89  ? -3.421  -7.366  -9.856  1.00 19.09  ? 71  GLU B CB   1 
ATOM   1181 C CG   . GLU A 1 89  ? -4.491  -6.701  -10.702 1.00 48.47  ? 71  GLU B CG   1 
ATOM   1182 C CD   . GLU A 1 89  ? -5.099  -7.643  -11.723 1.00 59.94  ? 71  GLU B CD   1 
ATOM   1183 O OE1  . GLU A 1 89  ? -5.153  -8.863  -11.455 1.00 48.85  ? 71  GLU B OE1  1 
ATOM   1184 O OE2  . GLU A 1 89  ? -5.509  -7.163  -12.803 1.00 49.33  ? 71  GLU B OE2  1 
ATOM   1185 H H    . GLU A 1 89  ? -4.230  -6.505  -7.735  1.00 21.98  ? 71  GLU B H    1 
ATOM   1186 H HA   . GLU A 1 89  ? -4.759  -8.661  -9.008  1.00 28.92  ? 71  GLU B HA   1 
ATOM   1187 H HB2  . GLU A 1 89  ? -2.858  -6.666  -9.491  1.00 22.97  ? 71  GLU B HB2  1 
ATOM   1188 H HB3  . GLU A 1 89  ? -2.901  -7.941  -10.440 1.00 22.97  ? 71  GLU B HB3  1 
ATOM   1189 H HG2  . GLU A 1 89  ? -5.203  -6.387  -10.121 1.00 58.23  ? 71  GLU B HG2  1 
ATOM   1190 H HG3  . GLU A 1 89  ? -4.097  -5.954  -11.179 1.00 58.23  ? 71  GLU B HG3  1 
ATOM   1191 N N    . LYS A 1 90  ? -2.008  -8.901  -7.409  1.00 34.19  ? 72  LYS B N    1 
ATOM   1192 C CA   . LYS A 1 90  ? -1.011  -9.836  -6.902  1.00 19.91  ? 72  LYS B CA   1 
ATOM   1193 C C    . LYS A 1 90  ? -1.562  -10.736 -5.805  1.00 20.11  ? 72  LYS B C    1 
ATOM   1194 O O    . LYS A 1 90  ? -0.801  -11.516 -5.227  1.00 32.55  ? 72  LYS B O    1 
ATOM   1195 C CB   . LYS A 1 90  ? 0.219   -9.068  -6.412  1.00 23.58  ? 72  LYS B CB   1 
ATOM   1196 C CG   . LYS A 1 90  ? 0.951   -8.357  -7.545  1.00 25.64  ? 72  LYS B CG   1 
ATOM   1197 C CD   . LYS A 1 90  ? 2.131   -7.532  -7.069  1.00 33.47  ? 72  LYS B CD   1 
ATOM   1198 C CE   . LYS A 1 90  ? 2.845   -6.870  -8.245  1.00 39.54  ? 72  LYS B CE   1 
ATOM   1199 N NZ   . LYS A 1 90  ? 3.867   -7.761  -8.868  1.00 42.85  ? 72  LYS B NZ   1 
ATOM   1200 H H    . LYS A 1 90  ? -1.938  -8.108  -7.083  1.00 41.10  ? 72  LYS B H    1 
ATOM   1201 H HA   . LYS A 1 90  ? -0.717  -10.413 -7.624  1.00 23.96  ? 72  LYS B HA   1 
ATOM   1202 H HB2  . LYS A 1 90  ? -0.061  -8.399  -5.768  1.00 28.36  ? 72  LYS B HB2  1 
ATOM   1203 H HB3  . LYS A 1 90  ? 0.836   -9.690  -5.999  1.00 28.36  ? 72  LYS B HB3  1 
ATOM   1204 H HG2  . LYS A 1 90  ? 1.284   -9.021  -8.170  1.00 30.84  ? 72  LYS B HG2  1 
ATOM   1205 H HG3  . LYS A 1 90  ? 0.333   -7.760  -7.995  1.00 30.84  ? 72  LYS B HG3  1 
ATOM   1206 H HD2  . LYS A 1 90  ? 1.819   -6.837  -6.468  1.00 40.22  ? 72  LYS B HD2  1 
ATOM   1207 H HD3  . LYS A 1 90  ? 2.765   -8.107  -6.610  1.00 40.22  ? 72  LYS B HD3  1 
ATOM   1208 H HE2  . LYS A 1 90  ? 2.192   -6.641  -8.924  1.00 47.51  ? 72  LYS B HE2  1 
ATOM   1209 H HE3  . LYS A 1 90  ? 3.294   -6.069  -7.934  1.00 47.51  ? 72  LYS B HE3  1 
ATOM   1210 H HZ1  . LYS A 1 90  ? 4.245   -7.352  -9.561  1.00 51.49  ? 72  LYS B HZ1  1 
ATOM   1211 H HZ2  . LYS A 1 90  ? 4.498   -7.964  -8.273  1.00 51.49  ? 72  LYS B HZ2  1 
ATOM   1212 H HZ3  . LYS A 1 90  ? 3.483   -8.513  -9.150  1.00 51.49  ? 72  LYS B HZ3  1 
ATOM   1213 N N    . GLY A 1 91  ? -2.858  -10.643 -5.512  1.00 22.75  ? 73  GLY B N    1 
ATOM   1214 C CA   . GLY A 1 91  ? -3.521  -11.597 -4.648  1.00 31.93  ? 73  GLY B CA   1 
ATOM   1215 C C    . GLY A 1 91  ? -3.826  -11.142 -3.238  1.00 33.13  ? 73  GLY B C    1 
ATOM   1216 O O    . GLY A 1 91  ? -4.239  -11.974 -2.418  1.00 28.81  ? 73  GLY B O    1 
ATOM   1217 H H    . GLY A 1 91  ? -3.375  -10.025 -5.809  1.00 27.36  ? 73  GLY B H    1 
ATOM   1218 H HA2  . GLY A 1 91  ? -4.365  -11.842 -5.059  1.00 38.38  ? 73  GLY B HA2  1 
ATOM   1219 H HA3  . GLY A 1 91  ? -2.961  -12.385 -4.582  1.00 38.38  ? 73  GLY B HA3  1 
ATOM   1220 N N    . CYS A 1 92  ? -3.652  -9.861  -2.928  1.00 23.69  ? 74  CYS B N    1 
ATOM   1221 C CA   . CYS A 1 92  ? -3.838  -9.390  -1.564  1.00 16.32  ? 74  CYS B CA   1 
ATOM   1222 C C    . CYS A 1 92  ? -5.320  -9.196  -1.261  1.00 16.92  ? 74  CYS B C    1 
ATOM   1223 O O    . CYS A 1 92  ? -6.053  -8.602  -2.060  1.00 19.20  ? 74  CYS B O    1 
ATOM   1224 C CB   . CYS A 1 92  ? -3.077  -8.085  -1.340  1.00 16.26  ? 74  CYS B CB   1 
ATOM   1225 S SG   . CYS A 1 92  ? -3.089  -7.499  0.375   1.00 19.20  ? 74  CYS B SG   1 
ATOM   1226 H H    . CYS A 1 92  ? -3.428  -9.249  -3.489  1.00 28.49  ? 74  CYS B H    1 
ATOM   1227 H HA   . CYS A 1 92  ? -3.490  -10.055 -0.950  1.00 19.65  ? 74  CYS B HA   1 
ATOM   1228 H HB2  . CYS A 1 92  ? -2.151  -8.219  -1.598  1.00 19.58  ? 74  CYS B HB2  1 
ATOM   1229 H HB3  . CYS A 1 92  ? -3.478  -7.394  -1.890  1.00 19.58  ? 74  CYS B HB3  1 
ATOM   1230 H HG   . CYS A 1 92  ? -4.211  -7.196  0.675   1.00 23.10  ? 74  CYS B HG   1 
ATOM   1231 N N    . THR A 1 93  ? -5.753  -9.686  -0.105  1.00 20.76  ? 75  THR B N    1 
ATOM   1232 C CA   . THR A 1 93  ? -7.118  -9.533  0.368   1.00 25.85  ? 75  THR B CA   1 
ATOM   1233 C C    . THR A 1 93  ? -7.191  -8.407  1.397   1.00 16.78  ? 75  THR B C    1 
ATOM   1234 O O    . THR A 1 93  ? -6.178  -7.839  1.814   1.00 19.22  ? 75  THR B O    1 
ATOM   1235 C CB   . THR A 1 93  ? -7.629  -10.845 0.972   1.00 27.85  ? 75  THR B CB   1 
ATOM   1236 O OG1  . THR A 1 93  ? -6.849  -11.185 2.126   1.00 30.32  ? 75  THR B OG1  1 
ATOM   1237 C CG2  . THR A 1 93  ? -7.539  -11.979 -0.044  1.00 23.30  ? 75  THR B CG2  1 
ATOM   1238 H H    . THR A 1 93  ? -5.254  -10.126 0.440   1.00 24.98  ? 75  THR B H    1 
ATOM   1239 H HA   . THR A 1 93  ? -7.692  -9.305  -0.380  1.00 31.08  ? 75  THR B HA   1 
ATOM   1240 H HB   . THR A 1 93  ? -8.559  -10.735 1.228   1.00 33.48  ? 75  THR B HB   1 
ATOM   1241 H HG1  . THR A 1 93  ? -6.957  -10.607 2.726   1.00 36.45  ? 75  THR B HG1  1 
ATOM   1242 H HG21 . THR A 1 93  ? -7.899  -12.796 0.338   1.00 28.02  ? 75  THR B HG21 1 
ATOM   1243 H HG22 . THR A 1 93  ? -8.046  -11.753 -0.839  1.00 28.02  ? 75  THR B HG22 1 
ATOM   1244 H HG23 . THR A 1 93  ? -6.613  -12.129 -0.292  1.00 28.02  ? 75  THR B HG23 1 
ATOM   1245 N N    . VAL A 1 94  ? -8.418  -8.088  1.813   1.00 14.01  ? 76  VAL B N    1 
ATOM   1246 C CA   . VAL A 1 94  ? -8.608  -6.981  2.742   1.00 25.61  ? 76  VAL B CA   1 
ATOM   1247 C C    . VAL A 1 94  ? -8.008  -7.309  4.104   1.00 30.96  ? 76  VAL B C    1 
ATOM   1248 O O    . VAL A 1 94  ? -7.381  -6.454  4.742   1.00 20.03  ? 76  VAL B O    1 
ATOM   1249 C CB   . VAL A 1 94  ? -10.102 -6.628  2.858   1.00 27.82  ? 76  VAL B CB   1 
ATOM   1250 C CG1  . VAL A 1 94  ? -10.334 -5.679  4.026   1.00 25.22  ? 76  VAL B CG1  1 
ATOM   1251 C CG2  . VAL A 1 94  ? -10.596 -6.015  1.563   1.00 26.49  ? 76  VAL B CG2  1 
ATOM   1252 H H    . VAL A 1 94  ? -9.141  -8.488  1.573   1.00 16.88  ? 76  VAL B H    1 
ATOM   1253 H HA   . VAL A 1 94  ? -8.142  -6.208  2.390   1.00 30.80  ? 76  VAL B HA   1 
ATOM   1254 H HB   . VAL A 1 94  ? -10.608 -7.439  3.024   1.00 33.44  ? 76  VAL B HB   1 
ATOM   1255 H HG11 . VAL A 1 94  ? -11.189 -5.235  3.907   1.00 30.33  ? 76  VAL B HG11 1 
ATOM   1256 H HG12 . VAL A 1 94  ? -10.336 -6.187  4.852   1.00 30.33  ? 76  VAL B HG12 1 
ATOM   1257 H HG13 . VAL A 1 94  ? -9.621  -5.021  4.045   1.00 30.33  ? 76  VAL B HG13 1 
ATOM   1258 H HG21 . VAL A 1 94  ? -11.518 -5.737  1.678   1.00 31.85  ? 76  VAL B HG21 1 
ATOM   1259 H HG22 . VAL A 1 94  ? -10.044 -5.246  1.347   1.00 31.85  ? 76  VAL B HG22 1 
ATOM   1260 H HG23 . VAL A 1 94  ? -10.534 -6.676  0.856   1.00 31.85  ? 76  VAL B HG23 1 
ATOM   1261 N N    . THR A 1 95  ? -8.193  -8.543  4.581   1.00 22.81  ? 77  THR B N    1 
ATOM   1262 C CA   . THR A 1 95  ? -7.644  -8.903  5.886   1.00 27.71  ? 77  THR B CA   1 
ATOM   1263 C C    . THR A 1 95  ? -6.119  -8.913  5.845   1.00 17.98  ? 77  THR B C    1 
ATOM   1264 O O    . THR A 1 95  ? -5.459  -8.532  6.817   1.00 23.94  ? 77  THR B O    1 
ATOM   1265 C CB   . THR A 1 95  ? -8.191  -10.255 6.345   1.00 29.49  ? 77  THR B CB   1 
ATOM   1266 O OG1  . THR A 1 95  ? -8.094  -11.211 5.285   1.00 41.20  ? 77  THR B OG1  1 
ATOM   1267 C CG2  . THR A 1 95  ? -9.646  -10.114 6.781   1.00 25.68  ? 77  THR B CG2  1 
ATOM   1268 H H    . THR A 1 95  ? -8.620  -9.172  4.179   1.00 27.44  ? 77  THR B H    1 
ATOM   1269 H HA   . THR A 1 95  ? -7.928  -8.245  6.538   1.00 33.32  ? 77  THR B HA   1 
ATOM   1270 H HB   . THR A 1 95  ? -7.672  -10.574 7.101   1.00 35.45  ? 77  THR B HB   1 
ATOM   1271 H HG1  . THR A 1 95  ? -8.435  -11.941 5.524   1.00 49.51  ? 77  THR B HG1  1 
ATOM   1272 H HG21 . THR A 1 95  ? -9.971  -10.959 7.130   1.00 30.88  ? 77  THR B HG21 1 
ATOM   1273 H HG22 . THR A 1 95  ? -9.721  -9.438  7.472   1.00 30.88  ? 77  THR B HG22 1 
ATOM   1274 H HG23 . THR A 1 95  ? -10.195 -9.854  6.025   1.00 30.88  ? 77  THR B HG23 1 
ATOM   1275 N N    . GLU A 1 96  ? -5.534  -9.336  4.723   1.00 18.39  ? 78  GLU B N    1 
ATOM   1276 C CA   . GLU A 1 96  ? -4.080  -9.271  4.584   1.00 23.65  ? 78  GLU B CA   1 
ATOM   1277 C C    . GLU A 1 96  ? -3.599  -7.822  4.541   1.00 17.65  ? 78  GLU B C    1 
ATOM   1278 O O    . GLU A 1 96  ? -2.530  -7.491  5.072   1.00 26.16  ? 78  GLU B O    1 
ATOM   1279 C CB   . GLU A 1 96  ? -3.637  -10.038 3.340   1.00 18.06  ? 78  GLU B CB   1 
ATOM   1280 C CG   . GLU A 1 96  ? -3.913  -11.537 3.425   1.00 52.24  ? 78  GLU B CG   1 
ATOM   1281 C CD   . GLU A 1 96  ? -3.635  -12.266 2.121   1.00 50.61  ? 78  GLU B CD   1 
ATOM   1282 O OE1  . GLU A 1 96  ? -3.804  -13.506 2.085   1.00 50.72  ? 78  GLU B OE1  1 
ATOM   1283 O OE2  . GLU A 1 96  ? -3.253  -11.605 1.135   1.00 42.98  ? 78  GLU B OE2  1 
ATOM   1284 H H    . GLU A 1 96  ? -5.948  -9.658  4.040   1.00 22.13  ? 78  GLU B H    1 
ATOM   1285 H HA   . GLU A 1 96  ? -3.666  -9.698  5.351   1.00 28.45  ? 78  GLU B HA   1 
ATOM   1286 H HB2  . GLU A 1 96  ? -4.115  -9.689  2.570   1.00 21.74  ? 78  GLU B HB2  1 
ATOM   1287 H HB3  . GLU A 1 96  ? -2.682  -9.916  3.219   1.00 21.74  ? 78  GLU B HB3  1 
ATOM   1288 H HG2  . GLU A 1 96  ? -3.346  -11.923 4.110   1.00 62.75  ? 78  GLU B HG2  1 
ATOM   1289 H HG3  . GLU A 1 96  ? -4.847  -11.673 3.649   1.00 62.75  ? 78  GLU B HG3  1 
ATOM   1290 N N    . LEU A 1 97  ? -4.388  -6.931  3.929   1.00 15.91  ? 79  LEU B N    1 
ATOM   1291 C CA   . LEU A 1 97  ? -4.051  -5.509  3.956   1.00 16.23  ? 79  LEU B CA   1 
ATOM   1292 C C    . LEU A 1 97  ? -4.071  -4.969  5.381   1.00 30.23  ? 79  LEU B C    1 
ATOM   1293 O O    . LEU A 1 97  ? -3.170  -4.225  5.792   1.00 16.24  ? 79  LEU B O    1 
ATOM   1294 C CB   . LEU A 1 97  ? -5.019  -4.718  3.073   1.00 17.76  ? 79  LEU B CB   1 
ATOM   1295 C CG   . LEU A 1 97  ? -4.907  -3.194  3.158   1.00 11.27  ? 79  LEU B CG   1 
ATOM   1296 C CD1  . LEU A 1 97  ? -3.538  -2.710  2.709   1.00 9.83   ? 79  LEU B CD1  1 
ATOM   1297 C CD2  . LEU A 1 97  ? -6.007  -2.528  2.331   1.00 14.08  ? 79  LEU B CD2  1 
ATOM   1298 H H    . LEU A 1 97  ? -5.108  -7.123  3.501   1.00 19.15  ? 79  LEU B H    1 
ATOM   1299 H HA   . LEU A 1 97  ? -3.157  -5.397  3.597   1.00 19.54  ? 79  LEU B HA   1 
ATOM   1300 H HB2  . LEU A 1 97  ? -4.859  -4.968  2.149   1.00 21.38  ? 79  LEU B HB2  1 
ATOM   1301 H HB3  . LEU A 1 97  ? -5.924  -4.956  3.329   1.00 21.38  ? 79  LEU B HB3  1 
ATOM   1302 H HG   . LEU A 1 97  ? -5.019  -2.933  4.085   1.00 13.59  ? 79  LEU B HG   1 
ATOM   1303 H HD11 . LEU A 1 97  ? -3.520  -1.740  2.740   1.00 11.86  ? 79  LEU B HD11 1 
ATOM   1304 H HD12 . LEU A 1 97  ? -2.864  -3.072  3.305   1.00 11.86  ? 79  LEU B HD12 1 
ATOM   1305 H HD13 . LEU A 1 97  ? -3.377  -3.014  1.802   1.00 11.86  ? 79  LEU B HD13 1 
ATOM   1306 H HD21 . LEU A 1 97  ? -5.987  -1.571  2.493   1.00 16.97  ? 79  LEU B HD21 1 
ATOM   1307 H HD22 . LEU A 1 97  ? -5.848  -2.707  1.391   1.00 16.97  ? 79  LEU B HD22 1 
ATOM   1308 H HD23 . LEU A 1 97  ? -6.866  -2.890  2.597   1.00 16.97  ? 79  LEU B HD23 1 
ATOM   1309 N N    . SER A 1 98  ? -5.109  -5.319  6.147   1.00 24.14  ? 80  SER B N    1 
ATOM   1310 C CA   . SER A 1 98  ? -5.178  -4.879  7.536   1.00 22.09  ? 80  SER B CA   1 
ATOM   1311 C C    . SER A 1 98  ? -4.014  -5.436  8.347   1.00 18.67  ? 80  SER B C    1 
ATOM   1312 O O    . SER A 1 98  ? -3.463  -4.747  9.215   1.00 23.90  ? 80  SER B O    1 
ATOM   1313 C CB   . SER A 1 98  ? -6.510  -5.293  8.156   1.00 34.57  ? 80  SER B CB   1 
ATOM   1314 O OG   . SER A 1 98  ? -7.574  -4.489  7.668   1.00 36.91  ? 80  SER B OG   1 
ATOM   1315 H H    . SER A 1 98  ? -5.771  -5.802  5.890   1.00 29.04  ? 80  SER B H    1 
ATOM   1316 H HA   . SER A 1 98  ? -5.127  -3.911  7.559   1.00 26.58  ? 80  SER B HA   1 
ATOM   1317 H HB2  . SER A 1 98  ? -6.688  -6.220  7.930   1.00 41.55  ? 80  SER B HB2  1 
ATOM   1318 H HB3  . SER A 1 98  ? -6.455  -5.191  9.119   1.00 41.55  ? 80  SER B HB3  1 
ATOM   1319 H HG   . SER A 1 98  ? -8.286  -4.679  8.071   1.00 44.35  ? 80  SER B HG   1 
ATOM   1320 N N    . ASP A 1 99  ? -3.624  -6.682  8.080   1.00 17.53  ? 81  ASP B N    1 
ATOM   1321 C CA   . ASP A 1 99  ? -2.464  -7.252  8.756   1.00 24.73  ? 81  ASP B CA   1 
ATOM   1322 C C    . ASP A 1 99  ? -1.206  -6.454  8.431   1.00 32.80  ? 81  ASP B C    1 
ATOM   1323 O O    . ASP A 1 99  ? -0.412  -6.127  9.320   1.00 31.97  ? 81  ASP B O    1 
ATOM   1324 C CB   . ASP A 1 99  ? -2.297  -8.719  8.367   1.00 23.89  ? 81  ASP B CB   1 
ATOM   1325 C CG   . ASP A 1 99  ? -3.370  -9.606  8.973   1.00 32.53  ? 81  ASP B CG   1 
ATOM   1326 O OD1  . ASP A 1 99  ? -4.220  -9.084  9.731   1.00 36.44  ? 81  ASP B OD1  1 
ATOM   1327 O OD2  . ASP A 1 99  ? -3.366  -10.823 8.694   1.00 44.68  ? 81  ASP B OD2  1 
ATOM   1328 H H    . ASP A 1 99  ? -4.008  -7.209  7.519   1.00 21.10  ? 81  ASP B H    1 
ATOM   1329 H HA   . ASP A 1 99  ? -2.605  -7.216  9.715   1.00 29.74  ? 81  ASP B HA   1 
ATOM   1330 H HB2  . ASP A 1 99  ? -2.350  -8.799  7.402   1.00 28.73  ? 81  ASP B HB2  1 
ATOM   1331 H HB3  . ASP A 1 99  ? -1.435  -9.034  8.679   1.00 28.73  ? 81  ASP B HB3  1 
ATOM   1332 N N    . PHE A 1 100 ? -1.008  -6.130  7.146   1.00 31.12  ? 82  PHE B N    1 
ATOM   1333 C CA   . PHE A 1 100 ? 0.138   -5.309  6.758   1.00 18.00  ? 82  PHE B CA   1 
ATOM   1334 C C    . PHE A 1 100 ? 0.122   -3.965  7.482   1.00 16.75  ? 82  PHE B C    1 
ATOM   1335 O O    . PHE A 1 100 ? 1.156   -3.500  7.966   1.00 22.56  ? 82  PHE B O    1 
ATOM   1336 C CB   . PHE A 1 100 ? 0.151   -5.082  5.245   1.00 20.78  ? 82  PHE B CB   1 
ATOM   1337 C CG   . PHE A 1 100 ? 0.646   -6.259  4.448   1.00 26.22  ? 82  PHE B CG   1 
ATOM   1338 C CD1  . PHE A 1 100 ? 1.758   -6.982  4.854   1.00 22.27  ? 82  PHE B CD1  1 
ATOM   1339 C CD2  . PHE A 1 100 ? 0.000   -6.634  3.283   1.00 24.10  ? 82  PHE B CD2  1 
ATOM   1340 C CE1  . PHE A 1 100 ? 2.208   -8.060  4.117   1.00 29.06  ? 82  PHE B CE1  1 
ATOM   1341 C CE2  . PHE A 1 100 ? 0.448   -7.713  2.542   1.00 32.10  ? 82  PHE B CE2  1 
ATOM   1342 C CZ   . PHE A 1 100 ? 1.552   -8.425  2.959   1.00 32.92  ? 82  PHE B CZ   1 
ATOM   1343 H H    . PHE A 1 100 ? -1.513  -6.370  6.494   1.00 37.41  ? 82  PHE B H    1 
ATOM   1344 H HA   . PHE A 1 100 ? 0.946   -5.787  7.001   1.00 21.66  ? 82  PHE B HA   1 
ATOM   1345 H HB2  . PHE A 1 100 ? -0.753  -4.888  4.953   1.00 25.00  ? 82  PHE B HB2  1 
ATOM   1346 H HB3  . PHE A 1 100 ? 0.731   -4.330  5.050   1.00 25.00  ? 82  PHE B HB3  1 
ATOM   1347 H HD1  . PHE A 1 100 ? 2.207   -6.739  5.632   1.00 26.79  ? 82  PHE B HD1  1 
ATOM   1348 H HD2  . PHE A 1 100 ? -0.744  -6.156  2.995   1.00 28.99  ? 82  PHE B HD2  1 
ATOM   1349 H HE1  . PHE A 1 100 ? 2.953   -8.539  4.401   1.00 34.94  ? 82  PHE B HE1  1 
ATOM   1350 H HE2  . PHE A 1 100 ? 0.004   -7.957  1.762   1.00 38.58  ? 82  PHE B HE2  1 
ATOM   1351 H HZ   . PHE A 1 100 ? 1.853   -9.150  2.461   1.00 39.57  ? 82  PHE B HZ   1 
ATOM   1352 N N    . LEU A 1 101 ? -1.045  -3.321  7.555   1.00 16.66  ? 83  LEU B N    1 
ATOM   1353 C CA   . LEU A 1 101 ? -1.121  -1.991  8.158   1.00 20.54  ? 83  LEU B CA   1 
ATOM   1354 C C    . LEU A 1 101 ? -0.845  -2.040  9.659   1.00 25.39  ? 83  LEU B C    1 
ATOM   1355 O O    . LEU A 1 101 ? -0.159  -1.161  10.207  1.00 27.43  ? 83  LEU B O    1 
ATOM   1356 C CB   . LEU A 1 101 ? -2.493  -1.374  7.880   1.00 23.01  ? 83  LEU B CB   1 
ATOM   1357 C CG   . LEU A 1 101 ? -2.784  -1.031  6.418   1.00 22.97  ? 83  LEU B CG   1 
ATOM   1358 C CD1  . LEU A 1 101 ? -4.264  -0.734  6.206   1.00 24.63  ? 83  LEU B CD1  1 
ATOM   1359 C CD2  . LEU A 1 101 ? -1.938  0.156   5.965   1.00 13.79  ? 83  LEU B CD2  1 
ATOM   1360 H H    . LEU A 1 101 ? -1.796  -3.628  7.268   1.00 20.06  ? 83  LEU B H    1 
ATOM   1361 H HA   . LEU A 1 101 ? -0.446  -1.424  7.754   1.00 24.71  ? 83  LEU B HA   1 
ATOM   1362 H HB2  . LEU A 1 101 ? -3.173  -2.002  8.168   1.00 27.67  ? 83  LEU B HB2  1 
ATOM   1363 H HB3  . LEU A 1 101 ? -2.565  -0.551  8.387   1.00 27.67  ? 83  LEU B HB3  1 
ATOM   1364 H HG   . LEU A 1 101 ? -2.553  -1.798  5.871   1.00 27.63  ? 83  LEU B HG   1 
ATOM   1365 H HD11 . LEU A 1 101 ? -4.412  -0.511  5.274   1.00 29.63  ? 83  LEU B HD11 1 
ATOM   1366 H HD12 . LEU A 1 101 ? -4.781  -1.518  6.445   1.00 29.63  ? 83  LEU B HD12 1 
ATOM   1367 H HD13 . LEU A 1 101 ? -4.519  0.015   6.768   1.00 29.63  ? 83  LEU B HD13 1 
ATOM   1368 H HD21 . LEU A 1 101 ? -2.162  0.373   5.047   1.00 16.62  ? 83  LEU B HD21 1 
ATOM   1369 H HD22 . LEU A 1 101 ? -2.125  0.915   6.539   1.00 16.62  ? 83  LEU B HD22 1 
ATOM   1370 H HD23 . LEU A 1 101 ? -1.000  -0.082  6.028   1.00 16.62  ? 83  LEU B HD23 1 
ATOM   1371 N N    . GLN A 1 102 ? -1.369  -3.059  10.345  1.00 27.21  ? 84  GLN B N    1 
ATOM   1372 C CA   . GLN A 1 102 ? -1.057  -3.230  11.760  1.00 40.44  ? 84  GLN B CA   1 
ATOM   1373 C C    . GLN A 1 102 ? 0.432   -3.477  11.966  1.00 29.08  ? 84  GLN B C    1 
ATOM   1374 O O    . GLN A 1 102 ? 1.046   -2.902  12.881  1.00 30.23  ? 84  GLN B O    1 
ATOM   1375 C CB   . GLN A 1 102 ? -1.874  -4.385  12.335  1.00 31.36  ? 84  GLN B CB   1 
ATOM   1376 C CG   . GLN A 1 102 ? -2.970  -3.945  13.287  1.00 55.95  ? 84  GLN B CG   1 
ATOM   1377 C CD   . GLN A 1 102 ? -3.904  -5.075  13.668  1.00 59.27  ? 84  GLN B CD   1 
ATOM   1378 O OE1  . GLN A 1 102 ? -3.472  -6.204  13.902  1.00 50.62  ? 84  GLN B OE1  1 
ATOM   1379 N NE2  . GLN A 1 102 ? -5.197  -4.776  13.727  1.00 60.23  ? 84  GLN B NE2  1 
ATOM   1380 H H    . GLN A 1 102 ? -1.899  -3.653  10.019  1.00 32.72  ? 84  GLN B H    1 
ATOM   1381 H HA   . GLN A 1 102 ? -1.297  -2.420  12.237  1.00 48.60  ? 84  GLN B HA   1 
ATOM   1382 H HB2  . GLN A 1 102 ? -2.293  -4.865  11.603  1.00 37.69  ? 84  GLN B HB2  1 
ATOM   1383 H HB3  . GLN A 1 102 ? -1.279  -4.976  12.822  1.00 37.69  ? 84  GLN B HB3  1 
ATOM   1384 H HG2  . GLN A 1 102 ? -2.566  -3.603  14.098  1.00 67.20  ? 84  GLN B HG2  1 
ATOM   1385 H HG3  . GLN A 1 102 ? -3.498  -3.251  12.861  1.00 67.20  ? 84  GLN B HG3  1 
ATOM   1386 H HE21 . GLN A 1 102 ? -5.461  -3.977  13.553  1.00 72.34  ? 84  GLN B HE21 1 
ATOM   1387 H HE22 . GLN A 1 102 ? -5.769  -5.383  13.940  1.00 72.34  ? 84  GLN B HE22 1 
ATOM   1388 N N    . ALA A 1 103 ? 1.026   -4.326  11.124  1.00 22.49  ? 85  ALA B N    1 
ATOM   1389 C CA   . ALA A 1 103 ? 2.465   -4.541  11.186  1.00 26.38  ? 85  ALA B CA   1 
ATOM   1390 C C    . ALA A 1 103 ? 3.217   -3.231  10.976  1.00 32.01  ? 85  ALA B C    1 
ATOM   1391 O O    . ALA A 1 103 ? 4.254   -2.991  11.601  1.00 27.31  ? 85  ALA B O    1 
ATOM   1392 C CB   . ALA A 1 103 ? 2.883   -5.575  10.144  1.00 33.45  ? 85  ALA B CB   1 
ATOM   1393 H H    . ALA A 1 103 ? 0.621   -4.782  10.518  1.00 27.05  ? 85  ALA B H    1 
ATOM   1394 H HA   . ALA A 1 103 ? 2.700   -4.889  12.060  1.00 31.73  ? 85  ALA B HA   1 
ATOM   1395 H HB1  . ALA A 1 103 ? 3.844   -5.699  10.189  1.00 40.20  ? 85  ALA B HB1  1 
ATOM   1396 H HB2  . ALA A 1 103 ? 2.432   -6.412  10.332  1.00 40.20  ? 85  ALA B HB2  1 
ATOM   1397 H HB3  . ALA A 1 103 ? 2.632   -5.254  9.263   1.00 40.20  ? 85  ALA B HB3  1 
ATOM   1398 N N    . MET A 1 104 ? 2.707   -2.367  10.095  1.00 30.59  ? 86  MET B N    1 
ATOM   1399 C CA   . MET A 1 104 ? 3.345   -1.073  9.867   1.00 26.75  ? 86  MET B CA   1 
ATOM   1400 C C    . MET A 1 104 ? 3.335   -0.232  11.137  1.00 31.63  ? 86  MET B C    1 
ATOM   1401 O O    . MET A 1 104 ? 4.360   0.330   11.535  1.00 27.99  ? 86  MET B O    1 
ATOM   1402 C CB   . MET A 1 104 ? 2.638   -0.320  8.739   1.00 21.34  ? 86  MET B CB   1 
ATOM   1403 C CG   . MET A 1 104 ? 2.876   -0.877  7.352   1.00 41.35  ? 86  MET B CG   1 
ATOM   1404 S SD   . MET A 1 104 ? 1.927   0.011   6.096   1.00 46.45  ? 86  MET B SD   1 
ATOM   1405 C CE   . MET A 1 104 ? 2.503   1.683   6.364   1.00 19.29  ? 86  MET B CE   1 
ATOM   1406 H H    . MET A 1 104 ? 2.001   -2.506  9.622   1.00 36.78  ? 86  MET B H    1 
ATOM   1407 H HA   . MET A 1 104 ? 4.260   -1.234  9.592   1.00 32.16  ? 86  MET B HA   1 
ATOM   1408 H HB2  . MET A 1 104 ? 1.683   -0.346  8.904   1.00 25.68  ? 86  MET B HB2  1 
ATOM   1409 H HB3  . MET A 1 104 ? 2.950   0.599   8.741   1.00 25.68  ? 86  MET B HB3  1 
ATOM   1410 H HG2  . MET A 1 104 ? 3.818   -0.798  7.133   1.00 49.68  ? 86  MET B HG2  1 
ATOM   1411 H HG3  . MET A 1 104 ? 2.608   -1.809  7.332   1.00 49.68  ? 86  MET B HG3  1 
ATOM   1412 H HE1  . MET A 1 104 ? 2.311   2.213   5.575   1.00 23.21  ? 86  MET B HE1  1 
ATOM   1413 H HE2  . MET A 1 104 ? 2.043   2.056   7.132   1.00 23.21  ? 86  MET B HE2  1 
ATOM   1414 H HE3  . MET A 1 104 ? 3.458   1.665   6.527   1.00 23.21  ? 86  MET B HE3  1 
ATOM   1415 N N    . GLU A 1 105 ? 2.165   -0.107  11.770  1.00 25.61  ? 87  GLU B N    1 
ATOM   1416 C CA   . GLU A 1 105 ? 2.081   0.639   13.026  1.00 28.85  ? 87  GLU B CA   1 
ATOM   1417 C C    . GLU A 1 105 ? 3.095   0.114   14.045  1.00 30.92  ? 87  GLU B C    1 
ATOM   1418 O O    . GLU A 1 105 ? 3.882   0.882   14.635  1.00 29.79  ? 87  GLU B O    1 
ATOM   1419 C CB   . GLU A 1 105 ? 0.660   0.552   13.594  1.00 34.25  ? 87  GLU B CB   1 
ATOM   1420 C CG   . GLU A 1 105 ? -0.404  1.264   12.765  1.00 44.34  ? 87  GLU B CG   1 
ATOM   1421 C CD   . GLU A 1 105 ? -1.768  1.281   13.444  1.00 45.59  ? 87  GLU B CD   1 
ATOM   1422 O OE1  . GLU A 1 105 ? -1.915  0.642   14.510  1.00 29.90  ? 87  GLU B OE1  1 
ATOM   1423 O OE2  . GLU A 1 105 ? -2.691  1.934   12.913  1.00 56.48  ? 87  GLU B OE2  1 
ATOM   1424 H H    . GLU A 1 105 ? 1.420   -0.439  11.499  1.00 30.80  ? 87  GLU B H    1 
ATOM   1425 H HA   . GLU A 1 105 ? 2.279   1.572   12.850  1.00 34.69  ? 87  GLU B HA   1 
ATOM   1426 H HB2  . GLU A 1 105 ? 0.408   -0.383  13.651  1.00 41.17  ? 87  GLU B HB2  1 
ATOM   1427 H HB3  . GLU A 1 105 ? 0.656   0.951   14.478  1.00 41.17  ? 87  GLU B HB3  1 
ATOM   1428 H HG2  . GLU A 1 105 ? -0.130  2.183   12.621  1.00 53.27  ? 87  GLU B HG2  1 
ATOM   1429 H HG3  . GLU A 1 105 ? -0.498  0.809   11.914  1.00 53.27  ? 87  GLU B HG3  1 
ATOM   1430 N N    . HIS A 1 106 ? 3.091   -1.207  14.252  1.00 24.68  ? 88  HIS B N    1 
ATOM   1431 C CA   . HIS A 1 106 ? 3.968   -1.804  15.253  1.00 20.21  ? 88  HIS B CA   1 
ATOM   1432 C C    . HIS A 1 106 ? 5.436   -1.545  14.928  1.00 29.44  ? 88  HIS B C    1 
ATOM   1433 O O    . HIS A 1 106 ? 6.216   -1.133  15.798  1.00 28.89  ? 88  HIS B O    1 
ATOM   1434 C CB   . HIS A 1 106 ? 3.704   -3.307  15.351  1.00 28.53  ? 88  HIS B CB   1 
ATOM   1435 C CG   . HIS A 1 106 ? 2.314   -3.653  15.785  1.00 33.36  ? 88  HIS B CG   1 
ATOM   1436 N ND1  . HIS A 1 106 ? 1.416   -2.710  16.235  1.00 29.29  ? 88  HIS B ND1  1 
ATOM   1437 C CD2  . HIS A 1 106 ? 1.668   -4.841  15.838  1.00 23.44  ? 88  HIS B CD2  1 
ATOM   1438 C CE1  . HIS A 1 106 ? 0.277   -3.302  16.547  1.00 23.71  ? 88  HIS B CE1  1 
ATOM   1439 N NE2  . HIS A 1 106 ? 0.403   -4.597  16.314  1.00 33.35  ? 88  HIS B NE2  1 
ATOM   1440 H H    . HIS A 1 106 ? 2.596   -1.769  13.832  1.00 29.69  ? 88  HIS B H    1 
ATOM   1441 H HA   . HIS A 1 106 ? 3.774   -1.402  16.114  1.00 24.31  ? 88  HIS B HA   1 
ATOM   1442 H HB2  . HIS A 1 106 ? 3.849   -3.705  14.478  1.00 34.30  ? 88  HIS B HB2  1 
ATOM   1443 H HB3  . HIS A 1 106 ? 4.319   -3.689  15.996  1.00 34.30  ? 88  HIS B HB3  1 
ATOM   1444 H HD2  . HIS A 1 106 ? 2.016   -5.670  15.597  1.00 28.19  ? 88  HIS B HD2  1 
ATOM   1445 H HE1  . HIS A 1 106 ? -0.485  -2.879  16.873  1.00 28.52  ? 88  HIS B HE1  1 
ATOM   1446 H HE2  . HIS A 1 106 ? -0.206  -5.189  16.441  1.00 40.08  ? 88  HIS B HE2  1 
ATOM   1447 N N    . THR A 1 107 ? 5.837   -1.802  13.681  1.00 22.52  ? 89  THR B N    1 
ATOM   1448 C CA   . THR A 1 107 ? 7.230   -1.608  13.305  1.00 18.61  ? 89  THR B CA   1 
ATOM   1449 C C    . THR A 1 107 ? 7.628   -0.144  13.395  1.00 17.15  ? 89  THR B C    1 
ATOM   1450 O O    . THR A 1 107 ? 8.785   0.159   13.697  1.00 21.12  ? 89  THR B O    1 
ATOM   1451 C CB   . THR A 1 107 ? 7.479   -2.143  11.895  1.00 31.38  ? 89  THR B CB   1 
ATOM   1452 O OG1  . THR A 1 107 ? 6.330   -1.893  11.074  1.00 48.87  ? 89  THR B OG1  1 
ATOM   1453 C CG2  . THR A 1 107 ? 7.764   -3.640  11.934  1.00 39.09  ? 89  THR B CG2  1 
ATOM   1454 H H    . THR A 1 107 ? 5.329   -2.085  13.047  1.00 27.09  ? 89  THR B H    1 
ATOM   1455 H HA   . THR A 1 107 ? 7.792   -2.112  13.915  1.00 22.40  ? 89  THR B HA   1 
ATOM   1456 H HB   . THR A 1 107 ? 8.249   -1.697  11.510  1.00 37.72  ? 89  THR B HB   1 
ATOM   1457 H HG1  . THR A 1 107 ? 6.463   -2.182  10.297  1.00 58.71  ? 89  THR B HG1  1 
ATOM   1458 H HG21 . THR A 1 107 ? 7.928   -3.970  11.038  1.00 46.98  ? 89  THR B HG21 1 
ATOM   1459 H HG22 . THR A 1 107 ? 8.545   -3.815  12.483  1.00 46.98  ? 89  THR B HG22 1 
ATOM   1460 H HG23 . THR A 1 107 ? 7.005   -4.113  12.309  1.00 46.98  ? 89  THR B HG23 1 
ATOM   1461 N N    . GLU A 1 108 ? 6.690   0.778   13.165  1.00 17.62  ? 90  GLU B N    1 
ATOM   1462 C CA   . GLU A 1 108 ? 7.012   2.188   13.337  1.00 20.58  ? 90  GLU B CA   1 
ATOM   1463 C C    . GLU A 1 108 ? 7.391   2.478   14.782  1.00 23.99  ? 90  GLU B C    1 
ATOM   1464 O O    . GLU A 1 108 ? 8.425   3.103   15.059  1.00 22.29  ? 90  GLU B O    1 
ATOM   1465 C CB   . GLU A 1 108 ? 5.840   3.077   12.920  1.00 17.34  ? 90  GLU B CB   1 
ATOM   1466 C CG   . GLU A 1 108 ? 6.191   4.561   12.993  1.00 21.58  ? 90  GLU B CG   1 
ATOM   1467 C CD   . GLU A 1 108 ? 5.047   5.474   12.613  1.00 25.96  ? 90  GLU B CD   1 
ATOM   1468 O OE1  . GLU A 1 108 ? 3.888   5.145   12.931  1.00 31.50  ? 90  GLU B OE1  1 
ATOM   1469 O OE2  . GLU A 1 108 ? 5.309   6.528   11.994  1.00 45.94  ? 90  GLU B OE2  1 
ATOM   1470 H H    . GLU A 1 108 ? 5.883   0.614   12.916  1.00 21.21  ? 90  GLU B H    1 
ATOM   1471 H HA   . GLU A 1 108 ? 7.763   2.398   12.759  1.00 24.76  ? 90  GLU B HA   1 
ATOM   1472 H HB2  . GLU A 1 108 ? 5.593   2.869   12.006  1.00 20.87  ? 90  GLU B HB2  1 
ATOM   1473 H HB3  . GLU A 1 108 ? 5.090   2.913   13.512  1.00 20.87  ? 90  GLU B HB3  1 
ATOM   1474 H HG2  . GLU A 1 108 ? 6.452   4.775   13.902  1.00 25.96  ? 90  GLU B HG2  1 
ATOM   1475 H HG3  . GLU A 1 108 ? 6.926   4.738   12.387  1.00 25.96  ? 90  GLU B HG3  1 
ATOM   1476 N N    . VAL A 1 109 ? 6.545   2.052   15.724  1.00 16.78  ? 91  VAL B N    1 
ATOM   1477 C CA   . VAL A 1 109 ? 6.848   2.362   17.122  1.00 25.23  ? 91  VAL B CA   1 
ATOM   1478 C C    . VAL A 1 109 ? 8.135   1.657   17.552  1.00 19.72  ? 91  VAL B C    1 
ATOM   1479 O O    . VAL A 1 109 ? 8.952   2.217   18.296  1.00 23.54  ? 91  VAL B O    1 
ATOM   1480 C CB   . VAL A 1 109 ? 5.660   2.017   18.041  1.00 21.55  ? 91  VAL B CB   1 
ATOM   1481 C CG1  . VAL A 1 109 ? 5.359   0.534   18.026  1.00 37.23  ? 91  VAL B CG1  1 
ATOM   1482 C CG2  . VAL A 1 109 ? 5.948   2.507   19.467  1.00 26.59  ? 91  VAL B CG2  1 
ATOM   1483 H H    . VAL A 1 109 ? 5.825   1.603   15.587  1.00 20.20  ? 91  VAL B H    1 
ATOM   1484 H HA   . VAL A 1 109 ? 6.991   3.318   17.195  1.00 30.34  ? 91  VAL B HA   1 
ATOM   1485 H HB   . VAL A 1 109 ? 4.867   2.467   17.709  1.00 25.92  ? 91  VAL B HB   1 
ATOM   1486 H HG11 . VAL A 1 109 ? 4.693   0.340   18.704  1.00 44.74  ? 91  VAL B HG11 1 
ATOM   1487 H HG12 . VAL A 1 109 ? 5.022   0.288   17.151  1.00 44.74  ? 91  VAL B HG12 1 
ATOM   1488 H HG13 . VAL A 1 109 ? 6.175   0.044   18.214  1.00 44.74  ? 91  VAL B HG13 1 
ATOM   1489 H HG21 . VAL A 1 109 ? 5.169   2.340   20.021  1.00 31.97  ? 91  VAL B HG21 1 
ATOM   1490 H HG22 . VAL A 1 109 ? 6.714   2.027   19.817  1.00 31.97  ? 91  VAL B HG22 1 
ATOM   1491 H HG23 . VAL A 1 109 ? 6.138   3.459   19.441  1.00 31.97  ? 91  VAL B HG23 1 
ATOM   1492 N N    . LEU A 1 110 ? 8.354   0.429   17.067  1.00 18.99  ? 92  LEU B N    1 
ATOM   1493 C CA   . LEU A 1 110 ? 9.588   -0.276  17.404  1.00 21.94  ? 92  LEU B CA   1 
ATOM   1494 C C    . LEU A 1 110 ? 10.811  0.465   16.868  1.00 23.09  ? 92  LEU B C    1 
ATOM   1495 O O    . LEU A 1 110 ? 11.830  0.578   17.559  1.00 29.56  ? 92  LEU B O    1 
ATOM   1496 C CB   . LEU A 1 110 ? 9.556   -1.701  16.856  1.00 20.66  ? 92  LEU B CB   1 
ATOM   1497 C CG   . LEU A 1 110 ? 8.944   -2.797  17.725  1.00 31.67  ? 92  LEU B CG   1 
ATOM   1498 C CD1  . LEU A 1 110 ? 8.994   -4.124  16.960  1.00 37.31  ? 92  LEU B CD1  1 
ATOM   1499 C CD2  . LEU A 1 110 ? 9.641   -2.930  19.062  1.00 31.56  ? 92  LEU B CD2  1 
ATOM   1500 H H    . LEU A 1 110 ? 7.816   -0.004  16.554  1.00 22.85  ? 92  LEU B H    1 
ATOM   1501 H HA   . LEU A 1 110 ? 9.657   -0.326  18.370  1.00 26.40  ? 92  LEU B HA   1 
ATOM   1502 H HB2  . LEU A 1 110 ? 9.049   -1.686  16.030  1.00 24.86  ? 92  LEU B HB2  1 
ATOM   1503 H HB3  . LEU A 1 110 ? 10.472  -1.967  16.677  1.00 24.86  ? 92  LEU B HB3  1 
ATOM   1504 H HG   . LEU A 1 110 ? 8.023   -2.563  17.921  1.00 38.07  ? 92  LEU B HG   1 
ATOM   1505 H HD11 . LEU A 1 110 ? 8.598   -4.819  17.507  1.00 44.84  ? 92  LEU B HD11 1 
ATOM   1506 H HD12 . LEU A 1 110 ? 8.497   -4.030  16.132  1.00 44.84  ? 92  LEU B HD12 1 
ATOM   1507 H HD13 . LEU A 1 110 ? 9.919   -4.342  16.768  1.00 44.84  ? 92  LEU B HD13 1 
ATOM   1508 H HD21 . LEU A 1 110 ? 9.220   -3.641  19.569  1.00 37.94  ? 92  LEU B HD21 1 
ATOM   1509 H HD22 . LEU A 1 110 ? 10.577  -3.142  18.911  1.00 37.94  ? 92  LEU B HD22 1 
ATOM   1510 H HD23 . LEU A 1 110 ? 9.566   -2.091  19.542  1.00 37.94  ? 92  LEU B HD23 1 
ATOM   1511 N N    . GLN A 1 111 ? 10.734  0.966   15.632  1.00 34.48  ? 93  GLN B N    1 
ATOM   1512 C CA   . GLN A 1 111 ? 11.854  1.708   15.064  1.00 37.07  ? 93  GLN B CA   1 
ATOM   1513 C C    . GLN A 1 111 ? 12.122  2.978   15.856  1.00 36.88  ? 93  GLN B C    1 
ATOM   1514 O O    . GLN A 1 111 ? 13.279  3.341   16.094  1.00 39.82  ? 93  GLN B O    1 
ATOM   1515 C CB   . GLN A 1 111 ? 11.570  2.036   13.596  1.00 25.11  ? 93  GLN B CB   1 
ATOM   1516 C CG   . GLN A 1 111 ? 12.381  3.194   13.028  1.00 44.34  ? 93  GLN B CG   1 
ATOM   1517 C CD   . GLN A 1 111 ? 11.682  4.536   13.189  1.00 56.27  ? 93  GLN B CD   1 
ATOM   1518 O OE1  . GLN A 1 111 ? 12.176  5.427   13.880  1.00 63.34  ? 93  GLN B OE1  1 
ATOM   1519 N NE2  . GLN A 1 111 ? 10.527  4.684   12.548  1.00 60.37  ? 93  GLN B NE2  1 
ATOM   1520 H H    . GLN A 1 111 ? 10.054  0.892   15.112  1.00 41.44  ? 93  GLN B H    1 
ATOM   1521 H HA   . GLN A 1 111 ? 12.652  1.156   15.097  1.00 44.55  ? 93  GLN B HA   1 
ATOM   1522 H HB2  . GLN A 1 111 ? 11.771  1.252   13.060  1.00 30.19  ? 93  GLN B HB2  1 
ATOM   1523 H HB3  . GLN A 1 111 ? 10.632  2.267   13.508  1.00 30.19  ? 93  GLN B HB3  1 
ATOM   1524 H HG2  . GLN A 1 111 ? 13.232  3.242   13.492  1.00 53.27  ? 93  GLN B HG2  1 
ATOM   1525 H HG3  . GLN A 1 111 ? 12.526  3.044   12.081  1.00 53.27  ? 93  GLN B HG3  1 
ATOM   1526 H HE21 . GLN A 1 111 ? 10.212  4.039   12.074  1.00 72.51  ? 93  GLN B HE21 1 
ATOM   1527 H HE22 . GLN A 1 111 ? 10.094  5.425   12.608  1.00 72.51  ? 93  GLN B HE22 1 
ATOM   1528 N N    . LEU A 1 112 ? 11.059  3.673   16.269  1.00 24.32  ? 94  LEU B N    1 
ATOM   1529 C CA   . LEU A 1 112 ? 11.245  4.881   17.067  1.00 26.58  ? 94  LEU B CA   1 
ATOM   1530 C C    . LEU A 1 112 ? 11.902  4.561   18.405  1.00 20.29  ? 94  LEU B C    1 
ATOM   1531 O O    . LEU A 1 112 ? 12.739  5.328   18.891  1.00 28.68  ? 94  LEU B O    1 
ATOM   1532 C CB   . LEU A 1 112 ? 9.903   5.579   17.275  1.00 27.72  ? 94  LEU B CB   1 
ATOM   1533 C CG   . LEU A 1 112 ? 9.370   6.297   16.035  1.00 30.00  ? 94  LEU B CG   1 
ATOM   1534 C CD1  . LEU A 1 112 ? 7.878   6.530   16.150  1.00 32.76  ? 94  LEU B CD1  1 
ATOM   1535 C CD2  . LEU A 1 112 ? 10.109  7.615   15.840  1.00 35.60  ? 94  LEU B CD2  1 
ATOM   1536 H H    . LEU A 1 112 ? 10.240  3.469   16.105  1.00 29.25  ? 94  LEU B H    1 
ATOM   1537 H HA   . LEU A 1 112 ? 11.828  5.489   16.588  1.00 31.96  ? 94  LEU B HA   1 
ATOM   1538 H HB2  . LEU A 1 112 ? 9.246   4.914   17.535  1.00 33.33  ? 94  LEU B HB2  1 
ATOM   1539 H HB3  . LEU A 1 112 ? 10.004  6.240   17.978  1.00 33.33  ? 94  LEU B HB3  1 
ATOM   1540 H HG   . LEU A 1 112 ? 9.520   5.743   15.253  1.00 36.06  ? 94  LEU B HG   1 
ATOM   1541 H HD11 . LEU A 1 112 ? 7.569   6.998   15.358  1.00 39.38  ? 94  LEU B HD11 1 
ATOM   1542 H HD12 . LEU A 1 112 ? 7.430   5.672   16.223  1.00 39.38  ? 94  LEU B HD12 1 
ATOM   1543 H HD13 . LEU A 1 112 ? 7.701   7.063   16.941  1.00 39.38  ? 94  LEU B HD13 1 
ATOM   1544 H HD21 . LEU A 1 112 ? 9.928   7.949   14.947  1.00 42.79  ? 94  LEU B HD21 1 
ATOM   1545 H HD22 . LEU A 1 112 ? 9.799   8.252   16.501  1.00 42.79  ? 94  LEU B HD22 1 
ATOM   1546 H HD23 . LEU A 1 112 ? 11.061  7.462   15.947  1.00 42.79  ? 94  LEU B HD23 1 
ATOM   1547 N N    . LEU A 1 113 ? 11.541  3.434   19.011  1.00 27.05  ? 95  LEU B N    1 
ATOM   1548 C CA   . LEU A 1 113 ? 12.100  3.059   20.302  1.00 29.80  ? 95  LEU B CA   1 
ATOM   1549 C C    . LEU A 1 113 ? 13.425  2.311   20.198  1.00 34.70  ? 95  LEU B C    1 
ATOM   1550 O O    . LEU A 1 113 ? 14.011  1.984   21.234  1.00 33.75  ? 95  LEU B O    1 
ATOM   1551 C CB   . LEU A 1 113 ? 11.106  2.195   21.076  1.00 26.39  ? 95  LEU B CB   1 
ATOM   1552 C CG   . LEU A 1 113 ? 9.840   2.872   21.594  1.00 25.71  ? 95  LEU B CG   1 
ATOM   1553 C CD1  . LEU A 1 113 ? 8.913   1.811   22.171  1.00 20.48  ? 95  LEU B CD1  1 
ATOM   1554 C CD2  . LEU A 1 113 ? 10.172  3.927   22.623  1.00 26.56  ? 95  LEU B CD2  1 
ATOM   1555 H H    . LEU A 1 113 ? 10.974  2.870   18.694  1.00 32.52  ? 95  LEU B H    1 
ATOM   1556 H HA   . LEU A 1 113 ? 12.259  3.874   20.803  1.00 35.83  ? 95  LEU B HA   1 
ATOM   1557 H HB2  . LEU A 1 113 ? 10.820  1.475   20.490  1.00 31.74  ? 95  LEU B HB2  1 
ATOM   1558 H HB3  . LEU A 1 113 ? 11.567  1.831   21.847  1.00 31.74  ? 95  LEU B HB3  1 
ATOM   1559 H HG   . LEU A 1 113 ? 9.385   3.325   20.866  1.00 30.91  ? 95  LEU B HG   1 
ATOM   1560 H HD11 . LEU A 1 113 ? 8.086   2.234   22.452  1.00 24.64  ? 95  LEU B HD11 1 
ATOM   1561 H HD12 . LEU A 1 113 ? 8.729   1.147   21.489  1.00 24.64  ? 95  LEU B HD12 1 
ATOM   1562 H HD13 . LEU A 1 113 ? 9.346   1.394   22.931  1.00 24.64  ? 95  LEU B HD13 1 
ATOM   1563 H HD21 . LEU A 1 113 ? 9.348   4.257   23.014  1.00 31.94  ? 95  LEU B HD21 1 
ATOM   1564 H HD22 . LEU A 1 113 ? 10.731  3.533   23.311  1.00 31.94  ? 95  LEU B HD22 1 
ATOM   1565 H HD23 . LEU A 1 113 ? 10.645  4.654   22.188  1.00 31.94  ? 95  LEU B HD23 1 
ATOM   1566 N N    . SER A 1 114 ? 13.906  2.021   18.991  1.00 33.17  ? 96  SER B N    1 
ATOM   1567 C CA   . SER A 1 114 ? 15.159  1.263   18.921  1.00 45.63  ? 96  SER B CA   1 
ATOM   1568 C C    . SER A 1 114 ? 16.347  2.219   18.800  1.00 50.36  ? 96  SER B C    1 
ATOM   1569 O O    . SER A 1 114 ? 16.288  3.189   18.043  1.00 37.57  ? 96  SER B O    1 
ATOM   1570 C CB   . SER A 1 114 ? 15.144  0.306   17.739  1.00 48.20  ? 96  SER B CB   1 
ATOM   1571 O OG   . SER A 1 114 ? 14.201  -0.733  17.938  1.00 47.64  ? 96  SER B OG   1 
ATOM   1572 H H    . SER A 1 114 ? 13.550  2.238   18.239  1.00 39.87  ? 96  SER B H    1 
ATOM   1573 H HA   . SER A 1 114 ? 15.271  0.738   19.729  1.00 54.82  ? 96  SER B HA   1 
ATOM   1574 H HB2  . SER A 1 114 ? 14.906  0.799   16.939  1.00 57.90  ? 96  SER B HB2  1 
ATOM   1575 H HB3  . SER A 1 114 ? 16.026  -0.084  17.639  1.00 57.90  ? 96  SER B HB3  1 
ATOM   1576 H HG   . SER A 1 114 ? 13.435  -0.408  18.055  1.00 57.23  ? 96  SER B HG   1 
ATOM   1577 N N    . PRO A 1 115 ? 17.443  1.955   19.530  1.00 54.01  ? 97  PRO B N    1 
ATOM   1578 C CA   . PRO A 1 115 ? 18.588  2.875   19.534  1.00 66.99  ? 97  PRO B CA   1 
ATOM   1579 C C    . PRO A 1 115 ? 19.457  2.759   18.287  1.00 49.69  ? 97  PRO B C    1 
ATOM   1580 O O    . PRO A 1 115 ? 19.154  1.935   17.423  1.00 40.04  ? 97  PRO B O    1 
ATOM   1581 C CB   . PRO A 1 115 ? 19.367  2.450   20.785  1.00 48.71  ? 97  PRO B CB   1 
ATOM   1582 C CG   . PRO A 1 115 ? 19.087  0.982   20.903  1.00 37.09  ? 97  PRO B CG   1 
ATOM   1583 C CD   . PRO A 1 115 ? 17.680  0.765   20.377  1.00 36.15  ? 97  PRO B CD   1 
ATOM   1584 H HA   . PRO A 1 115 ? 18.290  3.793   19.626  1.00 80.46  ? 97  PRO B HA   1 
ATOM   1585 H HB2  . PRO A 1 115 ? 20.315  2.618   20.662  1.00 58.52  ? 97  PRO B HB2  1 
ATOM   1586 H HB3  . PRO A 1 115 ? 19.043  2.933   21.561  1.00 58.52  ? 97  PRO B HB3  1 
ATOM   1587 H HG2  . PRO A 1 115 ? 19.730  0.485   20.374  1.00 44.58  ? 97  PRO B HG2  1 
ATOM   1588 H HG3  . PRO A 1 115 ? 19.147  0.715   21.834  1.00 44.58  ? 97  PRO B HG3  1 
ATOM   1589 H HD2  . PRO A 1 115 ? 17.631  -0.047  19.849  1.00 43.45  ? 97  PRO B HD2  1 
ATOM   1590 H HD3  . PRO A 1 115 ? 17.042  0.728   21.105  1.00 43.45  ? 97  PRO B HD3  1 
HETATM 1591 O O    . HOH B 2 .   ? 7.437   10.104  -4.929  1.00 23.47  ? 101 HOH B O    1 
HETATM 1592 O O    . HOH B 2 .   ? -1.881  -11.540 6.942   1.00 34.86  ? 102 HOH B O    1 
HETATM 1593 O O    . HOH B 2 .   ? 2.905   3.474   14.523  1.00 28.32  ? 103 HOH B O    1 
HETATM 1594 O O    . HOH B 2 .   ? 0.978   10.225  -14.114 1.00 28.60  ? 104 HOH B O    1 
HETATM 1595 O O    . HOH B 2 .   ? -9.483  -2.469  -9.149  1.00 34.08  ? 105 HOH B O    1 
HETATM 1596 O O    . HOH B 2 .   ? -8.344  8.199   -4.664  1.00 38.65  ? 106 HOH B O    1 
HETATM 1597 O O    . HOH B 2 .   ? 4.261   -3.757  -12.137 1.00 32.81  ? 107 HOH B O    1 
HETATM 1598 O O    . HOH B 2 .   ? 6.297   0.917   9.699   1.00 28.06  ? 108 HOH B O    1 
HETATM 1599 O O    . HOH B 2 .   ? 4.813   10.200  -5.825  1.00 20.25  ? 109 HOH B O    1 
HETATM 1600 O O    . HOH B 2 .   ? 5.134   5.957   3.414   1.00 25.38  ? 110 HOH B O    1 
HETATM 1601 O O    . HOH B 2 .   ? -2.245  -0.164  -10.315 1.00 22.97  ? 111 HOH B O    1 
HETATM 1602 O O    . HOH B 2 .   ? 3.454   -1.345  -11.573 1.00 25.61  ? 112 HOH B O    1 
HETATM 1603 O O    . HOH B 2 .   ? -4.273  5.971   -9.416  1.00 27.11  ? 113 HOH B O    1 
HETATM 1604 O O    . HOH B 2 .   ? -5.795  8.292   -9.301  1.00 31.71  ? 114 HOH B O    1 
HETATM 1605 O O    . HOH B 2 .   ? 4.110   7.256   1.591   1.00 25.85  ? 115 HOH B O    1 
HETATM 1606 O O    . HOH B 2 .   ? 13.385  -2.400  -9.641  1.00 26.30  ? 116 HOH B O    1 
HETATM 1607 O O    . HOH B 2 .   ? -5.063  3.537   -10.267 1.00 26.52  ? 117 HOH B O    1 
HETATM 1608 O O    . HOH B 2 .   ? -3.497  1.670   -11.645 1.00 27.87  ? 118 HOH B O    1 
HETATM 1609 O O    . HOH B 2 .   ? 0.583   -0.257  -11.740 1.00 31.27  ? 119 HOH B O    1 
# 
